data_7UVR
#
_entry.id   7UVR
#
_cell.length_a   142.171
_cell.length_b   152.515
_cell.length_c   104.268
_cell.angle_alpha   90.000
_cell.angle_beta   118.100
_cell.angle_gamma   90.000
#
_symmetry.space_group_name_H-M   'C 1 2 1'
#
loop_
_entity.id
_entity.type
_entity.pdbx_description
1 polymer 'ATP-dependent Clp protease proteolytic subunit, mitochondrial'
2 non-polymer 3-{[(10R)-4-[(4-chlorophenyl)methyl]-5-oxo-1,2,4,5,8,9-hexahydroimidazo[1,2-a]pyrido[3,4-e]pyrimidin-7(6H)-yl]methyl}benzonitrile
3 water water
#
_entity_poly.entity_id   1
_entity_poly.type   'polypeptide(L)'
_entity_poly.pdbx_seq_one_letter_code
;SLIPIVVEQTGRGERAYDIYSRLLRERIVCVMGPIDDSVASLVIAQLLFLQSESNKKPIHMYINSPGGVVTAGLAIYDTM
QYILNPICTWCVGQAASMGSLLLAAGTPGMRHSLPNSRIMIHQPSGGARGQATDIAIQAEEIMKLKKQLYNIYAKHTKQS
LQVIESAMERDRYMSPMEAQEFGILDKVLVHPPQDGEDEPTLVQKEPVEAAPAAEPVPAST
;
_entity_poly.pdbx_strand_id   A,B,C,D,E,F,G
#
loop_
_chem_comp.id
_chem_comp.type
_chem_comp.name
_chem_comp.formula
PJF non-polymer 3-{[(10R)-4-[(4-chlorophenyl)methyl]-5-oxo-1,2,4,5,8,9-hexahydroimidazo[1,2-a]pyrido[3,4-e]pyrimidin-7(6H)-yl]methyl}benzonitrile 'C24 H22 Cl N5 O'
#
# COMPACT_ATOMS: atom_id res chain seq x y z
N LEU A 2 2.78 1.92 12.14
CA LEU A 2 1.70 1.41 12.97
C LEU A 2 1.25 2.40 14.07
N ILE A 3 0.62 3.51 13.64
CA ILE A 3 0.47 4.73 14.43
C ILE A 3 -0.76 4.66 15.32
N PRO A 4 -0.62 4.90 16.63
CA PRO A 4 -1.75 4.74 17.56
C PRO A 4 -2.69 5.96 17.60
N ILE A 5 -4.00 5.66 17.93
CA ILE A 5 -5.04 6.68 18.06
C ILE A 5 -5.26 6.99 19.53
N VAL A 6 -5.56 8.27 19.80
CA VAL A 6 -5.87 8.77 21.13
C VAL A 6 -7.17 9.52 21.02
N VAL A 7 -7.93 9.53 22.13
CA VAL A 7 -9.14 10.34 22.24
C VAL A 7 -8.85 11.50 23.19
N GLU A 8 -9.62 12.58 23.03
CA GLU A 8 -9.37 13.83 23.73
C GLU A 8 -10.66 14.64 23.80
N GLU A 14 -15.37 14.99 22.96
CA GLU A 14 -14.61 13.81 22.55
C GLU A 14 -14.40 13.71 21.04
N ARG A 15 -13.17 13.98 20.60
CA ARG A 15 -12.67 13.67 19.26
C ARG A 15 -11.58 12.60 19.37
N ALA A 16 -11.14 12.09 18.22
CA ALA A 16 -10.16 10.98 18.19
C ALA A 16 -9.13 11.21 17.10
N TYR A 17 -7.87 11.51 17.48
CA TYR A 17 -6.79 11.68 16.52
C TYR A 17 -5.70 10.63 16.74
N ASP A 18 -4.97 10.36 15.65
CA ASP A 18 -3.67 9.68 15.74
C ASP A 18 -2.68 10.54 16.51
N ILE A 19 -1.70 9.89 17.13
CA ILE A 19 -0.88 10.65 18.08
C ILE A 19 -0.10 11.77 17.41
N TYR A 20 0.15 11.69 16.10
CA TYR A 20 0.93 12.76 15.49
C TYR A 20 0.07 13.99 15.20
N SER A 21 -1.14 13.78 14.67
CA SER A 21 -2.13 14.84 14.65
C SER A 21 -2.29 15.44 16.02
N ARG A 22 -2.27 14.59 17.06
CA ARG A 22 -2.36 15.05 18.45
C ARG A 22 -1.21 15.96 18.83
N LEU A 23 0.02 15.58 18.41
CA LEU A 23 1.19 16.39 18.73
C LEU A 23 1.07 17.78 18.13
N LEU A 24 0.53 17.87 16.91
CA LEU A 24 0.40 19.16 16.26
C LEU A 24 -0.66 20.00 16.93
N ARG A 25 -1.63 19.35 17.59
CA ARG A 25 -2.64 20.08 18.34
C ARG A 25 -2.01 20.76 19.56
N GLU A 26 -1.06 20.10 20.21
CA GLU A 26 -0.26 20.72 21.26
C GLU A 26 0.73 21.66 20.74
N ARG A 27 0.65 22.03 19.46
CA ARG A 27 1.61 22.93 18.80
C ARG A 27 3.03 22.36 18.80
N ILE A 28 3.18 21.05 18.61
CA ILE A 28 4.49 20.39 18.46
C ILE A 28 4.63 19.90 17.03
N VAL A 29 5.71 20.33 16.37
CA VAL A 29 6.06 19.93 15.00
C VAL A 29 7.33 19.09 15.08
N CYS A 30 7.29 17.89 14.54
CA CYS A 30 8.50 17.07 14.49
C CYS A 30 9.35 17.32 13.25
N VAL A 31 10.65 17.45 13.47
CA VAL A 31 11.63 17.37 12.40
C VAL A 31 12.44 16.11 12.69
N MET A 32 11.95 14.97 12.21
CA MET A 32 12.46 13.62 12.51
C MET A 32 13.10 13.00 11.28
N GLY A 33 14.42 13.03 11.20
CA GLY A 33 15.11 12.25 10.19
C GLY A 33 15.68 13.06 9.05
N PRO A 34 15.97 12.39 7.95
CA PRO A 34 16.57 13.08 6.81
C PRO A 34 15.61 14.09 6.20
N ILE A 35 16.11 15.28 5.92
CA ILE A 35 15.27 16.39 5.50
C ILE A 35 15.34 16.45 3.98
N ASP A 36 14.21 16.18 3.33
CA ASP A 36 14.02 16.35 1.90
C ASP A 36 12.85 17.30 1.67
N ASP A 37 12.53 17.51 0.39
CA ASP A 37 11.56 18.54 0.03
C ASP A 37 10.20 18.26 0.63
N SER A 38 9.78 16.98 0.68
CA SER A 38 8.43 16.74 1.19
C SER A 38 8.38 16.77 2.72
N VAL A 39 9.48 16.41 3.38
CA VAL A 39 9.61 16.75 4.78
C VAL A 39 9.45 18.23 4.97
N ALA A 40 10.34 19.00 4.33
CA ALA A 40 10.28 20.45 4.38
C ALA A 40 8.87 20.96 4.11
N SER A 41 8.17 20.35 3.16
CA SER A 41 6.81 20.77 2.84
C SER A 41 5.86 20.54 4.02
N LEU A 42 5.87 19.32 4.59
CA LEU A 42 5.14 19.02 5.81
C LEU A 42 5.42 20.02 6.92
N VAL A 43 6.70 20.16 7.29
CA VAL A 43 7.09 21.11 8.33
C VAL A 43 6.62 22.53 7.99
N ILE A 44 6.93 23.02 6.79
CA ILE A 44 6.49 24.37 6.47
C ILE A 44 4.98 24.48 6.62
N ALA A 45 4.24 23.51 6.08
CA ALA A 45 2.78 23.52 6.22
C ALA A 45 2.36 23.65 7.68
N GLN A 46 2.94 22.82 8.56
CA GLN A 46 2.56 22.84 9.97
C GLN A 46 2.88 24.20 10.61
N LEU A 47 4.10 24.71 10.41
CA LEU A 47 4.49 25.99 11.00
C LEU A 47 3.56 27.12 10.55
N LEU A 48 3.15 27.13 9.29
CA LEU A 48 2.23 28.16 8.87
C LEU A 48 0.81 27.91 9.38
N PHE A 49 0.44 26.68 9.68
CA PHE A 49 -0.91 26.49 10.22
C PHE A 49 -0.98 26.92 11.68
N LEU A 50 0.09 26.68 12.44
CA LEU A 50 0.14 27.10 13.84
C LEU A 50 0.17 28.62 13.97
N GLN A 51 0.92 29.33 13.11
CA GLN A 51 0.84 30.78 13.08
C GLN A 51 -0.60 31.22 12.88
N SER A 52 -1.33 30.54 11.98
CA SER A 52 -2.71 30.98 11.70
C SER A 52 -3.60 30.81 12.93
N GLU A 53 -3.32 29.79 13.75
CA GLU A 53 -4.05 29.59 15.01
C GLU A 53 -3.78 30.74 15.98
N SER A 54 -2.52 31.00 16.26
CA SER A 54 -2.09 32.08 17.15
C SER A 54 -0.68 32.48 16.78
N ASN A 55 -0.49 33.71 16.36
CA ASN A 55 0.87 34.06 15.98
C ASN A 55 1.68 34.65 17.13
N LYS A 56 1.14 34.73 18.35
CA LYS A 56 2.01 34.97 19.49
C LYS A 56 2.25 33.72 20.33
N LYS A 57 1.38 32.74 20.27
CA LYS A 57 1.57 31.52 21.04
C LYS A 57 2.81 30.79 20.52
N PRO A 58 3.71 30.32 21.41
CA PRO A 58 4.91 29.62 20.94
C PRO A 58 4.61 28.36 20.16
N ILE A 59 5.67 27.88 19.50
CA ILE A 59 5.71 26.64 18.74
C ILE A 59 6.97 25.87 19.16
N HIS A 60 6.79 24.60 19.56
CA HIS A 60 7.91 23.72 19.84
C HIS A 60 8.15 22.81 18.63
N MET A 61 9.40 22.77 18.20
CA MET A 61 9.82 21.95 17.08
C MET A 61 10.88 20.99 17.61
N TYR A 62 10.65 19.68 17.41
CA TYR A 62 11.46 18.61 17.97
C TYR A 62 12.33 17.98 16.86
N ILE A 63 13.65 18.12 17.01
CA ILE A 63 14.62 17.72 15.98
C ILE A 63 15.34 16.45 16.40
N ASN A 64 15.22 15.41 15.56
CA ASN A 64 16.06 14.21 15.55
C ASN A 64 16.46 13.98 14.09
N SER A 65 17.50 14.66 13.63
CA SER A 65 17.71 14.65 12.20
C SER A 65 19.20 14.46 11.95
N PRO A 66 19.57 13.55 11.05
CA PRO A 66 20.97 13.48 10.58
C PRO A 66 21.31 14.55 9.56
N GLY A 67 20.34 15.34 9.09
CA GLY A 67 20.56 16.37 8.09
C GLY A 67 19.70 16.14 6.86
N GLY A 68 20.15 16.71 5.74
CA GLY A 68 19.49 16.46 4.47
C GLY A 68 19.83 17.47 3.40
N VAL A 69 19.06 17.39 2.31
CA VAL A 69 19.00 18.33 1.20
C VAL A 69 19.05 19.78 1.69
N VAL A 70 20.13 20.48 1.37
CA VAL A 70 20.40 21.78 1.96
C VAL A 70 19.31 22.81 1.61
N THR A 71 18.85 22.86 0.36
CA THR A 71 17.88 23.92 0.07
C THR A 71 16.52 23.63 0.72
N ALA A 72 16.18 22.34 0.90
CA ALA A 72 14.98 21.97 1.66
C ALA A 72 15.08 22.43 3.11
N GLY A 73 16.24 22.26 3.74
CA GLY A 73 16.43 22.76 5.08
C GLY A 73 16.30 24.27 5.17
N LEU A 74 16.92 25.01 4.24
CA LEU A 74 16.77 26.47 4.25
C LEU A 74 15.32 26.89 4.04
N ALA A 75 14.56 26.06 3.34
CA ALA A 75 13.12 26.27 3.23
C ALA A 75 12.49 26.35 4.62
N ILE A 76 12.73 25.32 5.44
CA ILE A 76 12.26 25.31 6.82
C ILE A 76 12.82 26.51 7.57
N TYR A 77 14.15 26.66 7.56
CA TYR A 77 14.81 27.77 8.23
C TYR A 77 14.13 29.10 7.90
N ASP A 78 13.88 29.33 6.61
CA ASP A 78 13.30 30.59 6.16
C ASP A 78 11.89 30.77 6.69
N THR A 79 11.12 29.67 6.71
CA THR A 79 9.78 29.71 7.28
C THR A 79 9.82 29.98 8.78
N MET A 80 10.79 29.38 9.48
CA MET A 80 11.05 29.72 10.88
C MET A 80 11.25 31.22 11.07
N GLN A 81 12.12 31.81 10.24
CA GLN A 81 12.41 33.23 10.37
C GLN A 81 11.21 34.11 10.07
N TYR A 82 10.24 33.59 9.34
CA TYR A 82 9.14 34.35 8.81
C TYR A 82 7.99 34.42 9.80
N ILE A 83 7.57 33.28 10.35
CA ILE A 83 6.39 33.26 11.23
C ILE A 83 6.63 34.18 12.43
N LEU A 84 5.52 34.58 13.05
CA LEU A 84 5.58 35.56 14.14
C LEU A 84 5.82 34.93 15.49
N ASN A 85 5.78 33.59 15.60
CA ASN A 85 5.73 32.89 16.87
C ASN A 85 7.13 32.69 17.41
N PRO A 86 7.27 32.69 18.74
CA PRO A 86 8.47 32.11 19.33
C PRO A 86 8.55 30.64 18.93
N ILE A 87 9.77 30.15 18.73
CA ILE A 87 10.00 28.75 18.38
C ILE A 87 11.01 28.17 19.37
N CYS A 88 10.52 27.38 20.32
CA CYS A 88 11.40 26.53 21.14
C CYS A 88 11.89 25.38 20.28
N THR A 89 13.19 25.26 20.10
CA THR A 89 13.71 24.07 19.46
C THR A 89 14.33 23.16 20.52
N TRP A 90 14.13 21.85 20.31
CA TRP A 90 14.54 20.78 21.22
C TRP A 90 15.26 19.70 20.41
N CYS A 91 16.43 19.31 20.87
CA CYS A 91 17.20 18.26 20.23
C CYS A 91 17.20 17.00 21.11
N VAL A 92 16.84 15.87 20.51
CA VAL A 92 16.92 14.55 21.12
C VAL A 92 17.64 13.65 20.14
N GLY A 93 18.40 12.68 20.67
CA GLY A 93 19.16 11.78 19.82
C GLY A 93 20.33 12.50 19.17
N GLN A 94 20.06 13.18 18.05
CA GLN A 94 21.07 13.99 17.40
C GLN A 94 20.44 15.09 16.55
N ALA A 95 21.24 16.14 16.31
CA ALA A 95 21.01 17.13 15.27
C ALA A 95 22.34 17.36 14.55
N ALA A 96 22.49 16.76 13.37
CA ALA A 96 23.69 16.85 12.56
C ALA A 96 23.36 17.59 11.26
N SER A 97 24.34 18.32 10.75
CA SER A 97 24.23 19.14 9.52
C SER A 97 22.99 20.03 9.65
N MET A 98 22.13 20.12 8.63
CA MET A 98 21.00 21.05 8.66
C MET A 98 20.11 20.89 9.88
N GLY A 99 20.17 19.75 10.57
CA GLY A 99 19.37 19.59 11.78
C GLY A 99 19.76 20.57 12.86
N SER A 100 21.07 20.68 13.15
CA SER A 100 21.52 21.68 14.12
C SER A 100 21.45 23.09 13.54
N LEU A 101 21.31 23.23 12.23
CA LEU A 101 21.07 24.57 11.73
C LEU A 101 19.69 25.02 12.17
N LEU A 102 18.67 24.19 11.93
CA LEU A 102 17.33 24.44 12.49
C LEU A 102 17.38 24.56 14.01
N LEU A 103 18.07 23.63 14.70
CA LEU A 103 18.24 23.70 16.15
C LEU A 103 18.82 25.06 16.60
N ALA A 104 19.88 25.51 15.96
CA ALA A 104 20.51 26.76 16.32
C ALA A 104 19.67 27.95 15.93
N ALA A 105 18.60 27.73 15.17
CA ALA A 105 17.78 28.82 14.63
C ALA A 105 16.49 29.05 15.41
N GLY A 106 16.33 28.45 16.61
CA GLY A 106 15.18 28.72 17.44
C GLY A 106 15.18 30.15 17.99
N THR A 107 14.10 30.51 18.66
CA THR A 107 14.06 31.79 19.37
C THR A 107 15.20 31.77 20.37
N PRO A 108 16.02 32.82 20.46
CA PRO A 108 17.05 32.87 21.51
C PRO A 108 16.43 32.69 22.89
N GLY A 109 17.11 31.89 23.70
CA GLY A 109 16.61 31.58 25.03
C GLY A 109 15.78 30.33 25.07
N MET A 110 15.38 29.81 23.91
CA MET A 110 14.46 28.70 23.80
C MET A 110 15.05 27.59 22.93
N ARG A 111 16.34 27.33 23.08
CA ARG A 111 17.00 26.31 22.30
C ARG A 111 17.53 25.28 23.28
N HIS A 112 17.04 24.04 23.17
CA HIS A 112 17.21 23.03 24.20
C HIS A 112 17.73 21.73 23.61
N SER A 113 18.49 21.02 24.42
CA SER A 113 18.81 19.64 24.13
C SER A 113 18.55 18.81 25.38
N LEU A 114 18.33 17.52 25.18
CA LEU A 114 18.34 16.58 26.29
C LEU A 114 19.79 16.23 26.58
N PRO A 115 20.06 15.53 27.67
CA PRO A 115 21.48 15.37 28.06
C PRO A 115 22.34 14.53 27.11
N ASN A 116 21.84 13.43 26.54
CA ASN A 116 22.70 12.63 25.69
C ASN A 116 22.60 12.95 24.21
N SER A 117 22.14 14.15 23.84
CA SER A 117 22.05 14.43 22.42
C SER A 117 23.45 14.67 21.83
N ARG A 118 23.53 14.52 20.52
CA ARG A 118 24.78 14.65 19.78
C ARG A 118 24.55 15.70 18.70
N ILE A 119 25.43 16.71 18.62
CA ILE A 119 25.20 17.85 17.73
C ILE A 119 26.37 18.03 16.76
N MET A 120 26.07 18.14 15.46
CA MET A 120 27.07 18.36 14.44
C MET A 120 26.75 19.54 13.54
N ILE A 121 27.70 20.47 13.42
CA ILE A 121 27.61 21.52 12.43
C ILE A 121 28.47 21.25 11.20
N HIS A 122 29.42 20.32 11.27
CA HIS A 122 30.14 19.88 10.08
C HIS A 122 29.14 19.31 9.09
N GLN A 123 29.41 19.50 7.79
CA GLN A 123 28.50 19.05 6.75
C GLN A 123 29.01 17.75 6.15
N PRO A 124 28.48 16.58 6.56
CA PRO A 124 28.73 15.35 5.78
C PRO A 124 28.70 15.55 4.27
N SER A 125 29.77 15.11 3.61
CA SER A 125 29.93 15.24 2.16
C SER A 125 29.38 14.03 1.41
N ALA A 136 22.99 17.53 -8.08
CA ALA A 136 24.22 17.47 -8.89
C ALA A 136 24.49 18.81 -9.55
N ILE A 137 25.38 19.62 -8.96
CA ILE A 137 25.49 21.03 -9.33
C ILE A 137 26.95 21.46 -9.49
N GLN A 138 27.10 22.67 -10.04
CA GLN A 138 28.34 23.36 -10.33
C GLN A 138 29.11 23.69 -9.05
N ALA A 139 30.44 23.88 -9.18
CA ALA A 139 31.31 24.02 -8.01
C ALA A 139 31.05 25.31 -7.24
N GLU A 140 31.04 26.46 -7.95
CA GLU A 140 30.74 27.73 -7.32
C GLU A 140 29.37 27.74 -6.66
N GLU A 141 28.40 27.01 -7.22
CA GLU A 141 27.10 26.98 -6.56
C GLU A 141 27.22 26.34 -5.18
N ILE A 142 27.92 25.21 -5.07
CA ILE A 142 28.03 24.58 -3.77
C ILE A 142 28.71 25.50 -2.77
N MET A 143 29.76 26.21 -3.21
CA MET A 143 30.40 27.18 -2.31
C MET A 143 29.41 28.27 -1.90
N LYS A 144 28.54 28.71 -2.83
CA LYS A 144 27.54 29.71 -2.50
C LYS A 144 26.64 29.19 -1.38
N LEU A 145 26.04 28.02 -1.60
CA LEU A 145 25.20 27.42 -0.57
C LEU A 145 25.96 27.28 0.74
N LYS A 146 27.27 26.99 0.67
CA LYS A 146 28.04 26.76 1.88
C LYS A 146 28.31 28.06 2.63
N LYS A 147 28.42 29.20 1.94
CA LYS A 147 28.52 30.48 2.63
C LYS A 147 27.20 30.83 3.33
N GLN A 148 26.07 30.60 2.66
CA GLN A 148 24.77 30.71 3.29
C GLN A 148 24.73 29.96 4.63
N LEU A 149 25.17 28.71 4.64
CA LEU A 149 25.25 27.99 5.90
C LEU A 149 26.18 28.69 6.87
N TYR A 150 27.31 29.22 6.37
CA TYR A 150 28.27 29.88 7.24
C TYR A 150 27.68 31.12 7.90
N ASN A 151 26.94 31.95 7.14
CA ASN A 151 26.36 33.16 7.74
C ASN A 151 25.21 32.85 8.68
N ILE A 152 24.35 31.88 8.33
CA ILE A 152 23.22 31.57 9.21
C ILE A 152 23.73 31.11 10.55
N TYR A 153 24.70 30.21 10.54
CA TYR A 153 25.30 29.77 11.80
C TYR A 153 25.95 30.92 12.56
N ALA A 154 26.64 31.83 11.85
CA ALA A 154 27.25 32.98 12.50
C ALA A 154 26.18 33.86 13.15
N LYS A 155 25.06 34.04 12.44
CA LYS A 155 23.98 34.90 12.93
C LYS A 155 23.45 34.44 14.28
N HIS A 156 23.22 33.14 14.41
CA HIS A 156 22.50 32.59 15.56
C HIS A 156 23.42 32.09 16.65
N THR A 157 24.68 31.83 16.35
CA THR A 157 25.62 31.47 17.39
C THR A 157 26.38 32.67 17.91
N LYS A 158 26.23 33.83 17.28
CA LYS A 158 27.01 35.03 17.57
C LYS A 158 28.51 34.74 17.54
N GLN A 159 28.92 33.84 16.66
CA GLN A 159 30.33 33.53 16.43
C GLN A 159 30.80 34.23 15.17
N SER A 160 32.11 34.25 15.00
CA SER A 160 32.67 34.89 13.82
C SER A 160 32.61 33.95 12.64
N LEU A 161 32.74 34.51 11.44
CA LEU A 161 32.82 33.66 10.25
C LEU A 161 33.98 32.68 10.38
N GLN A 162 35.21 33.18 10.54
CA GLN A 162 36.38 32.29 10.56
C GLN A 162 36.26 31.23 11.64
N VAL A 163 35.64 31.56 12.79
CA VAL A 163 35.42 30.56 13.83
C VAL A 163 34.43 29.50 13.34
N ILE A 164 33.35 29.95 12.67
CA ILE A 164 32.31 29.03 12.21
C ILE A 164 32.90 28.05 11.20
N GLU A 165 33.64 28.55 10.22
CA GLU A 165 34.14 27.69 9.14
C GLU A 165 35.28 26.79 9.59
N SER A 166 36.15 27.27 10.48
CA SER A 166 37.06 26.34 11.14
C SER A 166 36.28 25.22 11.82
N ALA A 167 35.33 25.59 12.67
CA ALA A 167 34.46 24.63 13.32
C ALA A 167 33.84 23.65 12.32
N MET A 168 33.31 24.16 11.18
CA MET A 168 32.57 23.29 10.26
C MET A 168 33.47 22.32 9.50
N GLU A 169 34.76 22.47 9.69
CA GLU A 169 35.77 21.63 9.10
C GLU A 169 36.09 20.43 9.95
N ARG A 170 35.89 20.54 11.26
CA ARG A 170 36.11 19.43 12.18
C ARG A 170 35.01 18.39 11.95
N ASP A 171 35.35 17.23 11.38
CA ASP A 171 34.39 16.14 11.27
C ASP A 171 34.10 15.52 12.64
N ARG A 172 33.05 15.98 13.32
CA ARG A 172 32.99 15.76 14.76
C ARG A 172 31.64 16.22 15.31
N TYR A 173 31.14 15.50 16.34
CA TYR A 173 29.96 15.87 17.12
C TYR A 173 30.34 16.57 18.43
N MET A 174 29.44 17.41 18.94
CA MET A 174 29.54 17.98 20.29
C MET A 174 28.52 17.36 21.22
N SER A 175 28.79 17.55 22.52
CA SER A 175 27.85 17.27 23.60
C SER A 175 26.91 18.46 23.76
N PRO A 176 25.67 18.22 24.24
CA PRO A 176 24.76 19.35 24.47
C PRO A 176 25.44 20.47 25.22
N MET A 177 26.46 20.13 26.02
CA MET A 177 27.12 21.16 26.79
C MET A 177 28.06 22.00 25.92
N GLU A 178 28.88 21.37 25.07
CA GLU A 178 29.74 22.16 24.21
C GLU A 178 28.91 23.00 23.24
N ALA A 179 27.81 22.43 22.73
CA ALA A 179 27.00 23.13 21.75
C ALA A 179 26.36 24.38 22.33
N GLN A 180 25.83 24.27 23.56
CA GLN A 180 25.43 25.46 24.29
C GLN A 180 26.57 26.49 24.34
N GLU A 181 27.75 26.07 24.81
CA GLU A 181 28.83 27.04 24.99
C GLU A 181 29.23 27.68 23.68
N PHE A 182 28.99 27.00 22.56
CA PHE A 182 29.35 27.49 21.23
C PHE A 182 28.30 28.41 20.64
N GLY A 183 27.09 28.42 21.19
CA GLY A 183 26.03 29.25 20.65
C GLY A 183 24.95 28.54 19.88
N ILE A 184 24.93 27.21 19.89
CA ILE A 184 23.93 26.48 19.14
C ILE A 184 22.65 26.31 19.92
N LEU A 185 22.76 26.14 21.23
CA LEU A 185 21.58 26.03 22.06
C LEU A 185 21.82 26.83 23.33
N ASP A 186 20.74 26.98 24.10
CA ASP A 186 20.69 27.79 25.31
C ASP A 186 20.62 26.97 26.58
N LYS A 187 19.79 25.93 26.64
CA LYS A 187 19.64 25.17 27.88
C LYS A 187 19.74 23.67 27.60
N VAL A 188 20.44 22.95 28.46
CA VAL A 188 20.48 21.50 28.42
C VAL A 188 19.72 21.01 29.64
N LEU A 189 18.63 20.28 29.39
CA LEU A 189 17.66 19.91 30.43
C LEU A 189 17.66 18.41 30.65
N VAL A 190 17.53 18.02 31.90
CA VAL A 190 17.17 16.65 32.27
C VAL A 190 15.70 16.54 32.65
N HIS A 191 15.14 17.54 33.35
CA HIS A 191 13.80 17.44 33.90
C HIS A 191 12.99 18.70 33.64
N PRO A 192 11.65 18.63 33.76
CA PRO A 192 10.87 19.88 33.63
C PRO A 192 10.72 20.66 34.94
N LEU B 2 1.56 9.78 8.51
CA LEU B 2 2.44 10.57 7.66
C LEU B 2 1.95 12.02 7.55
N ILE B 3 0.69 12.22 7.19
CA ILE B 3 0.14 13.55 6.97
C ILE B 3 -0.88 13.84 8.07
N PRO B 4 -0.74 14.93 8.82
CA PRO B 4 -1.60 15.16 9.99
C PRO B 4 -2.95 15.82 9.68
N ILE B 5 -3.84 15.71 10.68
CA ILE B 5 -5.20 16.26 10.65
C ILE B 5 -5.24 17.50 11.54
N VAL B 6 -5.85 18.56 11.02
CA VAL B 6 -6.15 19.74 11.81
C VAL B 6 -7.66 19.89 11.93
N VAL B 7 -8.11 20.53 13.01
CA VAL B 7 -9.54 20.77 13.18
C VAL B 7 -9.83 22.27 13.07
N GLU B 8 -11.05 22.59 12.65
CA GLU B 8 -11.47 23.96 12.33
C GLU B 8 -12.86 24.22 12.90
N ARG B 15 -14.38 21.41 12.08
CA ARG B 15 -14.38 20.34 11.09
C ARG B 15 -12.92 19.98 10.76
N ALA B 16 -12.66 18.79 10.21
CA ALA B 16 -11.33 18.20 10.20
C ALA B 16 -10.82 17.95 8.79
N TYR B 17 -9.83 18.74 8.36
CA TYR B 17 -9.10 18.57 7.12
C TYR B 17 -7.71 17.97 7.41
N ASP B 18 -7.17 17.26 6.44
CA ASP B 18 -5.73 17.01 6.47
C ASP B 18 -5.00 18.30 6.10
N ILE B 19 -3.75 18.43 6.54
CA ILE B 19 -3.12 19.75 6.48
C ILE B 19 -2.97 20.24 5.05
N TYR B 20 -2.84 19.34 4.08
CA TYR B 20 -2.78 19.83 2.70
C TYR B 20 -4.17 20.30 2.24
N SER B 21 -5.23 19.55 2.55
CA SER B 21 -6.58 20.02 2.28
C SER B 21 -6.87 21.38 2.90
N ARG B 22 -6.25 21.69 4.04
CA ARG B 22 -6.51 22.97 4.68
C ARG B 22 -5.80 24.10 3.97
N LEU B 23 -4.58 23.84 3.44
CA LEU B 23 -3.90 24.84 2.62
C LEU B 23 -4.70 25.17 1.39
N LEU B 24 -5.42 24.18 0.84
CA LEU B 24 -6.26 24.49 -0.31
C LEU B 24 -7.37 25.46 0.06
N ARG B 25 -7.86 25.39 1.31
CA ARG B 25 -8.91 26.28 1.78
C ARG B 25 -8.42 27.72 1.97
N GLU B 26 -7.11 27.89 2.18
CA GLU B 26 -6.41 29.18 2.14
C GLU B 26 -6.16 29.68 0.74
N ARG B 27 -6.64 28.95 -0.29
CA ARG B 27 -6.29 29.23 -1.68
C ARG B 27 -4.79 29.12 -1.89
N ILE B 28 -4.18 28.08 -1.32
CA ILE B 28 -2.73 27.85 -1.47
C ILE B 28 -2.57 26.58 -2.28
N VAL B 29 -1.94 26.71 -3.43
CA VAL B 29 -1.64 25.60 -4.32
C VAL B 29 -0.13 25.36 -4.23
N CYS B 30 0.27 24.13 -3.89
CA CYS B 30 1.67 23.77 -3.68
C CYS B 30 2.27 23.15 -4.94
N VAL B 31 3.35 23.73 -5.46
CA VAL B 31 4.08 23.03 -6.52
C VAL B 31 5.40 22.55 -5.94
N MET B 32 5.41 21.30 -5.48
CA MET B 32 6.53 20.77 -4.71
C MET B 32 7.25 19.67 -5.50
N GLY B 33 8.55 19.81 -5.65
CA GLY B 33 9.37 18.81 -6.30
C GLY B 33 9.18 18.75 -7.79
N PRO B 34 9.64 17.65 -8.39
CA PRO B 34 9.71 17.57 -9.86
C PRO B 34 8.34 17.57 -10.52
N ILE B 35 8.24 18.37 -11.57
CA ILE B 35 6.98 18.60 -12.24
C ILE B 35 6.82 17.55 -13.33
N ASP B 36 5.80 16.69 -13.20
CA ASP B 36 5.45 15.73 -14.24
C ASP B 36 3.96 15.91 -14.57
N ASP B 37 3.47 15.18 -15.57
CA ASP B 37 2.10 15.39 -16.01
C ASP B 37 1.10 15.21 -14.88
N SER B 38 1.50 14.49 -13.84
CA SER B 38 0.63 14.13 -12.73
C SER B 38 0.57 15.25 -11.70
N VAL B 39 1.74 15.76 -11.27
CA VAL B 39 1.83 17.03 -10.56
C VAL B 39 0.97 18.07 -11.27
N ALA B 40 1.10 18.14 -12.61
CA ALA B 40 0.41 19.15 -13.40
C ALA B 40 -1.10 18.95 -13.38
N SER B 41 -1.56 17.71 -13.60
CA SER B 41 -2.96 17.36 -13.38
C SER B 41 -3.45 17.88 -12.02
N LEU B 42 -2.73 17.57 -10.94
CA LEU B 42 -3.16 17.99 -9.60
C LEU B 42 -3.17 19.52 -9.47
N VAL B 43 -2.10 20.18 -9.94
CA VAL B 43 -2.01 21.64 -9.84
C VAL B 43 -3.11 22.31 -10.66
N ILE B 44 -3.35 21.82 -11.89
CA ILE B 44 -4.30 22.48 -12.78
C ILE B 44 -5.70 22.34 -12.24
N ALA B 45 -6.05 21.11 -11.81
CA ALA B 45 -7.28 20.87 -11.06
C ALA B 45 -7.49 21.93 -10.00
N GLN B 46 -6.52 22.09 -9.09
CA GLN B 46 -6.67 23.04 -8.00
C GLN B 46 -6.96 24.46 -8.51
N LEU B 47 -6.28 24.89 -9.58
CA LEU B 47 -6.44 26.27 -10.04
C LEU B 47 -7.80 26.46 -10.69
N LEU B 48 -8.25 25.48 -11.47
CA LEU B 48 -9.61 25.56 -12.00
C LEU B 48 -10.62 25.63 -10.86
N PHE B 49 -10.47 24.77 -9.85
CA PHE B 49 -11.42 24.78 -8.74
C PHE B 49 -11.42 26.12 -8.02
N LEU B 50 -10.22 26.57 -7.61
CA LEU B 50 -10.13 27.76 -6.79
C LEU B 50 -10.69 28.97 -7.52
N GLN B 51 -10.67 28.95 -8.87
CA GLN B 51 -11.29 30.05 -9.61
C GLN B 51 -12.81 29.94 -9.58
N SER B 52 -13.34 28.70 -9.56
CA SER B 52 -14.78 28.53 -9.43
C SER B 52 -15.29 29.05 -8.08
N GLU B 53 -14.46 28.94 -7.04
CA GLU B 53 -14.74 29.59 -5.77
C GLU B 53 -14.84 31.11 -5.93
N SER B 54 -13.92 31.70 -6.70
CA SER B 54 -13.85 33.13 -6.95
C SER B 54 -12.79 33.37 -8.02
N ASN B 55 -13.06 34.27 -8.96
CA ASN B 55 -12.06 34.63 -9.97
C ASN B 55 -11.43 35.98 -9.66
N LYS B 56 -11.76 36.58 -8.52
CA LYS B 56 -11.08 37.78 -8.05
C LYS B 56 -10.11 37.49 -6.90
N LYS B 57 -10.48 36.60 -6.00
CA LYS B 57 -9.65 36.29 -4.86
C LYS B 57 -8.33 35.69 -5.33
N PRO B 58 -7.19 36.19 -4.83
CA PRO B 58 -5.89 35.66 -5.22
C PRO B 58 -5.66 34.18 -4.87
N ILE B 59 -4.93 33.46 -5.82
CA ILE B 59 -4.36 32.13 -5.64
C ILE B 59 -2.91 32.26 -5.20
N HIS B 60 -2.45 31.36 -4.32
CA HIS B 60 -1.07 31.38 -3.85
C HIS B 60 -0.38 30.09 -4.25
N MET B 61 0.57 30.22 -5.16
CA MET B 61 1.36 29.12 -5.66
C MET B 61 2.69 29.13 -4.89
N TYR B 62 2.88 28.10 -4.06
CA TYR B 62 4.13 27.88 -3.34
C TYR B 62 5.00 26.96 -4.17
N ILE B 63 6.21 27.41 -4.52
CA ILE B 63 7.08 26.65 -5.43
C ILE B 63 8.41 26.29 -4.75
N ASN B 64 8.71 25.01 -4.74
CA ASN B 64 9.99 24.51 -4.25
C ASN B 64 10.32 23.31 -5.14
N SER B 65 10.95 23.60 -6.28
CA SER B 65 10.90 22.66 -7.38
C SER B 65 12.23 22.69 -8.11
N PRO B 66 12.71 21.53 -8.51
CA PRO B 66 13.97 21.48 -9.27
C PRO B 66 13.75 21.55 -10.77
N GLY B 67 12.56 21.28 -11.22
CA GLY B 67 12.26 21.32 -12.64
C GLY B 67 11.29 20.21 -12.94
N GLY B 68 11.21 19.86 -14.23
CA GLY B 68 10.38 18.73 -14.62
C GLY B 68 10.26 18.61 -16.13
N VAL B 69 9.20 17.90 -16.54
CA VAL B 69 8.84 17.84 -17.95
C VAL B 69 8.36 19.21 -18.43
N VAL B 70 8.81 19.60 -19.62
CA VAL B 70 8.50 20.92 -20.13
C VAL B 70 7.02 21.04 -20.50
N THR B 71 6.44 20.02 -21.16
CA THR B 71 5.03 20.14 -21.53
C THR B 71 4.15 20.11 -20.31
N ALA B 72 4.51 19.30 -19.30
CA ALA B 72 3.84 19.37 -18.00
C ALA B 72 3.95 20.78 -17.43
N GLY B 73 5.10 21.42 -17.60
CA GLY B 73 5.27 22.76 -17.10
C GLY B 73 4.41 23.77 -17.83
N LEU B 74 4.44 23.74 -19.17
CA LEU B 74 3.67 24.72 -19.94
C LEU B 74 2.16 24.54 -19.74
N ALA B 75 1.70 23.32 -19.43
CA ALA B 75 0.27 23.16 -19.12
C ALA B 75 -0.09 23.96 -17.88
N ILE B 76 0.75 23.91 -16.85
CA ILE B 76 0.52 24.75 -15.67
C ILE B 76 0.55 26.22 -16.06
N TYR B 77 1.64 26.66 -16.71
CA TYR B 77 1.75 28.04 -17.16
C TYR B 77 0.50 28.47 -17.93
N ASP B 78 0.06 27.67 -18.90
CA ASP B 78 -1.13 28.04 -19.67
C ASP B 78 -2.39 28.10 -18.80
N THR B 79 -2.50 27.18 -17.85
CA THR B 79 -3.64 27.25 -16.94
C THR B 79 -3.56 28.52 -16.08
N MET B 80 -2.35 28.97 -15.70
CA MET B 80 -2.23 30.22 -14.96
C MET B 80 -2.61 31.43 -15.79
N GLN B 81 -2.20 31.45 -17.05
CA GLN B 81 -2.66 32.51 -17.96
C GLN B 81 -4.17 32.46 -18.14
N TYR B 82 -4.74 31.27 -18.29
CA TYR B 82 -6.18 31.16 -18.53
C TYR B 82 -6.98 31.79 -17.39
N ILE B 83 -6.75 31.35 -16.15
CA ILE B 83 -7.58 31.80 -15.06
C ILE B 83 -7.44 33.32 -14.87
N LEU B 84 -8.51 33.90 -14.32
CA LEU B 84 -8.60 35.35 -14.16
C LEU B 84 -7.97 35.81 -12.88
N ASN B 85 -7.71 34.91 -11.94
CA ASN B 85 -7.33 35.33 -10.60
C ASN B 85 -5.95 35.94 -10.64
N PRO B 86 -5.70 37.00 -9.88
CA PRO B 86 -4.32 37.33 -9.51
C PRO B 86 -3.68 36.12 -8.86
N ILE B 87 -2.47 35.78 -9.31
CA ILE B 87 -1.72 34.66 -8.77
C ILE B 87 -0.49 35.21 -8.08
N CYS B 88 -0.36 34.92 -6.78
CA CYS B 88 0.85 35.17 -6.02
C CYS B 88 1.71 33.91 -6.07
N THR B 89 2.90 34.05 -6.63
CA THR B 89 3.88 32.98 -6.60
C THR B 89 4.87 33.29 -5.49
N TRP B 90 5.28 32.22 -4.77
CA TRP B 90 6.27 32.28 -3.71
C TRP B 90 7.32 31.19 -3.95
N CYS B 91 8.58 31.51 -3.68
CA CYS B 91 9.68 30.59 -3.91
C CYS B 91 10.36 30.25 -2.59
N VAL B 92 10.50 28.96 -2.35
CA VAL B 92 11.02 28.48 -1.08
C VAL B 92 11.98 27.34 -1.39
N GLY B 93 13.13 27.33 -0.73
CA GLY B 93 14.18 26.41 -1.12
C GLY B 93 14.73 26.77 -2.48
N GLN B 94 13.98 26.46 -3.53
CA GLN B 94 14.48 26.74 -4.88
C GLN B 94 13.38 26.69 -5.93
N ALA B 95 13.66 27.30 -7.06
CA ALA B 95 12.83 27.18 -8.26
C ALA B 95 13.80 27.17 -9.43
N ALA B 96 13.92 26.01 -10.09
CA ALA B 96 14.93 25.73 -11.10
C ALA B 96 14.29 25.13 -12.34
N SER B 97 14.76 25.58 -13.52
CA SER B 97 14.24 25.11 -14.80
C SER B 97 12.77 25.48 -14.87
N MET B 98 11.85 24.53 -15.07
CA MET B 98 10.42 24.84 -15.19
C MET B 98 9.90 25.58 -13.97
N GLY B 99 10.43 25.26 -12.79
CA GLY B 99 9.95 25.88 -11.56
C GLY B 99 10.12 27.39 -11.57
N SER B 100 11.32 27.86 -11.90
CA SER B 100 11.50 29.30 -11.99
C SER B 100 10.60 29.91 -13.06
N LEU B 101 10.31 29.15 -14.13
CA LEU B 101 9.40 29.68 -15.14
C LEU B 101 8.02 29.95 -14.54
N LEU B 102 7.52 29.05 -13.68
CA LEU B 102 6.23 29.27 -13.04
C LEU B 102 6.30 30.45 -12.08
N LEU B 103 7.41 30.54 -11.32
CA LEU B 103 7.64 31.63 -10.38
C LEU B 103 7.53 32.99 -11.09
N ALA B 104 8.22 33.13 -12.22
CA ALA B 104 8.22 34.39 -12.94
C ALA B 104 6.85 34.73 -13.52
N ALA B 105 5.97 33.72 -13.66
CA ALA B 105 4.70 33.86 -14.38
C ALA B 105 3.55 34.31 -13.50
N GLY B 106 3.77 34.48 -12.21
CA GLY B 106 2.72 35.01 -11.36
C GLY B 106 2.45 36.45 -11.68
N THR B 107 1.39 36.96 -11.08
CA THR B 107 0.89 38.29 -11.45
C THR B 107 1.93 39.35 -11.09
N PRO B 108 2.14 40.33 -11.97
CA PRO B 108 3.25 41.27 -11.77
C PRO B 108 3.07 42.09 -10.51
N GLY B 109 4.17 42.24 -9.78
CA GLY B 109 4.15 42.83 -8.46
C GLY B 109 3.83 41.85 -7.36
N MET B 110 3.52 40.60 -7.72
CA MET B 110 3.08 39.57 -6.79
C MET B 110 3.98 38.34 -6.82
N ARG B 111 5.18 38.44 -7.35
CA ARG B 111 6.10 37.31 -7.37
C ARG B 111 7.13 37.48 -6.23
N HIS B 112 7.27 36.44 -5.39
CA HIS B 112 7.97 36.58 -4.12
C HIS B 112 8.97 35.45 -3.91
N SER B 113 10.04 35.74 -3.16
CA SER B 113 11.00 34.71 -2.76
C SER B 113 11.40 34.88 -1.31
N LEU B 114 11.63 33.76 -0.65
CA LEU B 114 12.17 33.84 0.70
C LEU B 114 13.67 34.12 0.64
N PRO B 115 14.25 34.69 1.70
CA PRO B 115 15.62 35.27 1.55
C PRO B 115 16.66 34.27 1.10
N ASN B 116 16.50 32.96 1.35
CA ASN B 116 17.55 31.98 1.07
C ASN B 116 17.32 31.10 -0.16
N SER B 117 16.22 31.29 -0.88
CA SER B 117 15.91 30.47 -2.05
C SER B 117 16.98 30.64 -3.13
N ARG B 118 17.14 29.61 -3.95
CA ARG B 118 17.98 29.68 -5.14
C ARG B 118 17.13 29.53 -6.39
N ILE B 119 17.38 30.35 -7.40
CA ILE B 119 16.57 30.38 -8.62
C ILE B 119 17.44 30.02 -9.83
N MET B 120 16.98 29.09 -10.66
CA MET B 120 17.69 28.76 -11.89
C MET B 120 16.79 28.78 -13.12
N ILE B 121 17.25 29.45 -14.18
CA ILE B 121 16.59 29.37 -15.48
C ILE B 121 17.37 28.50 -16.46
N HIS B 122 18.60 28.14 -16.14
CA HIS B 122 19.31 27.15 -16.93
C HIS B 122 18.51 25.85 -17.02
N GLN B 123 18.32 25.37 -18.27
CA GLN B 123 17.70 24.05 -18.36
C GLN B 123 18.77 22.97 -18.26
N PRO B 124 18.46 21.81 -17.68
CA PRO B 124 19.29 20.58 -17.67
C PRO B 124 19.87 20.18 -19.05
N ALA B 136 10.89 10.83 -25.75
CA ALA B 136 12.03 10.85 -26.67
C ALA B 136 11.63 11.57 -27.94
N ILE B 137 12.37 12.61 -28.33
CA ILE B 137 11.93 13.48 -29.42
C ILE B 137 13.12 14.02 -30.20
N GLN B 138 12.82 14.50 -31.42
CA GLN B 138 13.79 14.99 -32.39
C GLN B 138 14.47 16.28 -31.92
N ALA B 139 15.55 16.64 -32.59
CA ALA B 139 16.30 17.85 -32.22
C ALA B 139 15.62 19.13 -32.67
N GLU B 140 14.68 19.06 -33.60
CA GLU B 140 13.92 20.25 -33.95
C GLU B 140 12.78 20.51 -33.00
N GLU B 141 12.30 19.48 -32.29
CA GLU B 141 11.28 19.71 -31.27
C GLU B 141 11.88 20.38 -30.03
N ILE B 142 12.98 19.82 -29.50
CA ILE B 142 13.62 20.42 -28.33
C ILE B 142 13.90 21.89 -28.58
N MET B 143 14.51 22.19 -29.72
CA MET B 143 14.78 23.56 -30.07
C MET B 143 13.49 24.38 -30.21
N LYS B 144 12.39 23.75 -30.63
CA LYS B 144 11.12 24.45 -30.67
C LYS B 144 10.64 24.70 -29.24
N LEU B 145 10.72 23.68 -28.39
CA LEU B 145 10.38 23.84 -26.99
C LEU B 145 11.27 24.89 -26.34
N LYS B 146 12.59 24.85 -26.61
CA LYS B 146 13.46 25.81 -25.94
C LYS B 146 13.09 27.23 -26.31
N LYS B 147 12.91 27.49 -27.62
CA LYS B 147 12.39 28.78 -28.06
C LYS B 147 11.15 29.18 -27.28
N GLN B 148 10.25 28.22 -27.02
CA GLN B 148 9.06 28.58 -26.26
C GLN B 148 9.41 29.03 -24.85
N LEU B 149 10.37 28.38 -24.20
CA LEU B 149 10.80 28.85 -22.89
C LEU B 149 11.39 30.26 -23.01
N TYR B 150 12.28 30.47 -23.99
CA TYR B 150 12.82 31.79 -24.35
C TYR B 150 11.76 32.89 -24.41
N ASN B 151 10.58 32.57 -24.92
CA ASN B 151 9.56 33.60 -25.13
C ASN B 151 8.67 33.85 -23.93
N ILE B 152 8.19 32.79 -23.27
CA ILE B 152 7.60 32.98 -21.94
C ILE B 152 8.53 33.80 -21.06
N TYR B 153 9.77 33.33 -20.89
CA TYR B 153 10.72 34.04 -20.04
C TYR B 153 10.90 35.49 -20.47
N ALA B 154 11.20 35.72 -21.76
CA ALA B 154 11.38 37.10 -22.25
C ALA B 154 10.17 37.95 -21.93
N LYS B 155 8.96 37.40 -22.19
CA LYS B 155 7.69 38.05 -21.86
C LYS B 155 7.65 38.51 -20.41
N HIS B 156 7.97 37.61 -19.49
CA HIS B 156 7.65 37.79 -18.09
C HIS B 156 8.77 38.49 -17.31
N THR B 157 10.01 38.47 -17.79
CA THR B 157 11.08 39.24 -17.16
C THR B 157 11.33 40.59 -17.82
N LYS B 158 10.52 40.97 -18.81
CA LYS B 158 10.73 42.19 -19.58
C LYS B 158 12.13 42.25 -20.22
N GLN B 159 12.88 41.16 -20.18
CA GLN B 159 14.15 41.12 -20.87
C GLN B 159 13.94 40.81 -22.35
N SER B 160 14.99 41.06 -23.13
CA SER B 160 14.99 40.71 -24.53
C SER B 160 15.17 39.20 -24.69
N LEU B 161 14.93 38.71 -25.91
CA LEU B 161 15.34 37.33 -26.20
C LEU B 161 16.85 37.14 -26.02
N GLN B 162 17.67 38.02 -26.59
CA GLN B 162 19.13 37.83 -26.49
C GLN B 162 19.58 37.74 -25.04
N VAL B 163 19.10 38.65 -24.19
CA VAL B 163 19.48 38.57 -22.77
C VAL B 163 19.06 37.22 -22.20
N ILE B 164 17.84 36.78 -22.50
CA ILE B 164 17.31 35.54 -21.94
C ILE B 164 18.13 34.34 -22.42
N GLU B 165 18.34 34.23 -23.74
CA GLU B 165 19.08 33.07 -24.26
C GLU B 165 20.46 32.95 -23.63
N SER B 166 21.26 34.03 -23.63
CA SER B 166 22.60 33.94 -23.07
C SER B 166 22.55 33.57 -21.59
N ALA B 167 21.62 34.17 -20.84
CA ALA B 167 21.45 33.84 -19.42
C ALA B 167 21.25 32.34 -19.20
N MET B 168 20.27 31.74 -19.89
CA MET B 168 19.97 30.32 -19.68
C MET B 168 21.12 29.41 -20.04
N GLU B 169 22.16 29.94 -20.67
CA GLU B 169 23.32 29.15 -21.02
C GLU B 169 24.31 29.04 -19.88
N ARG B 170 24.23 29.92 -18.88
CA ARG B 170 25.14 29.87 -17.73
C ARG B 170 24.61 28.87 -16.71
N ASP B 171 25.42 27.84 -16.40
CA ASP B 171 24.99 26.77 -15.51
C ASP B 171 25.05 27.30 -14.08
N ARG B 172 24.07 28.12 -13.72
CA ARG B 172 24.20 28.83 -12.45
C ARG B 172 22.84 29.14 -11.86
N TYR B 173 22.84 29.29 -10.53
CA TYR B 173 21.70 29.75 -9.75
C TYR B 173 21.88 31.23 -9.44
N MET B 174 20.77 31.95 -9.31
CA MET B 174 20.84 33.31 -8.82
C MET B 174 20.33 33.41 -7.39
N SER B 175 20.72 34.50 -6.73
CA SER B 175 20.10 34.89 -5.49
C SER B 175 18.70 35.48 -5.73
N PRO B 176 17.86 35.50 -4.69
CA PRO B 176 16.57 36.20 -4.84
C PRO B 176 16.70 37.66 -5.22
N MET B 177 17.77 38.35 -4.81
CA MET B 177 17.92 39.74 -5.23
C MET B 177 18.32 39.81 -6.68
N GLU B 178 19.31 39.01 -7.06
CA GLU B 178 19.67 38.83 -8.46
C GLU B 178 18.44 38.54 -9.32
N ALA B 179 17.65 37.53 -8.92
CA ALA B 179 16.46 37.15 -9.68
C ALA B 179 15.47 38.30 -9.75
N GLN B 180 15.36 39.07 -8.66
CA GLN B 180 14.50 40.25 -8.64
C GLN B 180 14.98 41.28 -9.66
N GLU B 181 16.28 41.58 -9.66
CA GLU B 181 16.86 42.51 -10.61
C GLU B 181 16.66 42.06 -12.06
N PHE B 182 16.50 40.76 -12.29
CA PHE B 182 16.45 40.21 -13.65
C PHE B 182 15.05 40.15 -14.22
N GLY B 183 14.02 40.23 -13.38
CA GLY B 183 12.67 40.14 -13.87
C GLY B 183 11.95 38.90 -13.45
N ILE B 184 12.60 37.99 -12.73
CA ILE B 184 11.93 36.74 -12.37
C ILE B 184 10.93 36.96 -11.24
N LEU B 185 11.20 37.90 -10.34
CA LEU B 185 10.32 38.08 -9.20
C LEU B 185 10.28 39.55 -8.83
N ASP B 186 9.35 39.89 -7.93
CA ASP B 186 9.14 41.27 -7.49
C ASP B 186 9.69 41.53 -6.09
N LYS B 187 9.28 40.76 -5.08
CA LYS B 187 9.73 41.03 -3.71
C LYS B 187 10.60 39.92 -3.14
N VAL B 188 11.35 40.26 -2.08
CA VAL B 188 12.06 39.30 -1.23
C VAL B 188 11.78 39.68 0.22
N LEU B 189 11.10 38.80 0.96
CA LEU B 189 10.63 39.12 2.30
C LEU B 189 11.17 38.13 3.33
N VAL B 190 11.83 38.67 4.36
CA VAL B 190 12.26 37.90 5.53
C VAL B 190 11.09 37.49 6.44
N HIS B 191 10.03 38.37 6.58
CA HIS B 191 8.81 38.14 7.38
C HIS B 191 7.61 38.88 6.79
N PRO B 192 6.42 38.90 7.43
CA PRO B 192 5.40 39.71 6.73
C PRO B 192 5.42 41.22 7.10
N LEU C 2 -2.10 13.01 -0.53
CA LEU C 2 -1.81 13.05 -1.97
C LEU C 2 -2.85 13.91 -2.69
N ILE C 3 -4.10 13.45 -2.68
CA ILE C 3 -5.19 14.08 -3.42
C ILE C 3 -6.00 14.94 -2.46
N PRO C 4 -6.09 16.24 -2.71
CA PRO C 4 -6.76 17.14 -1.76
C PRO C 4 -8.29 17.04 -1.82
N ILE C 5 -8.91 17.48 -0.73
CA ILE C 5 -10.34 17.31 -0.47
C ILE C 5 -10.98 18.67 -0.38
N VAL C 6 -12.01 18.89 -1.21
CA VAL C 6 -12.73 20.14 -1.28
C VAL C 6 -14.16 19.89 -0.80
N VAL C 7 -14.80 20.96 -0.32
CA VAL C 7 -16.19 20.91 0.15
C VAL C 7 -17.06 21.68 -0.83
N GLU C 8 -18.37 21.43 -0.75
CA GLU C 8 -19.35 22.20 -1.53
C GLU C 8 -20.77 21.80 -1.15
N ALA C 16 -18.08 17.75 0.37
CA ALA C 16 -16.87 16.96 0.61
C ALA C 16 -16.54 15.93 -0.50
N TYR C 17 -15.64 16.30 -1.43
CA TYR C 17 -15.12 15.40 -2.47
C TYR C 17 -13.61 15.53 -2.51
N ASP C 18 -12.95 14.51 -3.07
CA ASP C 18 -11.61 14.72 -3.59
C ASP C 18 -11.72 15.58 -4.85
N ILE C 19 -10.65 16.33 -5.13
CA ILE C 19 -10.70 17.31 -6.22
C ILE C 19 -11.04 16.65 -7.56
N TYR C 20 -10.59 15.39 -7.77
CA TYR C 20 -10.86 14.66 -9.01
C TYR C 20 -12.28 14.12 -9.05
N SER C 21 -12.87 13.74 -7.90
CA SER C 21 -14.32 13.52 -7.89
C SER C 21 -15.06 14.82 -8.21
N ARG C 22 -14.50 15.95 -7.82
CA ARG C 22 -15.20 17.21 -8.06
C ARG C 22 -15.11 17.65 -9.51
N LEU C 23 -14.00 17.31 -10.19
CA LEU C 23 -13.92 17.52 -11.64
C LEU C 23 -15.02 16.74 -12.36
N LEU C 24 -15.29 15.51 -11.91
CA LEU C 24 -16.31 14.70 -12.54
C LEU C 24 -17.71 15.26 -12.31
N ARG C 25 -17.90 15.90 -11.15
CA ARG C 25 -19.16 16.59 -10.80
C ARG C 25 -19.39 17.81 -11.70
N GLU C 26 -18.31 18.43 -12.17
CA GLU C 26 -18.31 19.50 -13.16
C GLU C 26 -18.44 18.99 -14.61
N ARG C 27 -18.63 17.68 -14.82
CA ARG C 27 -18.65 17.05 -16.13
C ARG C 27 -17.30 17.12 -16.87
N ILE C 28 -16.20 17.23 -16.12
CA ILE C 28 -14.85 17.21 -16.68
C ILE C 28 -14.27 15.82 -16.50
N VAL C 29 -13.75 15.25 -17.59
CA VAL C 29 -13.15 13.93 -17.62
C VAL C 29 -11.69 14.11 -18.07
N CYS C 30 -10.73 13.85 -17.17
CA CYS C 30 -9.30 13.95 -17.53
C CYS C 30 -8.77 12.73 -18.29
N VAL C 31 -7.91 12.99 -19.27
CA VAL C 31 -7.21 11.89 -19.97
C VAL C 31 -5.73 12.21 -19.87
N MET C 32 -5.12 11.85 -18.73
CA MET C 32 -3.79 12.27 -18.34
C MET C 32 -2.79 11.17 -18.62
N GLY C 33 -1.75 11.49 -19.38
CA GLY C 33 -0.70 10.55 -19.64
C GLY C 33 -1.15 9.31 -20.40
N PRO C 34 -0.36 8.24 -20.33
CA PRO C 34 -0.46 7.18 -21.34
C PRO C 34 -1.76 6.40 -21.26
N ILE C 35 -2.30 6.10 -22.42
CA ILE C 35 -3.53 5.34 -22.49
C ILE C 35 -3.20 3.85 -22.41
N ASP C 36 -3.91 3.15 -21.53
CA ASP C 36 -3.96 1.71 -21.56
C ASP C 36 -5.35 1.27 -21.16
N ASP C 37 -5.53 -0.05 -21.14
CA ASP C 37 -6.84 -0.64 -20.89
C ASP C 37 -7.44 -0.09 -19.59
N SER C 38 -6.62 0.00 -18.54
CA SER C 38 -7.07 0.55 -17.27
C SER C 38 -7.58 1.97 -17.44
N VAL C 39 -6.77 2.85 -18.03
CA VAL C 39 -7.19 4.22 -18.26
C VAL C 39 -8.47 4.25 -19.09
N ALA C 40 -8.45 3.55 -20.22
CA ALA C 40 -9.62 3.49 -21.09
C ALA C 40 -10.87 3.07 -20.32
N SER C 41 -10.76 1.99 -19.54
CA SER C 41 -11.90 1.47 -18.77
C SER C 41 -12.51 2.54 -17.85
N LEU C 42 -11.65 3.26 -17.16
CA LEU C 42 -11.97 4.39 -16.30
C LEU C 42 -12.72 5.50 -17.04
N VAL C 43 -12.05 6.19 -17.95
CA VAL C 43 -12.62 7.13 -18.92
C VAL C 43 -14.01 6.74 -19.43
N ILE C 44 -14.13 5.52 -19.97
CA ILE C 44 -15.41 5.14 -20.57
C ILE C 44 -16.49 5.14 -19.52
N ALA C 45 -16.19 4.61 -18.33
CA ALA C 45 -17.13 4.63 -17.23
C ALA C 45 -17.64 6.04 -16.98
N GLN C 46 -16.73 6.99 -16.79
CA GLN C 46 -17.16 8.36 -16.54
C GLN C 46 -17.98 8.90 -17.69
N LEU C 47 -17.66 8.51 -18.93
CA LEU C 47 -18.42 9.02 -20.07
C LEU C 47 -19.83 8.49 -20.04
N LEU C 48 -20.02 7.21 -19.71
CA LEU C 48 -21.38 6.67 -19.68
C LEU C 48 -22.14 7.21 -18.48
N PHE C 49 -21.47 7.36 -17.35
CA PHE C 49 -22.12 7.98 -16.21
C PHE C 49 -22.65 9.36 -16.58
N LEU C 50 -21.78 10.19 -17.18
CA LEU C 50 -22.15 11.57 -17.48
C LEU C 50 -23.36 11.62 -18.41
N GLN C 51 -23.35 10.81 -19.48
CA GLN C 51 -24.51 10.73 -20.37
C GLN C 51 -25.75 10.34 -19.60
N SER C 52 -25.62 9.34 -18.71
CA SER C 52 -26.75 8.89 -17.92
C SER C 52 -27.34 10.01 -17.08
N GLU C 53 -26.48 10.90 -16.54
CA GLU C 53 -26.94 12.10 -15.85
C GLU C 53 -27.67 13.07 -16.75
N SER C 54 -27.30 13.13 -18.05
CA SER C 54 -27.84 14.09 -19.02
C SER C 54 -27.24 13.84 -20.40
N ASN C 55 -28.06 13.63 -21.40
CA ASN C 55 -27.58 13.37 -22.76
C ASN C 55 -27.50 14.63 -23.61
N LYS C 56 -27.74 15.79 -23.03
CA LYS C 56 -27.67 17.05 -23.73
C LYS C 56 -26.55 17.94 -23.22
N LYS C 57 -26.20 17.83 -21.96
CA LYS C 57 -25.19 18.70 -21.39
C LYS C 57 -23.82 18.25 -21.88
N PRO C 58 -22.98 19.18 -22.36
CA PRO C 58 -21.65 18.81 -22.83
C PRO C 58 -20.83 18.10 -21.76
N ILE C 59 -19.80 17.43 -22.24
CA ILE C 59 -18.79 16.80 -21.41
C ILE C 59 -17.45 17.36 -21.85
N HIS C 60 -16.66 17.84 -20.90
CA HIS C 60 -15.37 18.42 -21.20
C HIS C 60 -14.31 17.37 -20.92
N MET C 61 -13.70 16.87 -21.98
CA MET C 61 -12.64 15.90 -21.95
C MET C 61 -11.31 16.68 -21.97
N TYR C 62 -10.53 16.58 -20.88
CA TYR C 62 -9.23 17.25 -20.75
C TYR C 62 -8.12 16.24 -21.04
N ILE C 63 -7.39 16.45 -22.15
CA ILE C 63 -6.37 15.51 -22.65
C ILE C 63 -4.98 16.11 -22.50
N ASN C 64 -4.07 15.33 -21.90
CA ASN C 64 -2.65 15.65 -21.80
C ASN C 64 -1.92 14.30 -21.72
N SER C 65 -1.56 13.76 -22.89
CA SER C 65 -1.13 12.39 -23.08
C SER C 65 -0.12 12.22 -24.23
N PRO C 66 0.91 11.40 -24.03
CA PRO C 66 1.80 11.00 -25.14
C PRO C 66 1.29 9.87 -26.01
N GLY C 67 0.04 9.42 -25.82
CA GLY C 67 -0.54 8.28 -26.51
C GLY C 67 -0.73 7.07 -25.62
N GLY C 68 -0.76 5.90 -26.25
CA GLY C 68 -0.94 4.67 -25.52
C GLY C 68 -1.39 3.56 -26.44
N VAL C 69 -1.77 2.43 -25.82
CA VAL C 69 -2.24 1.25 -26.57
C VAL C 69 -3.33 1.63 -27.56
N VAL C 70 -3.15 1.23 -28.81
CA VAL C 70 -4.09 1.62 -29.86
C VAL C 70 -5.51 1.14 -29.54
N THR C 71 -5.65 -0.15 -29.22
CA THR C 71 -6.98 -0.72 -28.98
C THR C 71 -7.72 0.08 -27.91
N ALA C 72 -6.99 0.47 -26.85
CA ALA C 72 -7.61 1.15 -25.70
C ALA C 72 -8.09 2.56 -26.07
N GLY C 73 -7.23 3.36 -26.71
CA GLY C 73 -7.66 4.64 -27.22
C GLY C 73 -8.85 4.52 -28.17
N LEU C 74 -8.88 3.45 -28.98
CA LEU C 74 -10.01 3.23 -29.87
C LEU C 74 -11.28 2.89 -29.11
N ALA C 75 -11.17 2.20 -27.97
CA ALA C 75 -12.33 2.01 -27.11
C ALA C 75 -12.88 3.36 -26.65
N ILE C 76 -12.00 4.25 -26.21
CA ILE C 76 -12.44 5.60 -25.84
C ILE C 76 -13.07 6.30 -27.04
N TYR C 77 -12.33 6.38 -28.16
CA TYR C 77 -12.85 7.05 -29.35
C TYR C 77 -14.25 6.54 -29.69
N ASP C 78 -14.47 5.23 -29.62
CA ASP C 78 -15.77 4.65 -29.96
C ASP C 78 -16.84 5.09 -28.98
N THR C 79 -16.52 5.06 -27.68
CA THR C 79 -17.45 5.52 -26.65
C THR C 79 -17.87 6.96 -26.92
N MET C 80 -16.90 7.82 -27.25
CA MET C 80 -17.17 9.21 -27.57
C MET C 80 -18.22 9.33 -28.69
N GLN C 81 -18.01 8.59 -29.78
CA GLN C 81 -18.97 8.56 -30.88
C GLN C 81 -20.34 8.09 -30.41
N TYR C 82 -20.37 7.03 -29.61
CA TYR C 82 -21.63 6.46 -29.12
C TYR C 82 -22.48 7.49 -28.38
N ILE C 83 -21.93 8.09 -27.32
CA ILE C 83 -22.71 8.96 -26.45
C ILE C 83 -23.18 10.17 -27.23
N LEU C 84 -24.31 10.74 -26.78
CA LEU C 84 -25.03 11.84 -27.43
C LEU C 84 -24.48 13.21 -27.09
N ASN C 85 -23.68 13.33 -26.05
CA ASN C 85 -23.41 14.68 -25.63
C ASN C 85 -22.42 15.35 -26.58
N PRO C 86 -22.56 16.64 -26.80
CA PRO C 86 -21.43 17.39 -27.34
C PRO C 86 -20.25 17.17 -26.40
N ILE C 87 -19.08 16.86 -26.95
CA ILE C 87 -17.86 16.69 -26.16
C ILE C 87 -16.89 17.78 -26.56
N CYS C 88 -16.52 18.62 -25.60
CA CYS C 88 -15.49 19.64 -25.83
C CYS C 88 -14.15 19.04 -25.44
N THR C 89 -13.31 18.73 -26.42
CA THR C 89 -11.95 18.29 -26.13
C THR C 89 -11.05 19.50 -25.89
N TRP C 90 -10.18 19.39 -24.89
CA TRP C 90 -9.23 20.43 -24.50
C TRP C 90 -7.82 19.85 -24.41
N CYS C 91 -6.92 20.31 -25.29
CA CYS C 91 -5.50 19.95 -25.20
C CYS C 91 -4.72 20.93 -24.32
N VAL C 92 -4.19 20.41 -23.21
CA VAL C 92 -3.25 21.09 -22.32
C VAL C 92 -1.94 20.31 -22.36
N GLY C 93 -0.83 21.00 -22.54
CA GLY C 93 0.43 20.29 -22.47
C GLY C 93 0.80 19.65 -23.79
N GLN C 94 0.26 18.46 -24.05
CA GLN C 94 0.53 17.78 -25.31
C GLN C 94 -0.56 16.74 -25.58
N ALA C 95 -0.83 16.50 -26.87
CA ALA C 95 -1.63 15.35 -27.34
C ALA C 95 -0.87 14.66 -28.48
N ALA C 96 -0.31 13.49 -28.19
CA ALA C 96 0.50 12.77 -29.16
C ALA C 96 -0.15 11.41 -29.42
N SER C 97 0.06 10.91 -30.63
CA SER C 97 -0.44 9.59 -31.06
C SER C 97 -1.92 9.52 -30.68
N MET C 98 -2.37 8.48 -29.97
CA MET C 98 -3.78 8.34 -29.63
C MET C 98 -4.33 9.56 -28.92
N GLY C 99 -3.54 10.16 -28.03
CA GLY C 99 -4.02 11.35 -27.35
C GLY C 99 -4.56 12.41 -28.30
N SER C 100 -3.95 12.54 -29.49
CA SER C 100 -4.43 13.56 -30.43
C SER C 100 -5.54 13.05 -31.33
N LEU C 101 -5.74 11.75 -31.43
CA LEU C 101 -6.91 11.26 -32.14
C LEU C 101 -8.18 11.57 -31.35
N LEU C 102 -8.15 11.36 -30.02
CA LEU C 102 -9.28 11.80 -29.20
C LEU C 102 -9.47 13.31 -29.30
N LEU C 103 -8.37 14.08 -29.29
CA LEU C 103 -8.49 15.52 -29.45
C LEU C 103 -9.31 15.86 -30.69
N ALA C 104 -9.01 15.19 -31.82
CA ALA C 104 -9.70 15.44 -33.07
C ALA C 104 -11.13 14.95 -33.06
N ALA C 105 -11.47 14.06 -32.13
CA ALA C 105 -12.78 13.46 -32.12
C ALA C 105 -13.75 14.20 -31.22
N GLY C 106 -13.35 15.34 -30.66
CA GLY C 106 -14.30 16.25 -30.06
C GLY C 106 -15.43 16.62 -31.00
N THR C 107 -16.53 17.08 -30.44
CA THR C 107 -17.59 17.65 -31.26
C THR C 107 -16.99 18.77 -32.11
N PRO C 108 -17.27 18.81 -33.42
CA PRO C 108 -16.80 19.93 -34.25
C PRO C 108 -17.14 21.28 -33.63
N GLY C 109 -16.17 22.18 -33.65
CA GLY C 109 -16.35 23.52 -33.15
C GLY C 109 -16.00 23.72 -31.69
N MET C 110 -15.90 22.64 -30.91
CA MET C 110 -15.49 22.73 -29.52
C MET C 110 -14.21 21.92 -29.27
N ARG C 111 -13.36 21.76 -30.29
CA ARG C 111 -12.02 21.24 -30.10
C ARG C 111 -11.07 22.40 -29.84
N HIS C 112 -10.46 22.41 -28.67
CA HIS C 112 -9.59 23.50 -28.23
C HIS C 112 -8.20 23.02 -27.82
N SER C 113 -7.25 23.96 -27.86
CA SER C 113 -5.97 23.82 -27.20
C SER C 113 -5.68 25.09 -26.41
N LEU C 114 -4.80 24.98 -25.43
CA LEU C 114 -4.18 26.15 -24.83
C LEU C 114 -2.99 26.56 -25.69
N PRO C 115 -2.40 27.74 -25.45
CA PRO C 115 -1.40 28.26 -26.41
C PRO C 115 -0.17 27.38 -26.61
N ASN C 116 0.41 26.84 -25.53
CA ASN C 116 1.72 26.18 -25.61
C ASN C 116 1.65 24.66 -25.75
N SER C 117 0.48 24.11 -26.05
CA SER C 117 0.45 22.66 -26.22
C SER C 117 1.25 22.24 -27.47
N ARG C 118 1.58 20.96 -27.51
CA ARG C 118 2.19 20.32 -28.67
C ARG C 118 1.27 19.19 -29.11
N ILE C 119 1.14 19.00 -30.41
CA ILE C 119 0.19 18.05 -30.98
C ILE C 119 0.92 17.16 -31.98
N MET C 120 0.79 15.84 -31.84
CA MET C 120 1.45 14.95 -32.79
C MET C 120 0.54 13.82 -33.25
N ILE C 121 0.42 13.65 -34.57
CA ILE C 121 -0.31 12.52 -35.13
C ILE C 121 0.63 11.44 -35.63
N HIS C 122 1.93 11.71 -35.77
CA HIS C 122 2.88 10.65 -36.03
C HIS C 122 2.80 9.61 -34.92
N GLN C 123 2.88 8.36 -35.28
CA GLN C 123 2.79 7.31 -34.29
C GLN C 123 4.18 6.72 -34.05
N PRO C 124 4.53 6.33 -32.82
CA PRO C 124 5.94 5.95 -32.52
C PRO C 124 6.58 4.90 -33.45
N ALA C 136 1.93 -7.69 -28.89
CA ALA C 136 2.73 -8.42 -29.89
C ALA C 136 1.86 -9.04 -30.97
N ILE C 137 1.73 -8.38 -32.13
CA ILE C 137 0.84 -8.86 -33.17
C ILE C 137 1.58 -8.89 -34.51
N GLN C 138 0.85 -9.25 -35.56
CA GLN C 138 1.40 -9.52 -36.89
C GLN C 138 1.37 -8.28 -37.78
N ALA C 139 2.14 -8.34 -38.87
CA ALA C 139 2.35 -7.17 -39.73
C ALA C 139 1.03 -6.70 -40.34
N GLU C 140 0.26 -7.64 -40.90
CA GLU C 140 -1.03 -7.30 -41.50
C GLU C 140 -1.91 -6.62 -40.48
N GLU C 141 -1.85 -7.10 -39.23
CA GLU C 141 -2.66 -6.54 -38.17
C GLU C 141 -2.18 -5.14 -37.78
N ILE C 142 -0.87 -4.91 -37.72
CA ILE C 142 -0.39 -3.57 -37.40
C ILE C 142 -0.77 -2.59 -38.52
N MET C 143 -0.68 -3.04 -39.77
CA MET C 143 -1.13 -2.20 -40.88
C MET C 143 -2.62 -1.94 -40.80
N LYS C 144 -3.42 -2.97 -40.46
CA LYS C 144 -4.87 -2.80 -40.37
C LYS C 144 -5.24 -1.73 -39.36
N LEU C 145 -4.69 -1.83 -38.14
CA LEU C 145 -4.93 -0.81 -37.13
C LEU C 145 -4.48 0.56 -37.62
N LYS C 146 -3.38 0.61 -38.38
CA LYS C 146 -2.90 1.89 -38.86
C LYS C 146 -3.89 2.49 -39.87
N LYS C 147 -4.51 1.65 -40.69
CA LYS C 147 -5.54 2.15 -41.59
C LYS C 147 -6.76 2.62 -40.81
N GLN C 148 -7.09 1.97 -39.68
CA GLN C 148 -8.17 2.49 -38.85
C GLN C 148 -7.86 3.91 -38.40
N LEU C 149 -6.64 4.12 -37.89
CA LEU C 149 -6.24 5.47 -37.49
C LEU C 149 -6.28 6.43 -38.68
N TYR C 150 -5.76 6.00 -39.83
CA TYR C 150 -5.86 6.81 -41.02
C TYR C 150 -7.28 7.31 -41.23
N ASN C 151 -8.24 6.40 -41.27
CA ASN C 151 -9.58 6.80 -41.64
C ASN C 151 -10.21 7.64 -40.56
N ILE C 152 -9.92 7.35 -39.29
CA ILE C 152 -10.45 8.19 -38.21
C ILE C 152 -9.93 9.62 -38.36
N TYR C 153 -8.61 9.77 -38.48
CA TYR C 153 -8.03 11.10 -38.63
C TYR C 153 -8.59 11.83 -39.85
N ALA C 154 -8.71 11.12 -40.97
CA ALA C 154 -9.21 11.75 -42.20
C ALA C 154 -10.64 12.24 -42.01
N LYS C 155 -11.45 11.47 -41.27
CA LYS C 155 -12.84 11.84 -41.04
C LYS C 155 -12.94 13.11 -40.21
N HIS C 156 -12.07 13.28 -39.22
CA HIS C 156 -12.31 14.40 -38.33
C HIS C 156 -11.54 15.65 -38.73
N THR C 157 -10.45 15.49 -39.48
CA THR C 157 -9.79 16.66 -40.06
C THR C 157 -10.42 17.09 -41.38
N LYS C 158 -11.23 16.22 -41.98
CA LYS C 158 -11.76 16.39 -43.32
C LYS C 158 -10.65 16.39 -44.35
N GLN C 159 -9.43 16.05 -43.95
CA GLN C 159 -8.32 15.94 -44.87
C GLN C 159 -8.38 14.61 -45.60
N SER C 160 -7.80 14.58 -46.78
CA SER C 160 -7.79 13.38 -47.59
C SER C 160 -6.94 12.28 -46.95
N LEU C 161 -7.26 11.03 -47.28
CA LEU C 161 -6.43 9.91 -46.85
C LEU C 161 -4.95 10.17 -47.10
N GLN C 162 -4.61 10.56 -48.33
CA GLN C 162 -3.20 10.69 -48.73
C GLN C 162 -2.55 11.83 -47.98
N VAL C 163 -3.31 12.87 -47.63
CA VAL C 163 -2.76 13.95 -46.83
C VAL C 163 -2.50 13.48 -45.39
N ILE C 164 -3.38 12.63 -44.86
CA ILE C 164 -3.16 12.12 -43.50
C ILE C 164 -1.88 11.28 -43.44
N GLU C 165 -1.63 10.43 -44.44
CA GLU C 165 -0.51 9.49 -44.34
C GLU C 165 0.84 10.16 -44.49
N SER C 166 0.98 11.10 -45.44
CA SER C 166 2.17 11.93 -45.52
C SER C 166 2.48 12.49 -44.13
N ALA C 167 1.53 13.28 -43.63
CA ALA C 167 1.52 13.80 -42.27
C ALA C 167 2.08 12.84 -41.22
N MET C 168 1.34 11.77 -40.90
CA MET C 168 1.78 10.91 -39.80
C MET C 168 3.17 10.34 -40.01
N GLU C 169 3.72 10.45 -41.21
CA GLU C 169 5.07 9.98 -41.45
C GLU C 169 6.11 10.96 -40.95
N ARG C 170 5.81 12.26 -41.06
CA ARG C 170 6.72 13.29 -40.55
C ARG C 170 6.73 13.23 -39.03
N ASP C 171 7.82 12.72 -38.46
CA ASP C 171 7.98 12.58 -37.01
C ASP C 171 8.26 13.96 -36.42
N ARG C 172 7.20 14.63 -35.95
CA ARG C 172 7.25 16.03 -35.54
C ARG C 172 5.93 16.43 -34.87
N TYR C 173 6.01 17.51 -34.08
CA TYR C 173 4.86 18.12 -33.43
C TYR C 173 4.40 19.37 -34.20
N MET C 174 3.10 19.64 -34.13
CA MET C 174 2.45 20.86 -34.59
C MET C 174 2.11 21.75 -33.41
N SER C 175 2.22 23.07 -33.62
CA SER C 175 1.73 24.02 -32.65
C SER C 175 0.21 24.04 -32.69
N PRO C 176 -0.45 24.64 -31.69
CA PRO C 176 -1.91 24.69 -31.77
C PRO C 176 -2.42 25.30 -33.07
N MET C 177 -1.67 26.20 -33.72
CA MET C 177 -2.27 26.80 -34.90
C MET C 177 -2.03 25.97 -36.14
N GLU C 178 -0.92 25.25 -36.22
CA GLU C 178 -0.79 24.33 -37.33
C GLU C 178 -1.74 23.14 -37.14
N ALA C 179 -2.02 22.75 -35.88
CA ALA C 179 -3.00 21.69 -35.62
C ALA C 179 -4.40 22.14 -35.98
N GLN C 180 -4.64 23.44 -35.93
CA GLN C 180 -5.98 23.95 -36.21
C GLN C 180 -6.20 24.16 -37.71
N GLU C 181 -5.16 24.60 -38.46
CA GLU C 181 -5.22 24.65 -39.92
C GLU C 181 -5.31 23.28 -40.56
N PHE C 182 -5.02 22.23 -39.80
CA PHE C 182 -5.02 20.88 -40.32
C PHE C 182 -6.36 20.19 -40.11
N GLY C 183 -7.20 20.73 -39.25
CA GLY C 183 -8.43 20.07 -38.88
C GLY C 183 -8.34 19.20 -37.64
N ILE C 184 -7.26 19.25 -36.90
CA ILE C 184 -7.24 18.57 -35.61
C ILE C 184 -8.14 19.28 -34.60
N LEU C 185 -7.95 20.58 -34.40
CA LEU C 185 -8.83 21.31 -33.51
C LEU C 185 -9.46 22.53 -34.19
N ASP C 186 -10.19 23.35 -33.43
CA ASP C 186 -10.90 24.53 -33.93
C ASP C 186 -10.44 25.85 -33.31
N LYS C 187 -10.24 25.89 -31.99
CA LYS C 187 -9.98 27.14 -31.29
C LYS C 187 -8.71 27.02 -30.44
N VAL C 188 -8.00 28.13 -30.26
CA VAL C 188 -6.81 28.21 -29.44
C VAL C 188 -7.02 29.36 -28.47
N LEU C 189 -7.24 29.05 -27.19
CA LEU C 189 -7.63 30.08 -26.24
C LEU C 189 -6.45 30.42 -25.34
N VAL C 190 -6.20 31.72 -25.18
CA VAL C 190 -5.32 32.19 -24.12
C VAL C 190 -6.10 32.47 -22.84
N HIS C 191 -7.37 32.93 -22.95
CA HIS C 191 -8.26 33.08 -21.79
C HIS C 191 -9.68 33.45 -22.19
N PRO C 192 -10.71 33.07 -21.41
CA PRO C 192 -12.12 33.39 -21.70
C PRO C 192 -12.37 34.89 -22.01
N LEU D 2 -6.89 7.01 -9.65
CA LEU D 2 -7.83 6.65 -8.59
C LEU D 2 -9.26 6.78 -9.09
N ILE D 3 -10.12 6.02 -8.41
CA ILE D 3 -11.50 5.80 -8.85
C ILE D 3 -12.36 6.93 -8.29
N PRO D 4 -12.89 7.84 -9.15
CA PRO D 4 -13.81 8.88 -8.67
C PRO D 4 -14.99 8.33 -7.89
N ILE D 5 -15.64 9.20 -7.10
CA ILE D 5 -16.90 8.91 -6.42
C ILE D 5 -17.98 9.74 -7.11
N VAL D 6 -19.16 9.14 -7.30
CA VAL D 6 -20.30 9.84 -7.89
C VAL D 6 -21.47 9.70 -6.93
N VAL D 7 -22.40 10.68 -6.99
CA VAL D 7 -23.53 10.77 -6.06
C VAL D 7 -24.84 10.40 -6.77
N GLU D 8 -25.81 9.87 -6.00
CA GLU D 8 -27.04 9.28 -6.58
C GLU D 8 -28.38 9.79 -6.01
N GLU D 14 -30.18 9.63 -0.89
CA GLU D 14 -29.08 10.08 -1.76
C GLU D 14 -27.73 9.49 -1.31
N ARG D 15 -26.86 9.16 -2.26
CA ARG D 15 -25.84 8.17 -1.94
C ARG D 15 -24.59 8.28 -2.81
N ALA D 16 -23.44 7.89 -2.22
CA ALA D 16 -22.13 7.98 -2.85
C ALA D 16 -21.65 6.59 -3.25
N TYR D 17 -21.21 6.48 -4.51
CA TYR D 17 -20.62 5.28 -5.08
C TYR D 17 -19.35 5.68 -5.81
N ASP D 18 -18.33 4.81 -5.76
CA ASP D 18 -17.26 4.91 -6.73
C ASP D 18 -17.78 4.46 -8.09
N ILE D 19 -17.23 5.05 -9.17
CA ILE D 19 -17.82 4.85 -10.49
C ILE D 19 -17.98 3.36 -10.84
N TYR D 20 -17.06 2.51 -10.37
CA TYR D 20 -17.16 1.09 -10.72
C TYR D 20 -18.30 0.44 -9.97
N SER D 21 -18.44 0.74 -8.67
CA SER D 21 -19.60 0.27 -7.92
C SER D 21 -20.90 0.70 -8.57
N ARG D 22 -20.98 1.98 -8.98
CA ARG D 22 -22.21 2.48 -9.59
C ARG D 22 -22.48 1.82 -10.94
N LEU D 23 -21.44 1.32 -11.62
CA LEU D 23 -21.67 0.48 -12.80
C LEU D 23 -22.44 -0.77 -12.45
N LEU D 24 -21.97 -1.52 -11.45
CA LEU D 24 -22.66 -2.75 -11.04
C LEU D 24 -24.12 -2.47 -10.72
N ARG D 25 -24.39 -1.28 -10.15
CA ARG D 25 -25.77 -0.82 -9.94
C ARG D 25 -26.57 -0.84 -11.22
N GLU D 26 -25.93 -0.63 -12.36
CA GLU D 26 -26.60 -0.71 -13.64
C GLU D 26 -26.64 -2.12 -14.19
N ARG D 27 -26.31 -3.12 -13.37
CA ARG D 27 -26.15 -4.50 -13.84
C ARG D 27 -25.19 -4.56 -15.03
N ILE D 28 -24.08 -3.80 -14.92
CA ILE D 28 -22.94 -3.87 -15.84
C ILE D 28 -21.80 -4.58 -15.15
N VAL D 29 -21.22 -5.57 -15.82
CA VAL D 29 -20.05 -6.29 -15.32
C VAL D 29 -18.92 -6.13 -16.34
N CYS D 30 -17.74 -5.72 -15.88
CA CYS D 30 -16.60 -5.45 -16.74
C CYS D 30 -15.58 -6.58 -16.79
N VAL D 31 -15.27 -7.04 -18.00
CA VAL D 31 -14.16 -7.98 -18.14
C VAL D 31 -13.04 -7.25 -18.87
N MET D 32 -12.19 -6.58 -18.11
CA MET D 32 -11.10 -5.76 -18.65
C MET D 32 -9.76 -6.44 -18.34
N GLY D 33 -8.97 -6.70 -19.38
CA GLY D 33 -7.62 -7.15 -19.21
C GLY D 33 -7.43 -8.64 -19.19
N PRO D 34 -6.19 -9.08 -18.94
CA PRO D 34 -5.92 -10.50 -18.78
C PRO D 34 -6.80 -11.13 -17.70
N ILE D 35 -7.40 -12.27 -18.03
CA ILE D 35 -8.33 -12.97 -17.16
C ILE D 35 -7.55 -14.03 -16.40
N ASP D 36 -7.38 -13.84 -15.10
CA ASP D 36 -6.84 -14.92 -14.28
C ASP D 36 -7.93 -15.40 -13.30
N ASP D 37 -7.51 -16.21 -12.34
CA ASP D 37 -8.50 -16.79 -11.43
C ASP D 37 -9.20 -15.71 -10.62
N SER D 38 -8.54 -14.61 -10.31
CA SER D 38 -9.25 -13.64 -9.50
C SER D 38 -10.03 -12.63 -10.33
N VAL D 39 -9.68 -12.44 -11.61
CA VAL D 39 -10.63 -11.76 -12.49
C VAL D 39 -11.92 -12.54 -12.53
N ALA D 40 -11.80 -13.84 -12.84
CA ALA D 40 -12.93 -14.77 -12.89
C ALA D 40 -13.72 -14.76 -11.58
N SER D 41 -13.02 -14.85 -10.45
CA SER D 41 -13.70 -14.88 -9.17
C SER D 41 -14.57 -13.63 -8.99
N LEU D 42 -14.02 -12.45 -9.26
CA LEU D 42 -14.76 -11.19 -9.14
C LEU D 42 -15.88 -11.08 -10.17
N VAL D 43 -15.67 -11.60 -11.38
CA VAL D 43 -16.74 -11.56 -12.37
C VAL D 43 -17.85 -12.51 -11.97
N ILE D 44 -17.48 -13.72 -11.49
CA ILE D 44 -18.49 -14.69 -11.07
C ILE D 44 -19.25 -14.18 -9.86
N ALA D 45 -18.53 -13.56 -8.93
CA ALA D 45 -19.17 -12.94 -7.79
C ALA D 45 -20.30 -12.03 -8.20
N GLN D 46 -20.18 -11.34 -9.33
CA GLN D 46 -21.21 -10.35 -9.68
C GLN D 46 -22.25 -10.89 -10.63
N LEU D 47 -21.93 -11.93 -11.39
CA LEU D 47 -22.97 -12.64 -12.11
C LEU D 47 -23.92 -13.29 -11.13
N LEU D 48 -23.38 -14.02 -10.14
CA LEU D 48 -24.22 -14.61 -9.11
C LEU D 48 -24.97 -13.54 -8.33
N PHE D 49 -24.33 -12.40 -8.05
CA PHE D 49 -25.02 -11.36 -7.30
C PHE D 49 -26.17 -10.77 -8.10
N LEU D 50 -25.88 -10.29 -9.31
CA LEU D 50 -26.89 -9.68 -10.17
C LEU D 50 -28.07 -10.62 -10.42
N GLN D 51 -27.84 -11.93 -10.47
CA GLN D 51 -28.96 -12.85 -10.66
C GLN D 51 -29.86 -12.83 -9.43
N SER D 52 -29.27 -12.77 -8.23
CA SER D 52 -30.05 -12.72 -6.99
C SER D 52 -30.81 -11.40 -6.80
N GLU D 53 -30.38 -10.30 -7.43
CA GLU D 53 -31.20 -9.09 -7.50
C GLU D 53 -32.36 -9.21 -8.48
N SER D 54 -32.24 -10.10 -9.47
CA SER D 54 -33.29 -10.38 -10.46
C SER D 54 -32.92 -11.55 -11.34
N ASN D 55 -33.66 -12.65 -11.25
CA ASN D 55 -33.39 -13.84 -12.07
C ASN D 55 -33.60 -13.62 -13.57
N LYS D 56 -34.26 -12.53 -13.95
CA LYS D 56 -34.58 -12.30 -15.35
C LYS D 56 -34.22 -10.91 -15.79
N LYS D 57 -33.58 -10.12 -14.96
CA LYS D 57 -33.25 -8.88 -15.64
C LYS D 57 -31.91 -9.04 -16.36
N PRO D 58 -31.79 -8.49 -17.57
CA PRO D 58 -30.54 -8.65 -18.34
C PRO D 58 -29.34 -7.96 -17.70
N ILE D 59 -28.20 -8.65 -17.80
CA ILE D 59 -26.87 -8.19 -17.38
C ILE D 59 -26.06 -7.80 -18.63
N HIS D 60 -25.15 -6.84 -18.45
CA HIS D 60 -24.23 -6.40 -19.50
C HIS D 60 -22.77 -6.64 -19.13
N MET D 61 -22.10 -7.51 -19.89
CA MET D 61 -20.65 -7.65 -19.84
C MET D 61 -20.02 -6.73 -20.88
N TYR D 62 -19.26 -5.77 -20.39
CA TYR D 62 -18.32 -4.98 -21.18
C TYR D 62 -17.01 -5.76 -21.24
N ILE D 63 -16.63 -6.22 -22.44
CA ILE D 63 -15.38 -6.96 -22.61
C ILE D 63 -14.39 -6.10 -23.37
N ASN D 64 -13.24 -5.86 -22.75
CA ASN D 64 -12.04 -5.41 -23.45
C ASN D 64 -10.92 -6.24 -22.85
N SER D 65 -10.52 -7.30 -23.54
CA SER D 65 -9.55 -8.24 -22.99
C SER D 65 -8.75 -8.95 -24.07
N PRO D 66 -7.46 -9.16 -23.83
CA PRO D 66 -6.62 -9.95 -24.75
C PRO D 66 -6.57 -11.43 -24.43
N GLY D 67 -7.40 -11.95 -23.55
CA GLY D 67 -7.34 -13.36 -23.22
C GLY D 67 -7.00 -13.61 -21.77
N GLY D 68 -6.53 -14.80 -21.44
CA GLY D 68 -6.22 -15.15 -20.07
C GLY D 68 -6.14 -16.65 -19.90
N VAL D 69 -5.95 -17.04 -18.66
CA VAL D 69 -5.99 -18.44 -18.26
C VAL D 69 -7.25 -19.11 -18.80
N VAL D 70 -7.07 -20.21 -19.53
CA VAL D 70 -8.21 -20.92 -20.11
C VAL D 70 -9.16 -21.44 -19.02
N THR D 71 -8.63 -22.05 -17.96
CA THR D 71 -9.56 -22.56 -16.95
C THR D 71 -10.30 -21.42 -16.28
N ALA D 72 -9.62 -20.30 -16.00
CA ALA D 72 -10.29 -19.15 -15.40
C ALA D 72 -11.33 -18.57 -16.35
N GLY D 73 -11.05 -18.59 -17.65
CA GLY D 73 -12.05 -18.18 -18.62
C GLY D 73 -13.27 -19.09 -18.62
N LEU D 74 -13.03 -20.43 -18.64
CA LEU D 74 -14.14 -21.38 -18.69
C LEU D 74 -14.99 -21.34 -17.43
N ALA D 75 -14.38 -21.03 -16.28
CA ALA D 75 -15.17 -20.73 -15.08
C ALA D 75 -16.20 -19.64 -15.36
N ILE D 76 -15.78 -18.51 -15.96
CA ILE D 76 -16.73 -17.45 -16.27
C ILE D 76 -17.74 -17.93 -17.31
N TYR D 77 -17.27 -18.57 -18.40
CA TYR D 77 -18.21 -19.06 -19.40
C TYR D 77 -19.31 -19.88 -18.73
N ASP D 78 -18.92 -20.71 -17.74
CA ASP D 78 -19.86 -21.63 -17.12
C ASP D 78 -20.84 -20.91 -16.19
N THR D 79 -20.33 -19.97 -15.39
CA THR D 79 -21.25 -19.10 -14.65
C THR D 79 -22.24 -18.44 -15.60
N MET D 80 -21.73 -17.82 -16.67
CA MET D 80 -22.59 -17.21 -17.69
C MET D 80 -23.67 -18.18 -18.19
N GLN D 81 -23.33 -19.47 -18.34
CA GLN D 81 -24.31 -20.44 -18.82
C GLN D 81 -25.32 -20.80 -17.74
N TYR D 82 -24.86 -20.96 -16.51
CA TYR D 82 -25.68 -21.25 -15.33
C TYR D 82 -26.80 -20.25 -15.09
N ILE D 83 -26.44 -19.00 -14.78
CA ILE D 83 -27.41 -18.02 -14.33
C ILE D 83 -28.55 -17.86 -15.34
N LEU D 84 -29.72 -17.52 -14.86
CA LEU D 84 -30.87 -17.44 -15.74
C LEU D 84 -30.92 -16.14 -16.53
N ASN D 85 -29.98 -15.23 -16.30
CA ASN D 85 -30.23 -13.93 -16.87
C ASN D 85 -29.87 -13.94 -18.35
N PRO D 86 -30.66 -13.27 -19.19
CA PRO D 86 -30.14 -12.84 -20.49
C PRO D 86 -28.93 -11.96 -20.23
N ILE D 87 -27.82 -12.24 -20.94
CA ILE D 87 -26.60 -11.44 -20.82
C ILE D 87 -26.30 -10.82 -22.17
N CYS D 88 -26.20 -9.47 -22.22
CA CYS D 88 -25.70 -8.77 -23.39
C CYS D 88 -24.19 -8.60 -23.25
N THR D 89 -23.45 -9.08 -24.24
CA THR D 89 -22.01 -8.81 -24.27
C THR D 89 -21.71 -7.62 -25.17
N TRP D 90 -20.69 -6.87 -24.78
CA TRP D 90 -20.21 -5.75 -25.58
C TRP D 90 -18.70 -5.82 -25.71
N CYS D 91 -18.20 -5.79 -26.96
CA CYS D 91 -16.78 -5.74 -27.22
C CYS D 91 -16.31 -4.31 -27.50
N VAL D 92 -15.30 -3.89 -26.74
CA VAL D 92 -14.75 -2.54 -26.75
C VAL D 92 -13.22 -2.63 -26.81
N GLY D 93 -12.62 -1.93 -27.75
CA GLY D 93 -11.18 -2.08 -27.88
C GLY D 93 -10.76 -3.41 -28.49
N GLN D 94 -10.93 -4.50 -27.76
CA GLN D 94 -10.56 -5.78 -28.31
C GLN D 94 -11.20 -6.87 -27.47
N ALA D 95 -11.24 -8.07 -28.07
CA ALA D 95 -11.58 -9.32 -27.37
C ALA D 95 -10.84 -10.43 -28.11
N ALA D 96 -9.75 -10.89 -27.52
CA ALA D 96 -8.91 -11.90 -28.16
C ALA D 96 -8.84 -13.12 -27.27
N SER D 97 -8.79 -14.29 -27.90
CA SER D 97 -8.69 -15.57 -27.19
C SER D 97 -9.93 -15.77 -26.32
N MET D 98 -9.78 -16.04 -25.01
CA MET D 98 -10.94 -16.22 -24.13
C MET D 98 -11.81 -14.99 -24.02
N GLY D 99 -11.23 -13.80 -24.21
CA GLY D 99 -12.07 -12.61 -24.30
C GLY D 99 -13.16 -12.78 -25.35
N SER D 100 -12.76 -13.17 -26.56
CA SER D 100 -13.75 -13.35 -27.62
C SER D 100 -14.68 -14.53 -27.36
N LEU D 101 -14.26 -15.50 -26.54
CA LEU D 101 -15.17 -16.59 -26.20
C LEU D 101 -16.27 -16.12 -25.24
N LEU D 102 -15.91 -15.25 -24.27
CA LEU D 102 -16.95 -14.64 -23.44
C LEU D 102 -17.85 -13.74 -24.27
N LEU D 103 -17.27 -13.05 -25.27
CA LEU D 103 -18.05 -12.25 -26.22
C LEU D 103 -19.07 -13.12 -26.96
N ALA D 104 -18.62 -14.22 -27.55
CA ALA D 104 -19.52 -15.07 -28.32
C ALA D 104 -20.60 -15.72 -27.46
N ALA D 105 -20.40 -15.80 -26.14
CA ALA D 105 -21.30 -16.60 -25.33
C ALA D 105 -22.43 -15.80 -24.72
N GLY D 106 -22.64 -14.56 -25.11
CA GLY D 106 -23.82 -13.84 -24.69
C GLY D 106 -25.11 -14.46 -25.22
N THR D 107 -26.24 -13.94 -24.75
CA THR D 107 -27.54 -14.42 -25.22
C THR D 107 -27.60 -14.26 -26.74
N PRO D 108 -27.99 -15.30 -27.48
CA PRO D 108 -28.14 -15.15 -28.93
C PRO D 108 -28.81 -13.83 -29.29
N GLY D 109 -28.19 -13.06 -30.18
CA GLY D 109 -28.68 -11.76 -30.58
C GLY D 109 -28.41 -10.64 -29.60
N MET D 110 -27.83 -10.93 -28.44
CA MET D 110 -27.44 -9.86 -27.53
C MET D 110 -25.93 -9.57 -27.49
N ARG D 111 -25.14 -10.11 -28.44
CA ARG D 111 -23.68 -9.95 -28.47
C ARG D 111 -23.30 -8.82 -29.43
N HIS D 112 -22.58 -7.80 -28.93
CA HIS D 112 -22.35 -6.55 -29.67
C HIS D 112 -20.86 -6.19 -29.74
N SER D 113 -20.51 -5.41 -30.77
CA SER D 113 -19.22 -4.73 -30.82
C SER D 113 -19.43 -3.26 -31.18
N LEU D 114 -18.61 -2.41 -30.62
CA LEU D 114 -18.49 -1.09 -31.18
C LEU D 114 -17.64 -1.15 -32.45
N PRO D 115 -17.69 -0.13 -33.30
CA PRO D 115 -17.18 -0.30 -34.68
C PRO D 115 -15.70 -0.60 -34.79
N ASN D 116 -14.86 -0.04 -33.93
CA ASN D 116 -13.42 -0.06 -34.12
C ASN D 116 -12.72 -1.18 -33.36
N SER D 117 -13.48 -2.04 -32.68
CA SER D 117 -12.97 -3.19 -31.96
C SER D 117 -12.26 -4.19 -32.89
N ARG D 118 -11.31 -4.93 -32.34
CA ARG D 118 -10.64 -6.03 -33.01
C ARG D 118 -10.93 -7.30 -32.25
N ILE D 119 -11.31 -8.37 -32.97
CA ILE D 119 -11.80 -9.60 -32.38
C ILE D 119 -10.93 -10.76 -32.87
N MET D 120 -10.34 -11.51 -31.94
CA MET D 120 -9.51 -12.65 -32.33
C MET D 120 -9.95 -13.92 -31.61
N ILE D 121 -10.09 -15.01 -32.37
CA ILE D 121 -10.39 -16.33 -31.78
C ILE D 121 -9.17 -17.27 -31.76
N HIS D 122 -8.09 -16.93 -32.44
CA HIS D 122 -6.86 -17.71 -32.36
C HIS D 122 -6.28 -17.64 -30.96
N GLN D 123 -5.67 -18.74 -30.51
CA GLN D 123 -5.14 -18.81 -29.14
C GLN D 123 -3.63 -18.58 -29.15
N PRO D 124 -3.13 -17.40 -28.73
CA PRO D 124 -1.68 -17.15 -28.82
C PRO D 124 -0.87 -18.05 -27.89
N SER D 125 0.32 -18.41 -28.36
CA SER D 125 1.09 -19.58 -27.89
C SER D 125 1.46 -19.61 -26.39
N ALA D 136 1.37 -25.41 -15.57
CA ALA D 136 2.10 -26.41 -16.36
C ALA D 136 1.26 -27.67 -16.49
N ILE D 137 1.35 -28.33 -17.64
CA ILE D 137 0.40 -29.38 -18.01
C ILE D 137 1.04 -30.33 -19.01
N GLN D 138 0.44 -31.50 -19.18
CA GLN D 138 0.82 -32.47 -20.19
C GLN D 138 0.21 -32.12 -21.54
N ALA D 139 0.63 -32.85 -22.57
CA ALA D 139 0.20 -32.55 -23.93
C ALA D 139 -1.26 -32.91 -24.15
N GLU D 140 -1.66 -34.10 -23.70
CA GLU D 140 -3.06 -34.51 -23.85
C GLU D 140 -4.00 -33.52 -23.18
N GLU D 141 -3.53 -32.89 -22.10
CA GLU D 141 -4.37 -31.96 -21.37
C GLU D 141 -4.56 -30.64 -22.13
N ILE D 142 -3.57 -30.20 -22.90
CA ILE D 142 -3.79 -28.98 -23.66
C ILE D 142 -4.72 -29.24 -24.83
N MET D 143 -4.58 -30.41 -25.45
CA MET D 143 -5.52 -30.73 -26.51
C MET D 143 -6.91 -30.97 -25.94
N LYS D 144 -7.00 -31.54 -24.74
CA LYS D 144 -8.29 -31.56 -24.06
C LYS D 144 -8.85 -30.14 -24.01
N LEU D 145 -8.09 -29.19 -23.47
CA LEU D 145 -8.63 -27.84 -23.31
C LEU D 145 -8.94 -27.18 -24.67
N LYS D 146 -8.07 -27.41 -25.68
CA LYS D 146 -8.32 -26.83 -27.00
C LYS D 146 -9.66 -27.29 -27.55
N LYS D 147 -9.92 -28.59 -27.47
CA LYS D 147 -11.17 -29.19 -27.93
C LYS D 147 -12.39 -28.55 -27.24
N GLN D 148 -12.31 -28.36 -25.92
CA GLN D 148 -13.40 -27.69 -25.23
C GLN D 148 -13.68 -26.32 -25.80
N LEU D 149 -12.63 -25.58 -26.17
CA LEU D 149 -12.84 -24.29 -26.82
C LEU D 149 -13.45 -24.46 -28.21
N TYR D 150 -13.01 -25.48 -28.95
CA TYR D 150 -13.61 -25.76 -30.24
C TYR D 150 -15.12 -25.91 -30.11
N ASN D 151 -15.55 -26.73 -29.14
CA ASN D 151 -16.98 -27.01 -29.00
C ASN D 151 -17.76 -25.79 -28.52
N ILE D 152 -17.17 -24.98 -27.63
CA ILE D 152 -17.85 -23.75 -27.22
C ILE D 152 -18.02 -22.82 -28.40
N TYR D 153 -16.92 -22.54 -29.12
CA TYR D 153 -17.02 -21.66 -30.28
C TYR D 153 -17.96 -22.25 -31.32
N ALA D 154 -17.83 -23.56 -31.59
CA ALA D 154 -18.72 -24.21 -32.54
C ALA D 154 -20.18 -23.95 -32.19
N LYS D 155 -20.53 -24.16 -30.89
CA LYS D 155 -21.89 -24.01 -30.35
C LYS D 155 -22.52 -22.68 -30.69
N HIS D 156 -21.87 -21.58 -30.27
CA HIS D 156 -22.49 -20.25 -30.31
C HIS D 156 -22.34 -19.54 -31.66
N THR D 157 -21.22 -19.76 -32.39
CA THR D 157 -21.13 -19.24 -33.75
C THR D 157 -22.06 -20.00 -34.71
N LYS D 158 -22.37 -21.25 -34.37
CA LYS D 158 -23.14 -22.16 -35.23
C LYS D 158 -22.31 -22.62 -36.41
N GLN D 159 -20.99 -22.58 -36.24
CA GLN D 159 -20.06 -23.09 -37.24
C GLN D 159 -19.74 -24.53 -36.91
N SER D 160 -19.21 -25.23 -37.91
CA SER D 160 -18.75 -26.59 -37.74
C SER D 160 -17.44 -26.62 -36.97
N LEU D 161 -17.19 -27.76 -36.31
CA LEU D 161 -15.86 -28.00 -35.76
C LEU D 161 -14.79 -27.68 -36.81
N GLN D 162 -14.83 -28.34 -37.99
CA GLN D 162 -13.80 -28.14 -39.01
C GLN D 162 -13.48 -26.67 -39.26
N VAL D 163 -14.51 -25.82 -39.28
CA VAL D 163 -14.35 -24.40 -39.59
C VAL D 163 -13.73 -23.67 -38.41
N ILE D 164 -14.26 -23.89 -37.20
CA ILE D 164 -13.62 -23.37 -36.00
C ILE D 164 -12.13 -23.77 -35.97
N GLU D 165 -11.83 -25.07 -36.12
CA GLU D 165 -10.45 -25.54 -35.93
C GLU D 165 -9.46 -24.82 -36.87
N SER D 166 -9.88 -24.43 -38.09
CA SER D 166 -8.90 -23.77 -38.96
C SER D 166 -8.89 -22.25 -38.81
N ALA D 167 -10.05 -21.63 -38.59
CA ALA D 167 -10.09 -20.21 -38.28
C ALA D 167 -9.16 -19.87 -37.13
N MET D 168 -9.12 -20.73 -36.11
CA MET D 168 -8.33 -20.51 -34.90
C MET D 168 -6.86 -20.74 -35.14
N GLU D 169 -6.54 -21.42 -36.22
CA GLU D 169 -5.17 -21.66 -36.64
C GLU D 169 -4.59 -20.50 -37.42
N ARG D 170 -5.43 -19.55 -37.82
CA ARG D 170 -5.00 -18.33 -38.48
C ARG D 170 -4.75 -17.27 -37.43
N ASP D 171 -3.47 -16.98 -37.19
CA ASP D 171 -3.04 -15.91 -36.28
C ASP D 171 -3.40 -14.56 -36.90
N ARG D 172 -4.60 -14.08 -36.59
CA ARG D 172 -5.16 -12.89 -37.20
C ARG D 172 -6.35 -12.41 -36.38
N TYR D 173 -6.75 -11.16 -36.64
CA TYR D 173 -7.88 -10.51 -35.99
C TYR D 173 -9.02 -10.32 -36.99
N MET D 174 -10.27 -10.35 -36.51
CA MET D 174 -11.41 -10.00 -37.34
C MET D 174 -12.00 -8.66 -36.93
N SER D 175 -12.47 -7.93 -37.94
CA SER D 175 -13.21 -6.71 -37.68
C SER D 175 -14.53 -7.05 -37.00
N PRO D 176 -15.18 -6.08 -36.37
CA PRO D 176 -16.51 -6.38 -35.84
C PRO D 176 -17.41 -6.90 -36.92
N MET D 177 -17.21 -6.47 -38.18
CA MET D 177 -18.13 -6.91 -39.21
C MET D 177 -17.86 -8.34 -39.65
N GLU D 178 -16.60 -8.74 -39.79
CA GLU D 178 -16.35 -10.14 -40.09
C GLU D 178 -16.72 -11.02 -38.91
N ALA D 179 -16.48 -10.56 -37.68
CA ALA D 179 -16.85 -11.34 -36.52
C ALA D 179 -18.36 -11.59 -36.50
N GLN D 180 -19.15 -10.59 -36.92
CA GLN D 180 -20.59 -10.75 -37.00
C GLN D 180 -20.97 -11.80 -38.04
N GLU D 181 -20.29 -11.78 -39.21
CA GLU D 181 -20.55 -12.77 -40.26
C GLU D 181 -20.03 -14.16 -39.88
N PHE D 182 -19.03 -14.26 -39.00
CA PHE D 182 -18.54 -15.57 -38.55
C PHE D 182 -19.42 -16.18 -37.47
N GLY D 183 -20.11 -15.36 -36.67
CA GLY D 183 -20.96 -15.85 -35.61
C GLY D 183 -20.63 -15.33 -34.23
N ILE D 184 -19.45 -14.73 -34.05
CA ILE D 184 -19.03 -14.31 -32.71
C ILE D 184 -20.02 -13.31 -32.12
N LEU D 185 -20.52 -12.37 -32.91
CA LEU D 185 -21.46 -11.40 -32.40
C LEU D 185 -22.62 -11.22 -33.39
N ASP D 186 -23.55 -10.38 -33.00
CA ASP D 186 -24.82 -10.20 -33.69
C ASP D 186 -25.01 -8.81 -34.24
N LYS D 187 -24.57 -7.78 -33.53
CA LYS D 187 -24.73 -6.42 -34.01
C LYS D 187 -23.44 -5.61 -33.79
N VAL D 188 -23.11 -4.74 -34.76
CA VAL D 188 -22.04 -3.77 -34.69
C VAL D 188 -22.69 -2.40 -34.61
N LEU D 189 -22.65 -1.71 -33.45
CA LEU D 189 -23.41 -0.46 -33.28
C LEU D 189 -22.52 0.76 -33.10
N VAL D 190 -22.94 1.90 -33.66
CA VAL D 190 -22.17 3.15 -33.65
C VAL D 190 -22.70 4.14 -32.62
N HIS D 191 -24.02 4.27 -32.52
CA HIS D 191 -24.75 5.19 -31.65
C HIS D 191 -25.89 4.41 -31.00
N PRO D 192 -26.47 4.93 -29.93
CA PRO D 192 -27.57 4.19 -29.29
C PRO D 192 -28.80 4.19 -30.18
N PRO D 193 -29.38 3.00 -30.48
CA PRO D 193 -30.75 2.93 -31.04
C PRO D 193 -31.73 3.94 -30.42
N LEU E 2 -10.60 -2.89 -8.42
CA LEU E 2 -10.30 -3.69 -7.23
C LEU E 2 -11.51 -4.47 -6.67
N ILE E 3 -12.38 -3.89 -5.82
CA ILE E 3 -13.53 -4.66 -5.30
C ILE E 3 -14.79 -3.81 -5.12
N PRO E 4 -15.88 -4.09 -5.85
CA PRO E 4 -17.08 -3.23 -5.79
C PRO E 4 -17.88 -3.41 -4.50
N ILE E 5 -18.84 -2.48 -4.30
CA ILE E 5 -19.69 -2.46 -3.13
C ILE E 5 -21.16 -2.56 -3.54
N VAL E 6 -21.91 -3.43 -2.86
CA VAL E 6 -23.34 -3.70 -3.11
C VAL E 6 -24.16 -3.28 -1.89
N VAL E 7 -25.47 -3.03 -2.12
CA VAL E 7 -26.41 -2.69 -1.02
C VAL E 7 -27.32 -3.87 -0.61
N ARG E 15 -28.12 -1.38 4.14
CA ARG E 15 -26.79 -1.82 4.58
C ARG E 15 -25.92 -2.20 3.32
N ALA E 16 -24.63 -1.90 3.37
CA ALA E 16 -23.71 -2.08 2.24
C ALA E 16 -22.59 -3.07 2.60
N TYR E 17 -22.31 -4.01 1.69
CA TYR E 17 -21.20 -4.94 1.79
C TYR E 17 -20.27 -4.76 0.57
N ASP E 18 -19.05 -5.30 0.68
CA ASP E 18 -18.34 -5.62 -0.54
C ASP E 18 -18.80 -6.98 -1.02
N ILE E 19 -18.53 -7.28 -2.29
CA ILE E 19 -19.16 -8.46 -2.89
C ILE E 19 -18.70 -9.73 -2.20
N TYR E 20 -17.45 -9.77 -1.73
CA TYR E 20 -16.95 -10.99 -1.14
C TYR E 20 -17.49 -11.18 0.25
N SER E 21 -17.83 -10.06 0.91
CA SER E 21 -18.56 -10.07 2.16
C SER E 21 -20.02 -10.39 1.92
N ARG E 22 -20.63 -9.80 0.89
CA ARG E 22 -22.00 -10.14 0.55
C ARG E 22 -22.14 -11.64 0.29
N LEU E 23 -21.12 -12.25 -0.32
CA LEU E 23 -21.11 -13.69 -0.55
C LEU E 23 -21.10 -14.45 0.77
N LEU E 24 -20.32 -13.96 1.73
CA LEU E 24 -20.25 -14.64 3.01
C LEU E 24 -21.59 -14.55 3.72
N ARG E 25 -22.31 -13.43 3.53
CA ARG E 25 -23.66 -13.35 4.07
C ARG E 25 -24.55 -14.41 3.42
N GLU E 26 -24.20 -14.85 2.22
CA GLU E 26 -24.89 -15.94 1.52
C GLU E 26 -24.44 -17.33 1.95
N ARG E 27 -23.54 -17.46 2.95
CA ARG E 27 -22.98 -18.74 3.42
C ARG E 27 -22.04 -19.39 2.40
N ILE E 28 -21.35 -18.55 1.63
CA ILE E 28 -20.47 -18.97 0.55
C ILE E 28 -19.04 -18.64 0.92
N VAL E 29 -18.16 -19.62 0.76
CA VAL E 29 -16.75 -19.53 1.11
C VAL E 29 -16.00 -19.86 -0.17
N CYS E 30 -15.31 -18.87 -0.74
CA CYS E 30 -14.48 -19.11 -1.93
C CYS E 30 -13.18 -19.79 -1.53
N VAL E 31 -12.76 -20.76 -2.32
CA VAL E 31 -11.39 -21.25 -2.25
C VAL E 31 -10.82 -21.02 -3.63
N MET E 32 -9.95 -20.04 -3.76
CA MET E 32 -9.62 -19.45 -5.05
C MET E 32 -8.09 -19.34 -5.14
N GLY E 33 -7.52 -20.12 -6.05
CA GLY E 33 -6.10 -20.09 -6.26
C GLY E 33 -5.34 -20.95 -5.28
N PRO E 34 -4.04 -20.73 -5.17
CA PRO E 34 -3.20 -21.67 -4.43
C PRO E 34 -3.48 -21.60 -2.93
N ILE E 35 -3.45 -22.79 -2.31
CA ILE E 35 -3.76 -22.91 -0.90
C ILE E 35 -2.46 -22.81 -0.11
N ASP E 36 -2.40 -21.82 0.78
CA ASP E 36 -1.32 -21.67 1.74
C ASP E 36 -1.94 -21.49 3.12
N ASP E 37 -1.09 -21.29 4.13
CA ASP E 37 -1.57 -21.15 5.49
C ASP E 37 -2.61 -20.04 5.63
N SER E 38 -2.39 -18.90 4.98
CA SER E 38 -3.29 -17.78 5.21
C SER E 38 -4.60 -17.92 4.45
N VAL E 39 -4.60 -18.56 3.28
CA VAL E 39 -5.88 -19.00 2.70
C VAL E 39 -6.62 -19.87 3.72
N ALA E 40 -5.90 -20.84 4.31
CA ALA E 40 -6.54 -21.80 5.21
C ALA E 40 -7.14 -21.13 6.44
N SER E 41 -6.42 -20.19 7.04
CA SER E 41 -6.93 -19.52 8.22
C SER E 41 -8.11 -18.62 7.88
N LEU E 42 -8.08 -18.01 6.69
CA LEU E 42 -9.23 -17.26 6.23
C LEU E 42 -10.42 -18.17 5.93
N VAL E 43 -10.15 -19.36 5.44
CA VAL E 43 -11.26 -20.24 5.12
C VAL E 43 -11.83 -20.86 6.39
N ILE E 44 -10.95 -21.21 7.33
CA ILE E 44 -11.40 -21.89 8.55
C ILE E 44 -12.21 -20.94 9.42
N ALA E 45 -11.73 -19.69 9.55
CA ALA E 45 -12.50 -18.58 10.09
C ALA E 45 -13.93 -18.55 9.58
N GLN E 46 -14.08 -18.47 8.27
CA GLN E 46 -15.41 -18.36 7.70
C GLN E 46 -16.24 -19.59 7.99
N LEU E 47 -15.63 -20.77 7.90
CA LEU E 47 -16.35 -22.00 8.19
C LEU E 47 -16.88 -22.00 9.63
N LEU E 48 -16.02 -21.68 10.60
CA LEU E 48 -16.45 -21.60 11.98
C LEU E 48 -17.50 -20.52 12.16
N PHE E 49 -17.24 -19.34 11.61
CA PHE E 49 -18.22 -18.26 11.71
C PHE E 49 -19.59 -18.72 11.21
N LEU E 50 -19.61 -19.40 10.06
CA LEU E 50 -20.88 -19.83 9.49
C LEU E 50 -21.59 -20.83 10.39
N GLN E 51 -20.85 -21.82 10.94
CA GLN E 51 -21.46 -22.81 11.83
C GLN E 51 -21.96 -22.20 13.11
N SER E 52 -21.24 -21.19 13.63
CA SER E 52 -21.75 -20.42 14.77
C SER E 52 -23.09 -19.76 14.47
N GLU E 53 -23.26 -19.26 13.24
CA GLU E 53 -24.51 -18.61 12.81
C GLU E 53 -25.67 -19.60 12.72
N SER E 54 -25.37 -20.88 12.53
CA SER E 54 -26.32 -21.96 12.30
C SER E 54 -25.50 -23.20 12.02
N ASN E 55 -25.80 -24.31 12.68
CA ASN E 55 -25.06 -25.53 12.44
C ASN E 55 -25.85 -26.50 11.59
N LYS E 56 -27.05 -26.10 11.18
CA LYS E 56 -27.88 -26.97 10.37
C LYS E 56 -27.90 -26.50 8.93
N LYS E 57 -27.89 -25.20 8.73
CA LYS E 57 -27.92 -24.62 7.39
C LYS E 57 -26.63 -24.96 6.63
N PRO E 58 -26.72 -25.40 5.37
CA PRO E 58 -25.52 -25.74 4.62
C PRO E 58 -24.67 -24.52 4.34
N ILE E 59 -23.35 -24.78 4.21
CA ILE E 59 -22.30 -23.87 3.79
C ILE E 59 -22.00 -24.21 2.33
N HIS E 60 -21.47 -23.25 1.57
CA HIS E 60 -21.06 -23.53 0.19
C HIS E 60 -19.60 -23.15 -0.02
N MET E 61 -18.76 -24.15 -0.34
CA MET E 61 -17.36 -23.95 -0.69
C MET E 61 -17.24 -23.94 -2.21
N TYR E 62 -16.97 -22.77 -2.78
CA TYR E 62 -16.63 -22.63 -4.19
C TYR E 62 -15.13 -22.82 -4.34
N ILE E 63 -14.71 -23.89 -5.02
CA ILE E 63 -13.29 -24.22 -5.21
C ILE E 63 -12.90 -24.01 -6.67
N ASN E 64 -11.93 -23.12 -6.88
CA ASN E 64 -11.20 -23.01 -8.15
C ASN E 64 -9.73 -22.80 -7.76
N SER E 65 -8.96 -23.89 -7.77
CA SER E 65 -7.65 -23.94 -7.15
C SER E 65 -6.78 -25.00 -7.82
N PRO E 66 -5.50 -24.72 -8.04
CA PRO E 66 -4.54 -25.75 -8.44
C PRO E 66 -3.87 -26.47 -7.27
N GLY E 67 -4.36 -26.27 -6.04
CA GLY E 67 -3.76 -26.87 -4.88
C GLY E 67 -2.94 -25.89 -4.06
N GLY E 68 -2.05 -26.46 -3.26
CA GLY E 68 -1.21 -25.65 -2.39
C GLY E 68 -0.52 -26.52 -1.36
N VAL E 69 -0.01 -25.86 -0.31
CA VAL E 69 0.58 -26.50 0.86
C VAL E 69 -0.31 -27.64 1.35
N VAL E 70 0.23 -28.86 1.39
CA VAL E 70 -0.60 -29.99 1.83
C VAL E 70 -1.14 -29.76 3.24
N THR E 71 -0.30 -29.29 4.17
CA THR E 71 -0.78 -29.18 5.54
C THR E 71 -1.86 -28.11 5.64
N ALA E 72 -1.69 -27.01 4.89
CA ALA E 72 -2.73 -25.99 4.87
C ALA E 72 -4.04 -26.54 4.33
N GLY E 73 -3.96 -27.38 3.29
CA GLY E 73 -5.17 -27.98 2.77
C GLY E 73 -5.77 -28.99 3.73
N LEU E 74 -4.91 -29.79 4.37
CA LEU E 74 -5.36 -30.71 5.40
C LEU E 74 -6.09 -29.96 6.52
N ALA E 75 -5.58 -28.79 6.91
CA ALA E 75 -6.25 -28.01 7.94
C ALA E 75 -7.68 -27.70 7.55
N ILE E 76 -7.93 -27.30 6.29
CA ILE E 76 -9.30 -26.98 5.86
C ILE E 76 -10.15 -28.25 5.81
N TYR E 77 -9.63 -29.32 5.19
CA TYR E 77 -10.31 -30.60 5.24
C TYR E 77 -10.87 -30.90 6.63
N ASP E 78 -10.02 -30.84 7.66
CA ASP E 78 -10.43 -31.24 9.01
C ASP E 78 -11.52 -30.33 9.55
N THR E 79 -11.35 -29.03 9.38
CA THR E 79 -12.39 -28.07 9.73
C THR E 79 -13.71 -28.40 9.07
N MET E 80 -13.68 -28.72 7.76
CA MET E 80 -14.88 -29.22 7.10
C MET E 80 -15.46 -30.38 7.87
N GLN E 81 -14.62 -31.41 8.08
CA GLN E 81 -15.07 -32.61 8.78
C GLN E 81 -15.48 -32.34 10.24
N TYR E 82 -14.91 -31.32 10.89
CA TYR E 82 -15.34 -30.97 12.24
C TYR E 82 -16.73 -30.37 12.25
N ILE E 83 -16.97 -29.36 11.40
CA ILE E 83 -18.24 -28.64 11.48
C ILE E 83 -19.40 -29.58 11.12
N LEU E 84 -20.55 -29.28 11.71
CA LEU E 84 -21.77 -30.07 11.62
C LEU E 84 -22.55 -29.82 10.34
N ASN E 85 -22.34 -28.70 9.66
CA ASN E 85 -23.26 -28.32 8.61
C ASN E 85 -23.07 -29.23 7.40
N PRO E 86 -24.15 -29.60 6.72
CA PRO E 86 -23.98 -30.09 5.35
C PRO E 86 -23.12 -29.10 4.57
N ILE E 87 -22.21 -29.61 3.73
CA ILE E 87 -21.33 -28.74 2.97
C ILE E 87 -21.42 -29.08 1.49
N CYS E 88 -21.82 -28.09 0.69
CA CYS E 88 -21.87 -28.26 -0.75
C CYS E 88 -20.59 -27.71 -1.36
N THR E 89 -19.74 -28.60 -1.87
CA THR E 89 -18.60 -28.14 -2.63
C THR E 89 -19.03 -27.86 -4.07
N TRP E 90 -18.37 -26.85 -4.68
CA TRP E 90 -18.58 -26.43 -6.06
C TRP E 90 -17.23 -26.26 -6.79
N CYS E 91 -16.99 -27.10 -7.80
CA CYS E 91 -15.83 -26.93 -8.68
C CYS E 91 -16.15 -26.02 -9.88
N VAL E 92 -15.25 -25.07 -10.10
CA VAL E 92 -15.35 -23.99 -11.09
C VAL E 92 -13.97 -23.85 -11.69
N GLY E 93 -13.87 -23.81 -13.02
CA GLY E 93 -12.55 -23.78 -13.62
C GLY E 93 -11.74 -25.06 -13.45
N GLN E 94 -11.23 -25.27 -12.24
CA GLN E 94 -10.45 -26.44 -11.91
C GLN E 94 -10.40 -26.63 -10.40
N ALA E 95 -10.27 -27.90 -9.97
CA ALA E 95 -9.81 -28.23 -8.62
C ALA E 95 -8.76 -29.32 -8.75
N ALA E 96 -7.50 -28.97 -8.55
CA ALA E 96 -6.41 -29.88 -8.78
C ALA E 96 -5.59 -30.09 -7.51
N SER E 97 -5.10 -31.31 -7.32
CA SER E 97 -4.28 -31.69 -6.18
C SER E 97 -5.09 -31.41 -4.91
N MET E 98 -4.63 -30.56 -3.99
CA MET E 98 -5.34 -30.33 -2.73
C MET E 98 -6.76 -29.84 -2.95
N GLY E 99 -6.94 -28.89 -3.86
CA GLY E 99 -8.26 -28.50 -4.28
C GLY E 99 -9.20 -29.67 -4.53
N SER E 100 -8.75 -30.68 -5.27
CA SER E 100 -9.67 -31.79 -5.52
C SER E 100 -9.99 -32.55 -4.23
N LEU E 101 -9.06 -32.57 -3.27
CA LEU E 101 -9.33 -33.25 -2.01
C LEU E 101 -10.56 -32.64 -1.32
N LEU E 102 -10.55 -31.31 -1.11
CA LEU E 102 -11.69 -30.64 -0.46
C LEU E 102 -12.99 -30.82 -1.23
N LEU E 103 -12.99 -30.51 -2.54
CA LEU E 103 -14.11 -30.84 -3.42
C LEU E 103 -14.73 -32.20 -3.11
N ALA E 104 -13.87 -33.21 -2.99
CA ALA E 104 -14.29 -34.57 -2.71
C ALA E 104 -14.72 -34.75 -1.26
N ALA E 105 -14.41 -33.79 -0.38
CA ALA E 105 -14.82 -33.88 1.01
C ALA E 105 -16.11 -33.13 1.34
N GLY E 106 -16.77 -32.51 0.35
CA GLY E 106 -18.12 -32.04 0.56
C GLY E 106 -19.02 -33.17 1.05
N THR E 107 -20.09 -32.81 1.71
CA THR E 107 -20.85 -33.95 2.22
C THR E 107 -21.62 -34.62 1.09
N PRO E 108 -21.82 -35.97 1.16
CA PRO E 108 -22.29 -36.75 0.01
C PRO E 108 -23.55 -36.22 -0.70
N GLY E 109 -23.70 -36.52 -1.99
CA GLY E 109 -24.82 -35.99 -2.74
C GLY E 109 -24.83 -34.49 -2.91
N MET E 110 -23.86 -33.81 -2.31
CA MET E 110 -23.77 -32.36 -2.40
C MET E 110 -22.53 -31.86 -3.13
N ARG E 111 -21.73 -32.74 -3.72
CA ARG E 111 -20.52 -32.32 -4.40
C ARG E 111 -20.84 -32.09 -5.87
N HIS E 112 -20.69 -30.85 -6.34
CA HIS E 112 -20.94 -30.53 -7.72
C HIS E 112 -19.70 -29.94 -8.39
N SER E 113 -19.72 -29.98 -9.73
CA SER E 113 -18.85 -29.18 -10.59
C SER E 113 -19.71 -28.53 -11.68
N LEU E 114 -19.14 -27.56 -12.35
CA LEU E 114 -19.81 -27.04 -13.53
C LEU E 114 -19.26 -27.75 -14.76
N PRO E 115 -19.97 -27.66 -15.90
CA PRO E 115 -19.66 -28.60 -17.00
C PRO E 115 -18.22 -28.58 -17.46
N ASN E 116 -17.61 -27.40 -17.63
CA ASN E 116 -16.31 -27.29 -18.27
C ASN E 116 -15.13 -27.33 -17.28
N SER E 117 -15.31 -27.91 -16.10
CA SER E 117 -14.23 -27.91 -15.12
C SER E 117 -13.24 -29.06 -15.35
N ARG E 118 -12.10 -28.95 -14.70
CA ARG E 118 -11.04 -29.93 -14.78
C ARG E 118 -10.67 -30.33 -13.36
N ILE E 119 -10.48 -31.63 -13.12
CA ILE E 119 -10.30 -32.16 -11.77
C ILE E 119 -9.09 -33.09 -11.78
N MET E 120 -8.10 -32.79 -10.92
CA MET E 120 -6.88 -33.59 -10.86
C MET E 120 -6.60 -34.06 -9.44
N ILE E 121 -6.28 -35.35 -9.30
CA ILE E 121 -5.83 -35.87 -8.01
C ILE E 121 -4.36 -36.25 -8.02
N HIS E 122 -3.70 -36.26 -9.18
CA HIS E 122 -2.24 -36.31 -9.20
C HIS E 122 -1.68 -35.15 -8.39
N GLN E 123 -0.70 -35.47 -7.54
CA GLN E 123 -0.13 -34.47 -6.66
C GLN E 123 1.09 -33.91 -7.32
N PRO E 124 1.05 -32.73 -7.96
CA PRO E 124 2.19 -32.30 -8.77
C PRO E 124 3.46 -32.13 -7.93
N SER E 125 4.59 -32.31 -8.60
CA SER E 125 5.87 -32.67 -7.96
C SER E 125 6.52 -31.54 -7.16
N ALA E 136 10.75 -27.85 2.95
CA ALA E 136 11.80 -28.86 3.05
C ALA E 136 11.57 -29.78 4.24
N ILE E 137 11.29 -31.08 3.97
CA ILE E 137 11.08 -32.09 5.01
C ILE E 137 11.64 -33.43 4.53
N GLN E 138 11.81 -34.34 5.50
CA GLN E 138 12.42 -35.65 5.31
C GLN E 138 11.58 -36.53 4.38
N ALA E 139 12.22 -37.58 3.83
CA ALA E 139 11.57 -38.43 2.84
C ALA E 139 10.47 -39.30 3.47
N GLU E 140 10.71 -39.84 4.66
CA GLU E 140 9.66 -40.62 5.31
C GLU E 140 8.45 -39.75 5.63
N GLU E 141 8.71 -38.51 6.07
CA GLU E 141 7.64 -37.57 6.36
C GLU E 141 6.89 -37.12 5.09
N ILE E 142 7.52 -37.22 3.92
CA ILE E 142 6.75 -36.96 2.70
C ILE E 142 5.82 -38.13 2.36
N MET E 143 6.31 -39.36 2.51
CA MET E 143 5.44 -40.52 2.27
C MET E 143 4.30 -40.58 3.27
N LYS E 144 4.55 -40.25 4.55
CA LYS E 144 3.48 -40.19 5.53
C LYS E 144 2.36 -39.26 5.07
N LEU E 145 2.71 -38.07 4.57
CA LEU E 145 1.69 -37.13 4.10
C LEU E 145 0.91 -37.70 2.92
N LYS E 146 1.60 -38.45 2.04
CA LYS E 146 0.90 -38.95 0.87
C LYS E 146 -0.10 -40.03 1.26
N LYS E 147 0.24 -40.88 2.25
CA LYS E 147 -0.74 -41.89 2.69
C LYS E 147 -1.97 -41.23 3.26
N GLN E 148 -1.79 -40.12 3.97
CA GLN E 148 -2.92 -39.36 4.48
C GLN E 148 -3.91 -39.00 3.37
N LEU E 149 -3.41 -38.46 2.27
CA LEU E 149 -4.29 -38.11 1.15
C LEU E 149 -4.83 -39.35 0.45
N TYR E 150 -3.96 -40.36 0.22
CA TYR E 150 -4.44 -41.67 -0.21
C TYR E 150 -5.64 -42.11 0.62
N ASN E 151 -5.49 -42.05 1.95
CA ASN E 151 -6.58 -42.44 2.85
C ASN E 151 -7.78 -41.52 2.74
N ILE E 152 -7.55 -40.21 2.81
CA ILE E 152 -8.67 -39.26 2.71
C ILE E 152 -9.44 -39.49 1.42
N TYR E 153 -8.71 -39.70 0.31
CA TYR E 153 -9.38 -39.91 -0.98
C TYR E 153 -10.18 -41.23 -1.00
N ALA E 154 -9.57 -42.32 -0.54
CA ALA E 154 -10.29 -43.60 -0.50
C ALA E 154 -11.58 -43.48 0.33
N LYS E 155 -11.51 -42.76 1.46
CA LYS E 155 -12.71 -42.50 2.26
C LYS E 155 -13.80 -41.84 1.43
N HIS E 156 -13.52 -40.71 0.80
CA HIS E 156 -14.63 -39.97 0.23
C HIS E 156 -15.03 -40.40 -1.17
N THR E 157 -14.22 -41.19 -1.83
CA THR E 157 -14.65 -41.76 -3.09
C THR E 157 -15.07 -43.21 -2.97
N LYS E 158 -14.95 -43.80 -1.78
CA LYS E 158 -15.25 -45.20 -1.59
C LYS E 158 -14.49 -46.07 -2.60
N GLN E 159 -13.41 -45.56 -3.17
CA GLN E 159 -12.49 -46.41 -3.92
C GLN E 159 -11.47 -46.98 -2.96
N SER E 160 -10.85 -48.07 -3.38
CA SER E 160 -9.82 -48.74 -2.62
C SER E 160 -8.52 -47.94 -2.70
N LEU E 161 -7.59 -48.26 -1.77
CA LEU E 161 -6.27 -47.64 -1.80
C LEU E 161 -5.49 -48.02 -3.07
N GLN E 162 -5.57 -49.27 -3.52
CA GLN E 162 -4.87 -49.60 -4.75
C GLN E 162 -5.44 -48.81 -5.93
N VAL E 163 -6.73 -48.51 -5.91
CA VAL E 163 -7.28 -47.74 -7.01
C VAL E 163 -6.94 -46.25 -6.87
N ILE E 164 -6.78 -45.76 -5.64
CA ILE E 164 -6.41 -44.35 -5.45
C ILE E 164 -4.99 -44.12 -5.94
N GLU E 165 -4.02 -44.87 -5.41
CA GLU E 165 -2.62 -44.62 -5.74
C GLU E 165 -2.36 -44.72 -7.23
N SER E 166 -2.94 -45.71 -7.90
CA SER E 166 -2.77 -45.84 -9.34
C SER E 166 -3.19 -44.57 -10.07
N ALA E 167 -4.44 -44.16 -9.87
CA ALA E 167 -4.92 -42.90 -10.45
C ALA E 167 -4.01 -41.73 -10.08
N MET E 168 -3.61 -41.65 -8.81
CA MET E 168 -2.82 -40.51 -8.33
C MET E 168 -1.46 -40.42 -8.98
N GLU E 169 -1.09 -41.43 -9.75
CA GLU E 169 0.19 -41.50 -10.43
C GLU E 169 0.11 -41.03 -11.87
N ARG E 170 -1.07 -41.07 -12.45
CA ARG E 170 -1.28 -40.61 -13.82
C ARG E 170 -1.42 -39.10 -13.81
N ASP E 171 -0.39 -38.39 -14.29
CA ASP E 171 -0.40 -36.94 -14.40
C ASP E 171 -1.51 -36.44 -15.34
N ARG E 172 -2.76 -36.38 -14.87
CA ARG E 172 -3.84 -36.06 -15.80
C ARG E 172 -5.06 -35.49 -15.09
N TYR E 173 -5.84 -34.76 -15.86
CA TYR E 173 -7.16 -34.29 -15.45
C TYR E 173 -8.24 -35.30 -15.83
N MET E 174 -9.34 -35.24 -15.10
CA MET E 174 -10.59 -35.87 -15.46
C MET E 174 -11.59 -34.78 -15.75
N SER E 175 -12.55 -35.08 -16.62
CA SER E 175 -13.67 -34.20 -16.76
C SER E 175 -14.60 -34.38 -15.57
N PRO E 176 -15.52 -33.44 -15.35
CA PRO E 176 -16.56 -33.66 -14.35
C PRO E 176 -17.26 -35.02 -14.45
N MET E 177 -17.46 -35.61 -15.64
CA MET E 177 -18.15 -36.89 -15.62
C MET E 177 -17.20 -38.02 -15.21
N GLU E 178 -15.95 -38.02 -15.69
CA GLU E 178 -14.98 -38.97 -15.17
C GLU E 178 -14.88 -38.89 -13.64
N ALA E 179 -14.70 -37.67 -13.11
CA ALA E 179 -14.59 -37.44 -11.67
C ALA E 179 -15.88 -37.75 -10.92
N GLN E 180 -17.00 -37.76 -11.62
CA GLN E 180 -18.22 -38.21 -10.97
C GLN E 180 -18.21 -39.74 -10.81
N GLU E 181 -17.89 -40.47 -11.89
CA GLU E 181 -17.78 -41.93 -11.76
C GLU E 181 -16.68 -42.35 -10.78
N PHE E 182 -15.63 -41.54 -10.61
CA PHE E 182 -14.57 -41.94 -9.69
C PHE E 182 -15.00 -41.83 -8.23
N GLY E 183 -15.95 -40.96 -7.92
CA GLY E 183 -16.32 -40.69 -6.55
C GLY E 183 -15.90 -39.33 -6.02
N ILE E 184 -15.30 -38.47 -6.84
CA ILE E 184 -14.92 -37.16 -6.33
C ILE E 184 -16.14 -36.27 -6.14
N LEU E 185 -17.11 -36.39 -7.04
CA LEU E 185 -18.30 -35.56 -6.92
C LEU E 185 -19.54 -36.34 -7.30
N ASP E 186 -20.68 -35.70 -7.10
CA ASP E 186 -21.98 -36.32 -7.28
C ASP E 186 -22.80 -35.70 -8.41
N LYS E 187 -22.77 -34.40 -8.60
CA LYS E 187 -23.68 -33.74 -9.52
C LYS E 187 -22.86 -32.91 -10.52
N VAL E 188 -23.17 -33.04 -11.82
CA VAL E 188 -22.63 -32.16 -12.85
C VAL E 188 -23.79 -31.59 -13.68
N LEU E 189 -23.73 -30.29 -13.92
CA LEU E 189 -24.89 -29.61 -14.47
C LEU E 189 -24.65 -28.83 -15.78
N LEU F 2 -7.98 -10.05 1.05
CA LEU F 2 -9.04 -9.14 1.43
C LEU F 2 -9.90 -9.86 2.48
N ILE F 3 -9.99 -9.28 3.67
CA ILE F 3 -10.57 -9.95 4.83
C ILE F 3 -12.06 -9.62 4.82
N PRO F 4 -12.94 -10.62 4.95
CA PRO F 4 -14.37 -10.35 4.90
C PRO F 4 -14.88 -9.65 6.16
N ILE F 5 -16.05 -8.98 6.00
CA ILE F 5 -16.78 -8.34 7.08
C ILE F 5 -17.97 -9.19 7.48
N VAL F 6 -18.27 -9.18 8.78
CA VAL F 6 -19.47 -9.83 9.32
C VAL F 6 -20.15 -8.85 10.24
N VAL F 7 -21.47 -8.99 10.35
CA VAL F 7 -22.22 -8.26 11.39
C VAL F 7 -22.41 -9.10 12.65
N GLY F 13 -27.90 -3.22 19.84
CA GLY F 13 -27.73 -2.86 18.44
C GLY F 13 -27.01 -3.85 17.52
N GLU F 14 -26.23 -3.30 16.58
CA GLU F 14 -25.66 -4.05 15.44
C GLU F 14 -24.32 -3.45 15.04
N ARG F 15 -23.22 -4.22 15.19
CA ARG F 15 -21.88 -3.77 14.80
C ARG F 15 -21.27 -4.66 13.72
N ALA F 16 -20.28 -4.10 13.00
CA ALA F 16 -19.67 -4.72 11.83
C ALA F 16 -18.17 -4.97 12.06
N TYR F 17 -17.75 -6.23 11.95
CA TYR F 17 -16.37 -6.65 12.21
C TYR F 17 -15.75 -7.25 10.96
N ASP F 18 -14.47 -6.98 10.74
CA ASP F 18 -13.70 -7.90 9.91
C ASP F 18 -13.62 -9.25 10.61
N ILE F 19 -13.54 -10.34 9.83
CA ILE F 19 -13.75 -11.63 10.46
C ILE F 19 -12.72 -11.94 11.54
N TYR F 20 -11.53 -11.33 11.48
CA TYR F 20 -10.50 -11.74 12.43
C TYR F 20 -10.72 -11.10 13.80
N SER F 21 -11.22 -9.86 13.83
CA SER F 21 -11.65 -9.28 15.09
C SER F 21 -12.77 -10.11 15.69
N ARG F 22 -13.74 -10.48 14.87
CA ARG F 22 -14.83 -11.33 15.30
C ARG F 22 -14.30 -12.57 15.98
N LEU F 23 -13.25 -13.20 15.40
CA LEU F 23 -12.59 -14.34 16.04
C LEU F 23 -12.08 -14.00 17.42
N LEU F 24 -11.59 -12.78 17.60
CA LEU F 24 -11.07 -12.33 18.89
C LEU F 24 -12.19 -12.02 19.88
N ARG F 25 -13.35 -11.56 19.39
CA ARG F 25 -14.52 -11.44 20.26
C ARG F 25 -14.88 -12.80 20.87
N GLU F 26 -14.89 -13.85 20.04
CA GLU F 26 -15.05 -15.23 20.51
C GLU F 26 -13.99 -15.72 21.48
N ARG F 27 -13.10 -14.82 21.91
CA ARG F 27 -11.89 -15.14 22.67
C ARG F 27 -10.97 -16.12 21.95
N ILE F 28 -10.88 -16.06 20.62
CA ILE F 28 -9.92 -16.87 19.87
C ILE F 28 -8.76 -15.99 19.40
N VAL F 29 -7.54 -16.47 19.64
CA VAL F 29 -6.31 -15.89 19.10
C VAL F 29 -5.70 -16.88 18.13
N CYS F 30 -5.25 -16.40 16.96
CA CYS F 30 -4.58 -17.29 15.99
C CYS F 30 -3.06 -17.09 15.96
N VAL F 31 -2.35 -18.21 15.91
CA VAL F 31 -0.91 -18.22 15.65
C VAL F 31 -0.68 -18.97 14.33
N MET F 32 -0.94 -18.27 13.23
CA MET F 32 -0.88 -18.82 11.88
C MET F 32 0.48 -18.49 11.26
N GLY F 33 1.18 -19.51 10.80
CA GLY F 33 2.41 -19.30 10.09
C GLY F 33 3.58 -18.91 10.98
N PRO F 34 4.71 -18.59 10.35
CA PRO F 34 5.97 -18.42 11.10
C PRO F 34 5.88 -17.32 12.16
N ILE F 35 6.75 -17.44 13.16
CA ILE F 35 6.67 -16.68 14.41
C ILE F 35 7.83 -15.70 14.47
N ASP F 36 7.54 -14.41 14.59
CA ASP F 36 8.58 -13.43 14.85
C ASP F 36 8.08 -12.44 15.89
N ASP F 37 8.92 -11.45 16.20
CA ASP F 37 8.61 -10.51 17.25
C ASP F 37 7.28 -9.82 17.00
N SER F 38 6.95 -9.56 15.73
CA SER F 38 5.73 -8.81 15.49
C SER F 38 4.50 -9.69 15.64
N VAL F 39 4.57 -10.96 15.23
CA VAL F 39 3.52 -11.91 15.58
C VAL F 39 3.36 -11.98 17.09
N ALA F 40 4.49 -11.97 17.81
CA ALA F 40 4.48 -12.14 19.25
C ALA F 40 3.88 -10.93 19.94
N SER F 41 4.25 -9.73 19.50
CA SER F 41 3.56 -8.54 19.95
C SER F 41 2.05 -8.70 19.78
N LEU F 42 1.62 -9.21 18.62
CA LEU F 42 0.20 -9.31 18.33
C LEU F 42 -0.50 -10.34 19.22
N VAL F 43 0.16 -11.44 19.50
CA VAL F 43 -0.50 -12.47 20.29
C VAL F 43 -0.47 -12.09 21.75
N ILE F 44 0.61 -11.44 22.21
CA ILE F 44 0.62 -10.96 23.58
C ILE F 44 -0.43 -9.88 23.78
N ALA F 45 -0.52 -8.94 22.85
CA ALA F 45 -1.56 -7.91 22.93
C ALA F 45 -2.94 -8.53 23.06
N GLN F 46 -3.23 -9.54 22.25
CA GLN F 46 -4.54 -10.18 22.32
C GLN F 46 -4.72 -10.96 23.60
N LEU F 47 -3.66 -11.62 24.08
CA LEU F 47 -3.78 -12.44 25.28
C LEU F 47 -3.96 -11.58 26.52
N LEU F 48 -3.20 -10.50 26.65
CA LEU F 48 -3.39 -9.60 27.77
C LEU F 48 -4.72 -8.90 27.69
N PHE F 49 -5.27 -8.68 26.50
CA PHE F 49 -6.56 -8.01 26.41
C PHE F 49 -7.68 -8.94 26.85
N LEU F 50 -7.69 -10.17 26.31
CA LEU F 50 -8.67 -11.18 26.69
C LEU F 50 -8.65 -11.44 28.20
N GLN F 51 -7.46 -11.52 28.82
CA GLN F 51 -7.40 -11.68 30.27
C GLN F 51 -8.05 -10.48 30.98
N SER F 52 -7.98 -9.27 30.40
CA SER F 52 -8.57 -8.09 31.03
C SER F 52 -10.09 -8.04 30.90
N GLU F 53 -10.66 -8.71 29.89
CA GLU F 53 -12.11 -8.74 29.75
C GLU F 53 -12.76 -9.81 30.64
N SER F 54 -11.96 -10.74 31.17
CA SER F 54 -12.38 -11.82 32.04
C SER F 54 -11.18 -12.67 32.36
N ASN F 55 -10.65 -12.61 33.57
CA ASN F 55 -9.46 -13.45 33.72
C ASN F 55 -9.81 -14.91 34.03
N LYS F 56 -11.07 -15.25 34.24
CA LYS F 56 -11.31 -16.68 34.38
C LYS F 56 -11.84 -17.33 33.11
N LYS F 57 -12.52 -16.60 32.22
CA LYS F 57 -13.04 -17.24 31.00
C LYS F 57 -11.90 -17.81 30.14
N PRO F 58 -12.00 -19.05 29.68
CA PRO F 58 -10.98 -19.59 28.78
C PRO F 58 -10.68 -18.70 27.58
N ILE F 59 -9.44 -18.78 27.14
CA ILE F 59 -9.00 -18.33 25.84
C ILE F 59 -8.73 -19.57 24.98
N HIS F 60 -9.12 -19.52 23.70
CA HIS F 60 -8.75 -20.54 22.71
C HIS F 60 -7.70 -19.96 21.76
N MET F 61 -6.55 -20.64 21.67
CA MET F 61 -5.42 -20.27 20.83
C MET F 61 -5.26 -21.30 19.70
N TYR F 62 -5.37 -20.84 18.44
CA TYR F 62 -5.25 -21.72 17.26
C TYR F 62 -3.85 -21.68 16.68
N ILE F 63 -3.16 -22.82 16.66
CA ILE F 63 -1.79 -22.91 16.15
C ILE F 63 -1.78 -23.69 14.84
N ASN F 64 -1.51 -23.00 13.73
CA ASN F 64 -1.03 -23.65 12.50
C ASN F 64 0.31 -23.00 12.16
N SER F 65 1.41 -23.67 12.50
CA SER F 65 2.70 -23.00 12.41
C SER F 65 3.91 -23.89 12.20
N PRO F 66 4.86 -23.45 11.39
CA PRO F 66 6.11 -24.19 11.17
C PRO F 66 7.25 -23.80 12.10
N GLY F 67 7.02 -22.93 13.07
CA GLY F 67 8.08 -22.51 13.97
C GLY F 67 8.36 -21.02 13.89
N GLY F 68 9.57 -20.60 14.25
CA GLY F 68 9.88 -19.19 14.31
C GLY F 68 11.09 -18.89 15.16
N VAL F 69 11.32 -17.59 15.32
CA VAL F 69 12.32 -17.05 16.24
C VAL F 69 12.09 -17.60 17.63
N VAL F 70 13.15 -18.08 18.26
CA VAL F 70 12.96 -18.76 19.52
C VAL F 70 12.59 -17.77 20.62
N THR F 71 13.40 -16.72 20.79
CA THR F 71 13.11 -15.79 21.88
C THR F 71 11.78 -15.11 21.67
N ALA F 72 11.36 -14.95 20.40
CA ALA F 72 9.99 -14.46 20.11
C ALA F 72 8.93 -15.50 20.44
N GLY F 73 9.22 -16.78 20.17
CA GLY F 73 8.32 -17.83 20.61
C GLY F 73 8.21 -17.91 22.12
N LEU F 74 9.32 -17.68 22.85
CA LEU F 74 9.28 -17.80 24.30
C LEU F 74 8.47 -16.66 24.94
N ALA F 75 8.46 -15.50 24.30
CA ALA F 75 7.65 -14.40 24.80
C ALA F 75 6.17 -14.78 24.79
N ILE F 76 5.74 -15.47 23.73
CA ILE F 76 4.38 -16.00 23.72
C ILE F 76 4.18 -17.01 24.85
N TYR F 77 5.08 -18.00 24.98
CA TYR F 77 4.94 -19.03 26.01
C TYR F 77 4.82 -18.40 27.40
N ASP F 78 5.70 -17.44 27.70
CA ASP F 78 5.70 -16.81 29.02
C ASP F 78 4.42 -16.01 29.29
N THR F 79 3.88 -15.33 28.26
CA THR F 79 2.60 -14.65 28.42
C THR F 79 1.45 -15.63 28.61
N MET F 80 1.49 -16.78 27.93
CA MET F 80 0.57 -17.86 28.31
C MET F 80 0.67 -18.17 29.80
N GLN F 81 1.88 -18.41 30.31
CA GLN F 81 2.00 -18.83 31.70
C GLN F 81 1.63 -17.71 32.67
N TYR F 82 1.92 -16.45 32.30
CA TYR F 82 1.56 -15.32 33.14
C TYR F 82 0.05 -15.24 33.37
N ILE F 83 -0.73 -15.16 32.27
CA ILE F 83 -2.10 -14.72 32.43
C ILE F 83 -2.89 -15.72 33.24
N LEU F 84 -4.05 -15.27 33.69
CA LEU F 84 -4.85 -16.03 34.63
C LEU F 84 -5.81 -16.97 33.94
N ASN F 85 -5.91 -16.91 32.65
CA ASN F 85 -7.04 -17.62 32.07
C ASN F 85 -6.64 -19.04 31.74
N PRO F 86 -7.59 -19.96 31.83
CA PRO F 86 -7.42 -21.25 31.15
C PRO F 86 -7.22 -20.97 29.66
N ILE F 87 -6.26 -21.67 29.06
CA ILE F 87 -5.97 -21.56 27.64
C ILE F 87 -6.12 -22.93 27.02
N CYS F 88 -7.08 -23.10 26.11
CA CYS F 88 -7.23 -24.35 25.35
CA CYS F 88 -7.19 -24.36 25.38
C CYS F 88 -6.57 -24.15 23.99
N THR F 89 -5.52 -24.96 23.70
CA THR F 89 -4.79 -24.91 22.45
C THR F 89 -5.35 -25.92 21.46
N TRP F 90 -5.20 -25.60 20.17
CA TRP F 90 -5.72 -26.41 19.08
C TRP F 90 -4.70 -26.42 17.94
N CYS F 91 -4.26 -27.60 17.56
CA CYS F 91 -3.33 -27.73 16.43
C CYS F 91 -4.10 -28.07 15.15
N VAL F 92 -4.10 -27.14 14.21
CA VAL F 92 -4.63 -27.36 12.87
C VAL F 92 -3.49 -27.18 11.88
N GLY F 93 -3.48 -28.02 10.83
CA GLY F 93 -2.36 -28.00 9.89
C GLY F 93 -1.08 -28.59 10.46
N GLN F 94 -0.30 -27.80 11.19
CA GLN F 94 0.91 -28.33 11.80
C GLN F 94 1.32 -27.45 12.96
N ALA F 95 2.24 -27.97 13.78
CA ALA F 95 2.87 -27.21 14.86
C ALA F 95 4.27 -27.79 15.03
N ALA F 96 5.24 -27.16 14.37
CA ALA F 96 6.63 -27.60 14.41
C ALA F 96 7.46 -26.58 15.18
N SER F 97 8.39 -27.08 15.98
CA SER F 97 9.32 -26.27 16.78
C SER F 97 8.54 -25.38 17.73
N MET F 98 8.68 -24.05 17.67
CA MET F 98 8.03 -23.17 18.63
C MET F 98 6.51 -23.33 18.60
N GLY F 99 5.94 -23.62 17.44
CA GLY F 99 4.51 -23.88 17.38
C GLY F 99 4.10 -25.04 18.26
N SER F 100 4.83 -26.16 18.17
CA SER F 100 4.54 -27.31 19.04
C SER F 100 4.75 -26.98 20.50
N LEU F 101 5.64 -26.03 20.82
CA LEU F 101 5.89 -25.67 22.22
C LEU F 101 4.76 -24.81 22.78
N LEU F 102 4.25 -23.86 21.98
CA LEU F 102 3.02 -23.16 22.36
C LEU F 102 1.87 -24.14 22.56
N LEU F 103 1.64 -25.04 21.56
CA LEU F 103 0.63 -26.09 21.65
C LEU F 103 0.78 -26.90 22.94
N ALA F 104 1.98 -27.35 23.25
CA ALA F 104 2.16 -28.15 24.44
C ALA F 104 2.04 -27.33 25.72
N ALA F 105 2.00 -25.99 25.62
CA ALA F 105 1.97 -25.16 26.82
C ALA F 105 0.61 -24.53 27.07
N GLY F 106 -0.47 -25.17 26.58
CA GLY F 106 -1.80 -24.87 27.06
C GLY F 106 -2.09 -25.52 28.43
N THR F 107 -3.24 -25.22 29.01
CA THR F 107 -3.57 -25.78 30.30
C THR F 107 -3.61 -27.30 30.20
N PRO F 108 -3.12 -28.02 31.21
CA PRO F 108 -3.30 -29.48 31.22
C PRO F 108 -4.71 -29.89 30.85
N GLY F 109 -4.83 -30.88 29.96
CA GLY F 109 -6.11 -31.42 29.56
C GLY F 109 -6.88 -30.55 28.59
N MET F 110 -6.46 -29.29 28.34
CA MET F 110 -7.06 -28.54 27.24
C MET F 110 -6.15 -28.31 26.03
N ARG F 111 -5.43 -29.35 25.62
CA ARG F 111 -4.52 -29.30 24.49
C ARG F 111 -5.05 -30.25 23.43
N HIS F 112 -5.41 -29.70 22.26
CA HIS F 112 -6.14 -30.46 21.24
C HIS F 112 -5.43 -30.44 19.89
N SER F 113 -5.64 -31.49 19.08
CA SER F 113 -5.35 -31.39 17.65
C SER F 113 -6.50 -31.94 16.85
N LEU F 114 -6.70 -31.40 15.66
CA LEU F 114 -7.56 -32.07 14.69
C LEU F 114 -6.82 -33.26 14.07
N PRO F 115 -7.54 -34.19 13.43
CA PRO F 115 -6.95 -35.53 13.25
C PRO F 115 -5.73 -35.56 12.36
N ASN F 116 -5.66 -34.74 11.31
CA ASN F 116 -4.60 -34.85 10.32
C ASN F 116 -3.37 -33.99 10.61
N SER F 117 -3.35 -33.23 11.70
CA SER F 117 -2.21 -32.37 11.99
C SER F 117 -0.90 -33.15 12.06
N ARG F 118 0.22 -32.46 11.77
CA ARG F 118 1.57 -32.99 11.92
C ARG F 118 2.29 -32.17 12.99
N ILE F 119 2.93 -32.83 13.95
CA ILE F 119 3.54 -32.14 15.09
C ILE F 119 5.04 -32.42 15.09
N MET F 120 5.85 -31.39 15.26
CA MET F 120 7.29 -31.60 15.36
C MET F 120 7.85 -30.83 16.55
N ILE F 121 8.63 -31.53 17.39
CA ILE F 121 9.41 -30.90 18.46
C ILE F 121 10.88 -30.78 18.12
N HIS F 122 11.33 -31.48 17.10
CA HIS F 122 12.64 -31.23 16.52
C HIS F 122 12.78 -29.77 16.09
N GLN F 123 13.98 -29.17 16.34
CA GLN F 123 14.21 -27.77 15.95
C GLN F 123 15.02 -27.73 14.66
N PRO F 124 14.50 -27.22 13.53
CA PRO F 124 15.30 -26.78 12.38
C PRO F 124 16.61 -26.05 12.71
N ALA F 136 22.33 -13.74 14.96
CA ALA F 136 23.62 -14.41 15.02
C ALA F 136 24.11 -14.43 16.45
N ILE F 137 24.33 -15.61 17.05
CA ILE F 137 24.71 -15.67 18.45
C ILE F 137 25.77 -16.75 18.72
N GLN F 138 26.56 -16.52 19.76
CA GLN F 138 27.62 -17.43 20.19
C GLN F 138 27.09 -18.85 20.40
N ALA F 139 27.96 -19.84 20.26
CA ALA F 139 27.52 -21.23 20.39
C ALA F 139 26.99 -21.53 21.79
N GLU F 140 27.52 -20.87 22.83
CA GLU F 140 27.05 -21.16 24.19
C GLU F 140 25.64 -20.65 24.42
N GLU F 141 25.28 -19.53 23.79
CA GLU F 141 23.91 -19.03 23.89
C GLU F 141 22.91 -19.94 23.16
N ILE F 142 23.30 -20.54 22.04
CA ILE F 142 22.38 -21.45 21.37
C ILE F 142 22.13 -22.67 22.24
N MET F 143 23.14 -23.12 22.99
CA MET F 143 22.89 -24.27 23.84
C MET F 143 22.09 -23.86 25.07
N LYS F 144 22.41 -22.71 25.67
CA LYS F 144 21.54 -22.13 26.69
C LYS F 144 20.10 -22.17 26.24
N LEU F 145 19.83 -21.60 25.05
CA LEU F 145 18.47 -21.56 24.52
C LEU F 145 17.92 -22.96 24.28
N LYS F 146 18.72 -23.85 23.68
CA LYS F 146 18.22 -25.19 23.40
C LYS F 146 17.86 -25.91 24.69
N LYS F 147 18.58 -25.62 25.80
CA LYS F 147 18.26 -26.22 27.09
C LYS F 147 16.94 -25.66 27.68
N GLN F 148 16.68 -24.36 27.51
CA GLN F 148 15.37 -23.82 27.87
C GLN F 148 14.24 -24.56 27.14
N LEU F 149 14.50 -24.97 25.91
CA LEU F 149 13.48 -25.70 25.20
C LEU F 149 13.29 -27.07 25.80
N TYR F 150 14.39 -27.75 26.13
CA TYR F 150 14.28 -29.02 26.82
C TYR F 150 13.48 -28.87 28.10
N ASN F 151 13.78 -27.84 28.90
CA ASN F 151 13.13 -27.69 30.20
C ASN F 151 11.65 -27.45 30.06
N ILE F 152 11.24 -26.68 29.05
CA ILE F 152 9.81 -26.44 28.83
C ILE F 152 9.11 -27.70 28.37
N TYR F 153 9.63 -28.37 27.36
CA TYR F 153 9.00 -29.62 26.91
C TYR F 153 8.96 -30.65 28.02
N ALA F 154 10.05 -30.77 28.78
CA ALA F 154 10.08 -31.69 29.92
C ALA F 154 8.90 -31.43 30.87
N LYS F 155 8.79 -30.19 31.35
CA LYS F 155 7.71 -29.71 32.20
C LYS F 155 6.34 -30.19 31.77
N HIS F 156 5.88 -29.73 30.58
CA HIS F 156 4.48 -29.87 30.17
C HIS F 156 4.15 -31.23 29.58
N THR F 157 5.10 -31.87 28.87
CA THR F 157 4.87 -33.23 28.44
C THR F 157 5.08 -34.21 29.59
N LYS F 158 5.61 -33.74 30.71
CA LYS F 158 5.90 -34.57 31.89
C LYS F 158 6.91 -35.66 31.55
N GLN F 159 7.80 -35.41 30.59
CA GLN F 159 8.80 -36.37 30.17
C GLN F 159 10.14 -35.98 30.76
N SER F 160 11.04 -36.96 30.83
CA SER F 160 12.36 -36.72 31.40
C SER F 160 13.17 -35.83 30.46
N LEU F 161 14.14 -35.10 31.04
CA LEU F 161 15.01 -34.29 30.18
C LEU F 161 15.64 -35.17 29.10
N GLN F 162 16.34 -36.24 29.49
CA GLN F 162 17.06 -37.02 28.48
C GLN F 162 16.12 -37.55 27.40
N VAL F 163 14.87 -37.86 27.75
CA VAL F 163 13.96 -38.36 26.73
C VAL F 163 13.59 -37.26 25.74
N ILE F 164 13.45 -36.02 26.24
CA ILE F 164 13.16 -34.89 25.36
C ILE F 164 14.32 -34.66 24.40
N GLU F 165 15.55 -34.56 24.95
CA GLU F 165 16.73 -34.33 24.11
C GLU F 165 16.86 -35.41 23.04
N SER F 166 16.65 -36.67 23.41
CA SER F 166 16.66 -37.73 22.41
C SER F 166 15.64 -37.45 21.32
N ALA F 167 14.37 -37.28 21.70
CA ALA F 167 13.28 -37.08 20.74
C ALA F 167 13.56 -35.93 19.79
N MET F 168 14.15 -34.85 20.30
CA MET F 168 14.34 -33.65 19.52
C MET F 168 15.46 -33.79 18.50
N GLU F 169 16.21 -34.88 18.57
CA GLU F 169 17.29 -35.20 17.66
C GLU F 169 16.80 -35.86 16.38
N ARG F 170 15.62 -36.48 16.43
CA ARG F 170 15.02 -37.11 15.27
C ARG F 170 14.27 -36.09 14.42
N ASP F 171 14.68 -35.97 13.16
CA ASP F 171 14.10 -35.09 12.13
C ASP F 171 12.83 -35.70 11.53
N ARG F 172 11.77 -35.72 12.33
CA ARG F 172 10.52 -36.34 11.91
C ARG F 172 9.34 -35.61 12.55
N TYR F 173 8.14 -35.86 12.02
CA TYR F 173 6.87 -35.38 12.58
C TYR F 173 6.14 -36.51 13.33
N MET F 174 5.32 -36.13 14.31
CA MET F 174 4.41 -37.07 14.96
C MET F 174 3.00 -36.92 14.44
N SER F 175 2.24 -38.01 14.56
CA SER F 175 0.81 -37.97 14.38
C SER F 175 0.20 -37.35 15.62
N PRO F 176 -1.01 -36.78 15.53
CA PRO F 176 -1.64 -36.26 16.75
C PRO F 176 -1.82 -37.35 17.80
N MET F 177 -1.83 -38.63 17.39
CA MET F 177 -1.93 -39.68 18.39
C MET F 177 -0.60 -40.03 19.04
N GLU F 178 0.53 -39.97 18.33
CA GLU F 178 1.80 -40.13 19.07
C GLU F 178 2.05 -38.93 19.99
N ALA F 179 1.66 -37.72 19.58
CA ALA F 179 1.97 -36.55 20.40
C ALA F 179 1.07 -36.49 21.62
N GLN F 180 -0.19 -36.89 21.47
CA GLN F 180 -0.99 -37.23 22.64
C GLN F 180 -0.21 -38.18 23.54
N GLU F 181 0.22 -39.31 22.98
CA GLU F 181 0.95 -40.33 23.73
C GLU F 181 2.25 -39.81 24.33
N PHE F 182 2.90 -38.84 23.67
CA PHE F 182 4.21 -38.38 24.15
C PHE F 182 4.11 -37.34 25.28
N GLY F 183 2.98 -36.62 25.39
CA GLY F 183 2.87 -35.54 26.35
C GLY F 183 2.42 -34.22 25.75
N ILE F 184 2.46 -34.12 24.42
CA ILE F 184 2.29 -32.84 23.75
C ILE F 184 0.83 -32.39 23.73
N LEU F 185 -0.12 -33.31 23.64
CA LEU F 185 -1.51 -32.90 23.70
C LEU F 185 -2.32 -33.92 24.47
N ASP F 186 -3.57 -33.56 24.73
CA ASP F 186 -4.47 -34.35 25.57
C ASP F 186 -5.51 -35.06 24.74
N LYS F 187 -6.26 -34.35 23.91
CA LYS F 187 -7.32 -34.96 23.14
C LYS F 187 -7.12 -34.71 21.63
N VAL F 188 -7.37 -35.74 20.81
CA VAL F 188 -7.56 -35.59 19.36
C VAL F 188 -9.06 -35.62 19.09
N LEU F 189 -9.61 -34.55 18.52
CA LEU F 189 -11.02 -34.50 18.21
C LEU F 189 -11.24 -34.51 16.70
N VAL F 190 -12.38 -35.08 16.29
CA VAL F 190 -12.79 -35.11 14.89
C VAL F 190 -14.02 -34.25 14.64
N HIS F 191 -14.99 -34.29 15.55
CA HIS F 191 -16.25 -33.57 15.54
C HIS F 191 -16.40 -32.99 16.94
N PRO F 192 -17.28 -31.99 17.13
CA PRO F 192 -17.34 -31.30 18.43
C PRO F 192 -18.11 -32.12 19.45
N PRO F 193 -17.61 -32.24 20.71
CA PRO F 193 -18.28 -33.12 21.70
C PRO F 193 -19.71 -32.71 22.01
N LEU G 2 -2.16 -7.28 9.54
CA LEU G 2 -3.58 -7.03 9.85
C LEU G 2 -3.77 -6.95 11.37
N ILE G 3 -4.47 -5.93 11.85
CA ILE G 3 -4.55 -5.71 13.30
C ILE G 3 -6.00 -5.64 13.73
N PRO G 4 -6.42 -6.44 14.72
CA PRO G 4 -7.83 -6.55 15.06
C PRO G 4 -8.35 -5.35 15.84
N ILE G 5 -9.69 -5.22 15.83
CA ILE G 5 -10.41 -4.17 16.55
C ILE G 5 -10.95 -4.74 17.85
N VAL G 6 -11.04 -3.90 18.90
CA VAL G 6 -11.62 -4.30 20.18
C VAL G 6 -12.68 -3.29 20.59
N VAL G 7 -13.49 -3.66 21.59
CA VAL G 7 -14.66 -2.85 21.92
C VAL G 7 -14.90 -2.64 23.43
N GLU G 14 -19.81 3.53 24.09
CA GLU G 14 -18.84 2.46 23.81
C GLU G 14 -18.25 2.60 22.42
N ARG G 15 -16.96 2.93 22.33
CA ARG G 15 -16.27 3.08 21.06
C ARG G 15 -15.23 1.97 20.90
N ALA G 16 -14.53 1.97 19.77
CA ALA G 16 -13.72 0.83 19.36
C ALA G 16 -12.35 1.28 18.85
N TYR G 17 -11.27 0.79 19.50
CA TYR G 17 -9.91 1.01 19.04
C TYR G 17 -9.31 -0.29 18.53
N ASP G 18 -8.36 -0.17 17.60
CA ASP G 18 -7.47 -1.29 17.30
C ASP G 18 -6.71 -1.67 18.58
N ILE G 19 -6.25 -2.93 18.61
CA ILE G 19 -5.67 -3.44 19.86
C ILE G 19 -4.48 -2.58 20.31
N TYR G 20 -3.68 -2.04 19.36
CA TYR G 20 -2.52 -1.26 19.76
C TYR G 20 -2.95 0.05 20.36
N SER G 21 -3.94 0.69 19.76
CA SER G 21 -4.51 1.88 20.36
C SER G 21 -5.05 1.57 21.74
N ARG G 22 -5.58 0.35 21.94
CA ARG G 22 -6.10 -0.02 23.24
C ARG G 22 -4.97 -0.27 24.25
N LEU G 23 -3.81 -0.77 23.80
CA LEU G 23 -2.68 -0.90 24.72
C LEU G 23 -2.27 0.47 25.24
N LEU G 24 -2.41 1.49 24.40
CA LEU G 24 -2.09 2.85 24.83
C LEU G 24 -3.07 3.37 25.86
N ARG G 25 -4.35 2.96 25.79
CA ARG G 25 -5.29 3.40 26.80
C ARG G 25 -4.97 2.81 28.17
N GLU G 26 -4.30 1.65 28.20
CA GLU G 26 -3.75 1.01 29.39
C GLU G 26 -2.49 1.69 29.92
N ARG G 27 -2.04 2.79 29.28
CA ARG G 27 -0.76 3.42 29.57
C ARG G 27 0.42 2.48 29.29
N ILE G 28 0.34 1.75 28.18
CA ILE G 28 1.36 0.75 27.83
C ILE G 28 1.98 1.15 26.52
N VAL G 29 3.31 1.28 26.53
CA VAL G 29 4.11 1.66 25.38
C VAL G 29 4.94 0.45 25.00
N CYS G 30 4.75 -0.06 23.79
CA CYS G 30 5.52 -1.19 23.27
C CYS G 30 6.80 -0.67 22.63
N VAL G 31 7.91 -1.29 22.95
CA VAL G 31 9.16 -1.05 22.24
C VAL G 31 9.56 -2.40 21.67
N MET G 32 9.11 -2.67 20.44
CA MET G 32 9.27 -3.97 19.81
C MET G 32 10.27 -3.90 18.65
N GLY G 33 11.22 -4.80 18.64
CA GLY G 33 12.07 -4.91 17.48
C GLY G 33 13.18 -3.89 17.46
N PRO G 34 13.84 -3.73 16.32
CA PRO G 34 15.01 -2.87 16.26
C PRO G 34 14.62 -1.41 16.39
N ILE G 35 15.46 -0.66 17.08
CA ILE G 35 15.17 0.71 17.46
C ILE G 35 15.81 1.63 16.43
N ASP G 36 14.97 2.41 15.73
CA ASP G 36 15.49 3.47 14.88
C ASP G 36 14.82 4.79 15.23
N ASP G 37 15.08 5.83 14.44
CA ASP G 37 14.62 7.16 14.82
C ASP G 37 13.10 7.24 14.75
N SER G 38 12.48 6.55 13.80
CA SER G 38 11.04 6.70 13.70
C SER G 38 10.30 5.92 14.78
N VAL G 39 10.86 4.78 15.22
CA VAL G 39 10.39 4.10 16.45
C VAL G 39 10.55 5.02 17.66
N ALA G 40 11.75 5.61 17.80
CA ALA G 40 11.97 6.57 18.88
C ALA G 40 10.94 7.71 18.81
N SER G 41 10.65 8.23 17.61
CA SER G 41 9.59 9.23 17.48
C SER G 41 8.28 8.70 18.03
N LEU G 42 7.92 7.47 17.67
CA LEU G 42 6.66 6.91 18.14
C LEU G 42 6.65 6.71 19.65
N VAL G 43 7.76 6.24 20.21
CA VAL G 43 7.78 5.98 21.65
C VAL G 43 7.74 7.28 22.44
N ILE G 44 8.55 8.26 22.03
CA ILE G 44 8.64 9.54 22.76
C ILE G 44 7.28 10.25 22.76
N ALA G 45 6.61 10.28 21.61
CA ALA G 45 5.27 10.84 21.53
C ALA G 45 4.33 10.20 22.53
N GLN G 46 4.36 8.87 22.65
CA GLN G 46 3.46 8.23 23.59
C GLN G 46 3.84 8.57 25.03
N LEU G 47 5.12 8.41 25.39
CA LEU G 47 5.58 8.84 26.71
C LEU G 47 5.09 10.25 27.02
N LEU G 48 5.38 11.21 26.13
CA LEU G 48 4.94 12.57 26.36
C LEU G 48 3.44 12.63 26.51
N PHE G 49 2.69 12.00 25.58
CA PHE G 49 1.24 12.07 25.68
C PHE G 49 0.74 11.43 26.99
N LEU G 50 1.27 10.24 27.34
CA LEU G 50 0.90 9.56 28.59
C LEU G 50 1.18 10.44 29.81
N GLN G 51 2.25 11.23 29.77
CA GLN G 51 2.50 12.14 30.89
C GLN G 51 1.52 13.31 30.88
N SER G 52 1.10 13.76 29.70
CA SER G 52 0.06 14.77 29.59
C SER G 52 -1.25 14.31 30.24
N GLU G 53 -1.46 13.00 30.35
CA GLU G 53 -2.73 12.40 30.78
C GLU G 53 -2.83 12.30 32.30
N SER G 54 -1.77 11.80 32.93
CA SER G 54 -1.43 12.01 34.32
C SER G 54 0.08 12.06 34.37
N ASN G 55 0.66 12.89 35.22
CA ASN G 55 2.11 12.82 35.43
C ASN G 55 2.42 12.09 36.74
N LYS G 56 1.44 11.42 37.30
CA LYS G 56 1.65 10.57 38.46
C LYS G 56 1.40 9.11 38.12
N LYS G 57 0.40 8.85 37.32
CA LYS G 57 0.03 7.48 37.00
C LYS G 57 1.19 6.82 36.27
N PRO G 58 1.59 5.60 36.66
CA PRO G 58 2.71 4.94 36.02
C PRO G 58 2.49 4.71 34.54
N ILE G 59 3.63 4.44 33.87
CA ILE G 59 3.75 4.06 32.46
C ILE G 59 4.45 2.70 32.40
N HIS G 60 3.98 1.86 31.48
CA HIS G 60 4.55 0.53 31.29
C HIS G 60 5.15 0.43 29.91
N MET G 61 6.40 -0.04 29.87
CA MET G 61 7.20 -0.14 28.66
C MET G 61 7.53 -1.62 28.46
N TYR G 62 6.90 -2.21 27.45
CA TYR G 62 7.12 -3.59 27.09
C TYR G 62 8.26 -3.61 26.09
N ILE G 63 9.42 -4.12 26.51
CA ILE G 63 10.61 -4.15 25.67
C ILE G 63 10.84 -5.59 25.21
N ASN G 64 10.74 -5.79 23.89
CA ASN G 64 11.21 -6.98 23.19
C ASN G 64 12.00 -6.47 22.00
N SER G 65 13.31 -6.26 22.19
CA SER G 65 14.14 -5.58 21.20
C SER G 65 15.53 -6.19 21.13
N PRO G 66 16.13 -6.23 19.94
CA PRO G 66 17.55 -6.59 19.80
C PRO G 66 18.53 -5.43 19.85
N GLY G 67 18.12 -4.21 20.19
CA GLY G 67 18.99 -3.06 20.05
C GLY G 67 18.58 -2.18 18.88
N GLY G 68 19.51 -1.34 18.45
CA GLY G 68 19.21 -0.44 17.34
C GLY G 68 20.17 0.74 17.26
N VAL G 69 19.69 1.80 16.63
CA VAL G 69 20.48 3.03 16.49
C VAL G 69 20.71 3.62 17.87
N VAL G 70 21.97 3.81 18.24
CA VAL G 70 22.31 4.29 19.58
C VAL G 70 21.61 5.60 19.90
N THR G 71 21.68 6.58 19.00
CA THR G 71 21.11 7.88 19.35
C THR G 71 19.60 7.82 19.38
N ALA G 72 18.98 6.98 18.55
CA ALA G 72 17.54 6.74 18.68
C ALA G 72 17.20 6.21 20.08
N GLY G 73 17.96 5.22 20.55
CA GLY G 73 17.75 4.71 21.89
C GLY G 73 18.04 5.74 22.96
N LEU G 74 19.11 6.54 22.80
CA LEU G 74 19.34 7.59 23.78
C LEU G 74 18.17 8.58 23.84
N ALA G 75 17.53 8.85 22.70
CA ALA G 75 16.43 9.81 22.72
C ALA G 75 15.27 9.29 23.54
N ILE G 76 15.13 7.95 23.61
CA ILE G 76 14.15 7.32 24.50
C ILE G 76 14.64 7.38 25.95
N TYR G 77 15.86 6.87 26.20
CA TYR G 77 16.42 6.95 27.54
C TYR G 77 16.27 8.35 28.12
N ASP G 78 16.71 9.37 27.35
CA ASP G 78 16.57 10.75 27.82
C ASP G 78 15.11 11.09 28.09
N THR G 79 14.22 10.71 27.19
CA THR G 79 12.82 11.08 27.39
C THR G 79 12.25 10.37 28.60
N MET G 80 12.62 9.10 28.81
CA MET G 80 12.23 8.42 30.04
C MET G 80 12.68 9.20 31.26
N GLN G 81 13.96 9.59 31.29
CA GLN G 81 14.44 10.40 32.39
C GLN G 81 13.66 11.70 32.52
N TYR G 82 13.27 12.32 31.40
CA TYR G 82 12.63 13.64 31.45
C TYR G 82 11.28 13.58 32.14
N ILE G 83 10.43 12.64 31.73
CA ILE G 83 9.10 12.61 32.28
C ILE G 83 9.14 12.25 33.76
N LEU G 84 8.07 12.64 34.46
CA LEU G 84 7.92 12.53 35.90
C LEU G 84 7.40 11.18 36.32
N ASN G 85 6.65 10.49 35.46
CA ASN G 85 5.90 9.32 35.88
C ASN G 85 6.84 8.24 36.39
N PRO G 86 6.41 7.47 37.37
CA PRO G 86 6.98 6.14 37.56
C PRO G 86 6.87 5.38 36.26
N ILE G 87 7.95 4.71 35.87
CA ILE G 87 8.02 3.99 34.62
C ILE G 87 8.32 2.53 34.93
N CYS G 88 7.33 1.65 34.69
CA CYS G 88 7.55 0.21 34.82
C CYS G 88 8.08 -0.30 33.50
N THR G 89 9.22 -0.98 33.53
CA THR G 89 9.79 -1.56 32.34
C THR G 89 9.70 -3.08 32.43
N TRP G 90 9.46 -3.71 31.27
CA TRP G 90 9.13 -5.12 31.17
C TRP G 90 9.93 -5.73 30.02
N CYS G 91 10.62 -6.84 30.30
CA CYS G 91 11.36 -7.53 29.27
C CYS G 91 10.65 -8.82 28.89
N VAL G 92 10.39 -8.98 27.59
CA VAL G 92 9.62 -10.07 27.00
C VAL G 92 10.46 -10.65 25.87
N GLY G 93 10.73 -11.95 25.91
CA GLY G 93 11.60 -12.52 24.89
C GLY G 93 13.05 -12.15 25.10
N GLN G 94 13.39 -10.88 24.85
CA GLN G 94 14.78 -10.44 25.01
C GLN G 94 14.87 -8.91 24.99
N ALA G 95 15.91 -8.38 25.65
CA ALA G 95 16.32 -6.99 25.50
C ALA G 95 17.84 -6.98 25.36
N ALA G 96 18.33 -6.63 24.17
CA ALA G 96 19.75 -6.66 23.85
C ALA G 96 20.21 -5.28 23.39
N SER G 97 21.47 -4.95 23.72
CA SER G 97 22.10 -3.69 23.31
C SER G 97 21.19 -2.55 23.76
N MET G 98 20.86 -1.57 22.90
CA MET G 98 20.07 -0.41 23.32
C MET G 98 18.82 -0.79 24.11
N GLY G 99 18.21 -1.94 23.79
CA GLY G 99 16.97 -2.34 24.45
C GLY G 99 17.15 -2.74 25.91
N SER G 100 18.35 -3.12 26.31
CA SER G 100 18.59 -3.39 27.70
C SER G 100 18.94 -2.13 28.46
N LEU G 101 19.65 -1.20 27.83
CA LEU G 101 19.76 0.13 28.41
C LEU G 101 18.38 0.66 28.80
N LEU G 102 17.40 0.62 27.89
CA LEU G 102 16.06 1.08 28.22
C LEU G 102 15.48 0.28 29.38
N LEU G 103 15.50 -1.05 29.26
CA LEU G 103 14.96 -1.91 30.32
C LEU G 103 15.50 -1.53 31.70
N ALA G 104 16.81 -1.30 31.82
CA ALA G 104 17.37 -0.94 33.11
C ALA G 104 17.15 0.52 33.47
N ALA G 105 16.56 1.32 32.60
CA ALA G 105 16.32 2.73 32.88
C ALA G 105 14.97 2.99 33.50
N GLY G 106 14.12 1.97 33.63
CA GLY G 106 12.86 2.12 34.33
C GLY G 106 13.06 2.48 35.79
N THR G 107 12.03 3.06 36.39
CA THR G 107 12.22 3.60 37.73
C THR G 107 12.52 2.47 38.72
N PRO G 108 13.37 2.71 39.71
CA PRO G 108 13.97 1.61 40.48
C PRO G 108 12.93 0.81 41.28
N GLY G 109 13.20 -0.49 41.43
CA GLY G 109 12.19 -1.38 41.94
C GLY G 109 11.05 -1.66 40.97
N MET G 110 11.15 -1.14 39.74
CA MET G 110 10.07 -1.31 38.77
C MET G 110 10.55 -1.88 37.43
N ARG G 111 11.71 -2.55 37.40
CA ARG G 111 12.20 -3.19 36.18
C ARG G 111 11.96 -4.69 36.27
N HIS G 112 11.24 -5.25 35.28
CA HIS G 112 10.82 -6.65 35.33
C HIS G 112 11.18 -7.41 34.06
N SER G 113 11.39 -8.73 34.23
CA SER G 113 11.48 -9.70 33.15
C SER G 113 10.48 -10.83 33.36
N LEU G 114 9.86 -11.26 32.27
CA LEU G 114 9.22 -12.55 32.28
C LEU G 114 10.29 -13.63 32.37
N PRO G 115 9.94 -14.85 32.82
CA PRO G 115 10.99 -15.78 33.27
C PRO G 115 11.99 -16.17 32.19
N ASN G 116 11.57 -16.44 30.94
CA ASN G 116 12.43 -17.09 29.95
C ASN G 116 13.19 -16.12 29.04
N SER G 117 13.22 -14.83 29.35
CA SER G 117 13.92 -13.87 28.51
C SER G 117 15.46 -14.06 28.57
N ARG G 118 16.10 -13.36 27.66
CA ARG G 118 17.54 -13.24 27.58
C ARG G 118 17.86 -11.75 27.59
N ILE G 119 18.92 -11.36 28.27
CA ILE G 119 19.29 -9.95 28.38
C ILE G 119 20.76 -9.80 28.02
N MET G 120 21.07 -8.81 27.18
CA MET G 120 22.45 -8.59 26.73
C MET G 120 22.81 -7.11 26.83
N ILE G 121 23.95 -6.81 27.45
CA ILE G 121 24.42 -5.43 27.50
C ILE G 121 25.56 -5.20 26.51
N HIS G 122 26.23 -6.26 26.06
CA HIS G 122 27.15 -6.23 24.93
C HIS G 122 26.57 -5.48 23.74
N GLN G 123 27.34 -4.51 23.24
CA GLN G 123 26.89 -3.85 22.02
C GLN G 123 27.37 -4.77 20.91
N PRO G 124 26.49 -5.32 20.10
CA PRO G 124 26.94 -6.21 19.02
C PRO G 124 27.53 -5.44 17.87
N SER G 125 28.66 -5.95 17.36
CA SER G 125 29.23 -5.42 16.08
C SER G 125 30.58 -6.10 15.80
N ALA G 136 27.40 7.01 9.82
CA ALA G 136 28.79 6.90 9.39
C ALA G 136 29.67 7.94 10.11
N ILE G 137 30.56 7.50 11.01
CA ILE G 137 31.18 8.41 11.99
C ILE G 137 32.62 8.01 12.27
N GLN G 138 33.35 8.90 12.95
CA GLN G 138 34.75 8.69 13.31
C GLN G 138 34.91 7.82 14.54
N ALA G 139 36.07 7.17 14.64
CA ALA G 139 36.34 6.26 15.75
C ALA G 139 36.39 6.99 17.08
N GLU G 140 36.71 8.28 17.09
CA GLU G 140 36.61 9.03 18.34
C GLU G 140 35.15 9.30 18.72
N GLU G 141 34.25 9.32 17.74
CA GLU G 141 32.85 9.55 18.08
C GLU G 141 32.18 8.27 18.56
N ILE G 142 32.36 7.15 17.84
CA ILE G 142 31.90 5.86 18.36
C ILE G 142 32.30 5.71 19.82
N MET G 143 33.58 5.90 20.11
CA MET G 143 34.07 5.70 21.47
C MET G 143 33.40 6.66 22.45
N LYS G 144 33.14 7.90 22.02
CA LYS G 144 32.37 8.81 22.86
C LYS G 144 31.00 8.22 23.18
N LEU G 145 30.37 7.58 22.18
CA LEU G 145 29.04 7.03 22.38
C LEU G 145 29.10 5.84 23.34
N LYS G 146 30.07 4.93 23.13
CA LYS G 146 30.22 3.82 24.05
C LYS G 146 30.36 4.33 25.48
N LYS G 147 31.19 5.37 25.66
CA LYS G 147 31.38 5.99 26.98
C LYS G 147 30.05 6.45 27.59
N GLN G 148 29.20 7.09 26.78
CA GLN G 148 27.86 7.44 27.24
C GLN G 148 27.04 6.23 27.70
N LEU G 149 27.24 5.07 27.08
CA LEU G 149 26.53 3.86 27.49
C LEU G 149 27.05 3.34 28.81
N TYR G 150 28.37 3.20 28.92
CA TYR G 150 29.09 2.93 30.15
C TYR G 150 28.54 3.71 31.32
N ASN G 151 28.29 5.00 31.12
CA ASN G 151 27.88 5.85 32.23
C ASN G 151 26.40 5.66 32.56
N ILE G 152 25.54 5.63 31.55
CA ILE G 152 24.16 5.27 31.80
C ILE G 152 24.09 3.95 32.56
N TYR G 153 24.75 2.91 32.03
CA TYR G 153 24.65 1.58 32.65
C TYR G 153 25.14 1.58 34.09
N ALA G 154 26.30 2.20 34.34
CA ALA G 154 26.79 2.28 35.71
C ALA G 154 25.81 3.04 36.61
N LYS G 155 25.26 4.15 36.12
CA LYS G 155 24.26 4.92 36.90
C LYS G 155 23.07 4.04 37.32
N HIS G 156 22.57 3.17 36.44
CA HIS G 156 21.34 2.48 36.78
C HIS G 156 21.54 1.06 37.32
N THR G 157 22.72 0.47 37.19
CA THR G 157 22.96 -0.83 37.81
C THR G 157 23.73 -0.71 39.12
N LYS G 158 24.11 0.49 39.52
CA LYS G 158 24.98 0.76 40.67
C LYS G 158 26.36 0.10 40.54
N GLN G 159 26.74 -0.35 39.34
CA GLN G 159 28.03 -0.98 39.14
C GLN G 159 29.07 0.06 38.77
N SER G 160 30.33 -0.29 38.98
CA SER G 160 31.40 0.61 38.60
C SER G 160 31.60 0.58 37.09
N LEU G 161 32.17 1.68 36.55
CA LEU G 161 32.58 1.69 35.14
C LEU G 161 33.46 0.50 34.82
N GLN G 162 34.41 0.18 35.69
CA GLN G 162 35.23 -1.01 35.45
C GLN G 162 34.36 -2.25 35.28
N VAL G 163 33.43 -2.48 36.20
CA VAL G 163 32.56 -3.64 36.05
C VAL G 163 31.74 -3.54 34.76
N ILE G 164 31.33 -2.32 34.39
CA ILE G 164 30.43 -2.16 33.25
C ILE G 164 31.17 -2.49 31.95
N GLU G 165 32.44 -2.10 31.85
CA GLU G 165 33.16 -2.26 30.59
C GLU G 165 33.60 -3.71 30.38
N SER G 166 34.14 -4.36 31.41
CA SER G 166 34.56 -5.73 31.17
C SER G 166 33.37 -6.61 30.87
N ALA G 167 32.22 -6.30 31.47
CA ALA G 167 31.00 -7.07 31.23
C ALA G 167 30.47 -6.84 29.82
N MET G 168 30.36 -5.57 29.40
CA MET G 168 29.92 -5.27 28.05
C MET G 168 30.82 -5.85 26.97
N GLU G 169 32.02 -6.28 27.34
CA GLU G 169 33.01 -6.87 26.45
C GLU G 169 32.77 -8.34 26.19
N ARG G 170 31.93 -9.02 26.99
CA ARG G 170 31.65 -10.44 26.74
C ARG G 170 30.40 -10.55 25.86
N ASP G 171 30.57 -11.18 24.70
CA ASP G 171 29.49 -11.43 23.77
C ASP G 171 28.57 -12.50 24.32
N ARG G 172 27.74 -12.17 25.31
CA ARG G 172 26.93 -13.20 25.95
C ARG G 172 25.62 -12.62 26.45
N TYR G 173 24.64 -13.52 26.61
CA TYR G 173 23.37 -13.21 27.26
C TYR G 173 23.37 -13.66 28.72
N MET G 174 22.54 -13.02 29.53
CA MET G 174 22.26 -13.43 30.89
C MET G 174 20.81 -13.84 31.04
N SER G 175 20.57 -14.77 31.95
CA SER G 175 19.21 -15.08 32.34
C SER G 175 18.61 -13.89 33.07
N PRO G 176 17.29 -13.82 33.19
CA PRO G 176 16.70 -12.73 33.99
C PRO G 176 17.19 -12.73 35.44
N MET G 177 17.65 -13.86 35.97
CA MET G 177 18.16 -13.82 37.34
C MET G 177 19.52 -13.14 37.39
N GLU G 178 20.47 -13.58 36.54
CA GLU G 178 21.76 -12.87 36.49
C GLU G 178 21.55 -11.41 36.18
N ALA G 179 20.58 -11.12 35.30
CA ALA G 179 20.24 -9.73 35.02
C ALA G 179 19.82 -9.00 36.29
N GLN G 180 18.92 -9.62 37.05
CA GLN G 180 18.45 -8.96 38.25
C GLN G 180 19.58 -8.78 39.25
N GLU G 181 20.50 -9.73 39.30
CA GLU G 181 21.62 -9.63 40.22
C GLU G 181 22.59 -8.53 39.81
N PHE G 182 22.87 -8.41 38.50
CA PHE G 182 23.80 -7.40 38.00
C PHE G 182 23.29 -5.98 38.20
N GLY G 183 21.98 -5.80 38.19
CA GLY G 183 21.44 -4.47 38.39
C GLY G 183 20.66 -3.99 37.20
N ILE G 184 20.40 -4.88 36.25
CA ILE G 184 19.51 -4.49 35.16
C ILE G 184 18.04 -4.56 35.58
N LEU G 185 17.66 -5.58 36.36
CA LEU G 185 16.30 -5.88 36.78
C LEU G 185 16.14 -5.77 38.29
N ASP G 186 14.89 -5.58 38.70
CA ASP G 186 14.44 -5.77 40.07
C ASP G 186 13.66 -7.06 40.24
N LYS G 187 12.62 -7.28 39.45
CA LYS G 187 11.81 -8.47 39.61
C LYS G 187 11.96 -9.40 38.42
N VAL G 188 11.72 -10.68 38.71
CA VAL G 188 11.37 -11.70 37.73
C VAL G 188 10.11 -12.38 38.24
N LEU G 189 9.21 -12.72 37.34
CA LEU G 189 7.93 -13.20 37.82
C LEU G 189 7.38 -14.21 36.85
N VAL G 190 6.60 -15.16 37.37
CA VAL G 190 5.89 -16.08 36.49
C VAL G 190 4.47 -15.60 36.12
N HIS G 191 3.76 -14.84 37.05
CA HIS G 191 2.37 -14.35 36.96
C HIS G 191 2.14 -13.05 37.75
N PRO G 192 0.90 -12.45 37.78
CA PRO G 192 0.84 -11.28 38.68
C PRO G 192 0.65 -11.69 40.16
C1 PJF H . 11.35 15.27 22.50
C10 PJF H . 6.64 20.18 25.41
C11 PJF H . 6.77 18.98 26.04
C12 PJF H . 8.14 18.46 26.39
C13 PJF H . 5.62 18.25 26.38
C14 PJF H . 3.16 18.09 26.61
C15 PJF H . 2.49 17.17 25.63
C16 PJF H . 3.22 16.43 24.72
C17 PJF H . 2.58 15.57 23.84
C18 PJF H . 1.20 15.46 23.89
C19 PJF H . 0.46 16.19 24.79
C2 PJF H . 11.25 15.61 23.87
C20 PJF H . 1.11 17.05 25.65
C21 PJF H . 4.29 19.98 25.42
C22 PJF H . 3.52 21.82 24.47
C23 PJF H . 5.00 22.06 24.76
C24 PJF H . 10.96 16.92 24.25
C3 PJF H . 11.34 14.60 24.85
C4 PJF H . 11.20 14.95 26.18
C5 PJF H . 10.95 16.26 26.53
C6 PJF H . 10.83 17.26 25.58
C7 PJF H . 10.54 18.68 26.02
C8 PJF H . 9.08 20.56 25.71
C9 PJF H . 7.83 21.00 24.98
N1 PJF H . 11.42 14.99 21.39
N2 PJF H . 9.20 19.12 25.63
N3 PJF H . 4.39 18.77 26.11
N4 PJF H . 3.17 20.50 25.03
N5 PJF H . 5.39 20.71 25.20
O1 PJF H . 5.73 17.17 26.97
CL1 PJF H . 0.39 14.39 22.80
C1 PJF I . 6.05 28.75 1.94
C10 PJF I . 0.02 33.13 2.63
C11 PJF I . 0.74 32.95 3.76
C12 PJF I . 2.22 33.20 3.81
C13 PJF I . 0.12 32.47 4.91
C14 PJF I . -1.93 32.11 6.26
C15 PJF I . -2.14 30.62 6.43
C16 PJF I . -1.25 29.73 5.85
C17 PJF I . -1.42 28.37 5.98
C18 PJF I . -2.48 27.90 6.71
C19 PJF I . -3.39 28.76 7.29
C2 PJF I . 5.97 29.97 2.69
C20 PJF I . -3.21 30.13 7.14
C21 PJF I . -1.97 32.58 3.81
C22 PJF I . -3.54 32.43 2.26
C23 PJF I . -2.31 33.02 1.55
C24 PJF I . 5.20 31.03 2.22
C3 PJF I . 6.65 30.09 3.88
C4 PJF I . 6.56 31.26 4.60
C5 PJF I . 5.77 32.30 4.15
C6 PJF I . 5.07 32.20 2.95
C7 PJF I . 4.23 33.35 2.45
C8 PJF I . 2.09 33.96 1.52
C9 PJF I . 0.66 33.51 1.32
N1 PJF I . 6.08 27.77 1.37
N2 PJF I . 2.79 33.08 2.47
N3 PJF I . -1.23 32.41 4.97
N4 PJF I . -3.24 32.39 3.71
N5 PJF I . -1.35 32.94 2.65
O1 PJF I . 0.81 32.11 5.87
CL1 PJF I . -2.70 26.19 6.86
C1 PJF J . -7.02 22.04 -18.48
C10 PJF J . -14.40 24.21 -18.09
C11 PJF J . -13.42 24.90 -17.45
C12 PJF J . -12.12 25.29 -18.14
C13 PJF J . -13.63 25.29 -16.12
C14 PJF J . -15.09 25.44 -14.11
C15 PJF J . -14.58 24.51 -13.03
C16 PJF J . -13.48 23.71 -13.25
C17 PJF J . -13.01 22.86 -12.26
C18 PJF J . -13.65 22.83 -11.03
C19 PJF J . -14.75 23.62 -10.78
C2 PJF J . -7.61 23.34 -18.68
C20 PJF J . -15.21 24.46 -11.79
C21 PJF J . -15.73 24.17 -16.16
C22 PJF J . -17.53 22.98 -16.71
C23 PJF J . -16.78 23.28 -18.03
C24 PJF J . -8.84 23.47 -19.30
C3 PJF J . -6.94 24.46 -18.22
C4 PJF J . -7.49 25.70 -18.42
C5 PJF J . -8.72 25.84 -19.03
C6 PJF J . -9.41 24.73 -19.48
C7 PJF J . -10.76 24.90 -20.16
C8 PJF J . -13.13 24.57 -20.20
C9 PJF J . -14.27 23.83 -19.54
N1 PJF J . -6.55 21.01 -18.28
N2 PJF J . -11.93 24.51 -19.36
N3 PJF J . -14.81 24.96 -15.48
N4 PJF J . -16.81 23.69 -15.62
N5 PJF J . -15.55 23.89 -17.47
O1 PJF J . -12.76 25.91 -15.50
CL1 PJF J . -13.05 21.76 -9.80
C1 PJF K . -18.43 -0.14 -23.14
C10 PJF K . -25.54 0.23 -21.32
C11 PJF K . -25.10 1.44 -21.73
C12 PJF K . -24.31 1.62 -23.01
C13 PJF K . -25.32 2.57 -20.94
C14 PJF K . -26.39 3.64 -18.99
C15 PJF K . -25.37 3.87 -17.89
C16 PJF K . -24.07 3.43 -18.02
C17 PJF K . -23.15 3.65 -17.03
C18 PJF K . -23.53 4.32 -15.89
C19 PJF K . -24.82 4.78 -15.73
C2 PJF K . -19.41 0.63 -23.85
C20 PJF K . -25.73 4.54 -16.74
C21 PJF K . -26.52 1.19 -19.41
C22 PJF K . -27.37 -0.50 -18.25
C23 PJF K . -26.83 -1.09 -19.55
C24 PJF K . -20.72 0.16 -23.94
C3 PJF K . -19.03 1.81 -24.45
C4 PJF K . -19.97 2.54 -25.15
C5 PJF K . -21.28 2.09 -25.24
C6 PJF K . -21.66 0.90 -24.65
C7 PJF K . -23.09 0.42 -24.76
C8 PJF K . -24.78 -0.71 -23.48
C9 PJF K . -25.27 -1.03 -22.08
N1 PJF K . -17.66 -0.73 -22.51
N2 PJF K . -23.77 0.34 -23.46
N3 PJF K . -26.06 2.45 -19.81
N4 PJF K . -27.20 0.96 -18.33
N5 PJF K . -26.26 0.11 -20.18
O1 PJF K . -24.81 3.65 -21.23
CL1 PJF K . -22.36 4.61 -14.63
C1 PJF L . -19.08 -20.53 -8.69
C10 PJF L . -25.57 -20.97 -4.67
C11 PJF L . -25.61 -20.28 -5.83
C12 PJF L . -25.02 -20.83 -7.11
C13 PJF L . -26.16 -19.00 -5.83
C14 PJF L . -27.44 -17.18 -4.72
C15 PJF L . -26.51 -16.02 -4.48
C16 PJF L . -25.15 -16.14 -4.73
C17 PJF L . -24.30 -15.08 -4.52
C18 PJF L . -24.80 -13.89 -4.07
C19 PJF L . -26.14 -13.75 -3.81
C2 PJF L . -20.41 -20.72 -9.18
C20 PJF L . -26.99 -14.81 -4.03
C21 PJF L . -26.57 -19.17 -3.51
C22 PJF L . -26.63 -19.75 -1.36
C23 PJF L . -26.10 -20.96 -2.15
C24 PJF L . -21.31 -21.47 -8.42
C3 PJF L . -20.81 -20.18 -10.40
C4 PJF L . -22.09 -20.41 -10.83
C5 PJF L . -22.98 -21.16 -10.07
C6 PJF L . -22.60 -21.69 -8.85
C7 PJF L . -23.55 -22.54 -8.04
C8 PJF L . -24.70 -22.91 -5.96
C9 PJF L . -24.99 -22.35 -4.59
N1 PJF L . -18.06 -20.27 -8.26
N2 PJF L . -24.07 -21.90 -6.81
N3 PJF L . -26.70 -18.48 -4.70
N4 PJF L . -26.94 -18.70 -2.35
N5 PJF L . -26.04 -20.41 -3.50
O1 PJF L . -26.17 -18.34 -6.87
CL1 PJF L . -23.71 -12.55 -3.82
C1 PJF M . -9.07 -24.43 14.02
C10 PJF M . -13.97 -22.79 19.37
C11 PJF M . -14.47 -23.27 18.20
C12 PJF M . -13.93 -24.54 17.56
C13 PJF M . -15.54 -22.63 17.59
C14 PJF M . -17.34 -20.89 17.69
C15 PJF M . -17.05 -19.72 16.78
C16 PJF M . -15.91 -19.71 15.98
C17 PJF M . -15.63 -18.66 15.14
C18 PJF M . -16.51 -17.61 15.09
C19 PJF M . -17.65 -17.58 15.86
C2 PJF M . -10.19 -25.22 14.45
C20 PJF M . -17.92 -18.64 16.71
C21 PJF M . -15.57 -21.07 19.40
C22 PJF M . -15.25 -19.97 21.30
C23 PJF M . -14.08 -20.97 21.15
C24 PJF M . -10.54 -25.27 15.79
C3 PJF M . -10.91 -25.94 13.51
C4 PJF M . -11.96 -26.71 13.92
C5 PJF M . -12.34 -26.76 15.25
C6 PJF M . -11.63 -26.04 16.21
C7 PJF M . -12.02 -26.12 17.67
C8 PJF M . -12.79 -24.93 19.65
C9 PJF M . -12.92 -23.52 20.14
N1 PJF M . -8.20 -23.77 13.66
N2 PJF M . -12.65 -24.89 18.19
N3 PJF M . -16.12 -21.55 18.22
N4 PJF M . -16.06 -20.08 20.07
N5 PJF M . -14.49 -21.66 19.93
O1 PJF M . -15.98 -23.04 16.50
CL1 PJF M . -16.17 -16.29 14.02
C1 PJF N . 4.44 -8.14 27.83
C10 PJF N . 0.35 -4.65 32.94
C11 PJF N . -0.07 -5.86 32.53
C12 PJF N . 0.87 -7.02 32.38
C13 PJF N . -1.41 -6.04 32.20
C14 PJF N . -3.75 -5.17 32.10
C15 PJF N . -4.13 -4.96 30.66
C16 PJF N . -3.17 -4.97 29.68
C17 PJF N . -3.49 -4.79 28.36
C18 PJF N . -4.80 -4.60 28.01
C19 PJF N . -5.79 -4.60 28.95
C2 PJF N . 3.86 -8.72 29.01
C20 PJF N . -5.45 -4.79 30.28
C21 PJF N . -1.76 -3.73 32.61
C22 PJF N . -1.50 -1.53 32.88
C23 PJF N . -0.15 -2.18 33.26
C24 PJF N . 3.78 -7.98 30.18
C3 PJF N . 3.45 -10.05 28.98
C4 PJF N . 2.94 -10.61 30.13
C5 PJF N . 2.85 -9.87 31.30
C6 PJF N . 3.27 -8.54 31.33
C7 PJF N . 3.17 -7.75 32.60
C8 PJF N . 2.47 -5.72 33.65
C9 PJF N . 1.76 -4.41 33.43
N1 PJF N . 4.76 -7.64 26.86
N2 PJF N . 2.26 -6.60 32.50
N3 PJF N . -2.28 -4.99 32.32
N4 PJF N . -2.45 -2.63 32.60
N5 PJF N . -0.46 -3.58 32.93
O1 PJF N . -1.81 -7.14 31.79
CL1 PJF N . -5.18 -4.36 26.32
#